data_4CN1
#
_entry.id   4CN1
#
_cell.length_a   113.520
_cell.length_b   113.520
_cell.length_c   313.600
_cell.angle_alpha   90.00
_cell.angle_beta   90.00
_cell.angle_gamma   90.00
#
_symmetry.space_group_name_H-M   'P 41 21 2'
#
loop_
_entity.id
_entity.type
_entity.pdbx_description
1 polymer 'ALPHA-1,4-GLUCAN\: MALTOSE-1-PHOSPHATE MALTOSYLTRANSFERASE 1'
2 branched alpha-D-glucopyranose-(1-4)-1-O-phosphono-alpha-D-glucopyranose
3 water water
#
_entity_poly.entity_id   1
_entity_poly.type   'polypeptide(L)'
_entity_poly.pdbx_seq_one_letter_code
;MGSSHHHHHHSSGLVPRGSHMPATHHSSATSAERPTVVGRIPVLDVRPVVQRGRRPAKAVTGESFEVSATVFREGHDAVG
ANVVLRDPRGRPGPWTPMRELAPGTDRWGATVTAGETGTWSYTVEAWGDPVTTWRHHARIKIPAGLDTDLVLEEGARLYE
RAAADVPGREDRRELLAAVDALRDESRPAASRLAAALTPQVDAVLARHPLRDLVTSSDPLPLLVERERALYGAWYEFFPR
SEGTPHTPHGTFRTAARRLPAIAAMGFDVVYLPPIHPIGTTHRKGRNNTLSATGDDVGVPWAIGSPEGGHDSIHPALGTL
DDFDHFVTEAGKLGLEIALDFALQCSPDHPWVHKHPEWFHHRPDGTIAHAENPPKKYQDIYPIAFDADPDGLATETVRIL
RHWMDHGVRIFRVANPHTKPVAFWERVIADINGTDPDVIFLAEAFTRPAMMATLAQIGFQQSYTYFTWRNTKQELTEYLT
ELSGEAASYMRPNFFANTPDILHAYLQHGGRPAFEVRAVLAATLSPTWGIYSGYELCENTPLREGSEEYLDSEKYQLKPR
DWTRAAREGTTIAPLVTRLNTIRRENPALRQLRDLHFHPTDKEEVIAYSKRQGSNTVLVVVNLDPRHTQEATVSLDMPQL
GLDWHESVPVRDELTGETYHWGRANYVRLEPGRTPAHVCTVLRPSHPQIGGSHTT
;
_entity_poly.pdbx_strand_id   A,B
#
# COMPACT_ATOMS: atom_id res chain seq x y z
N PRO A 35 -0.76 10.94 25.39
CA PRO A 35 0.06 11.19 24.20
C PRO A 35 -0.76 11.07 22.92
N THR A 36 -0.37 11.79 21.87
CA THR A 36 -1.05 11.70 20.58
C THR A 36 -0.22 10.91 19.57
N VAL A 37 -0.90 10.17 18.71
CA VAL A 37 -0.23 9.38 17.69
C VAL A 37 0.44 10.30 16.68
N VAL A 38 -0.15 11.47 16.44
CA VAL A 38 0.39 12.42 15.49
C VAL A 38 1.06 13.54 16.28
N GLY A 39 2.20 13.98 15.78
CA GLY A 39 2.96 15.01 16.45
C GLY A 39 2.61 16.38 15.93
N ARG A 40 3.39 17.37 16.35
CA ARG A 40 3.03 18.75 16.13
C ARG A 40 3.02 19.04 14.64
N ILE A 41 4.07 18.63 13.96
CA ILE A 41 4.12 18.68 12.52
C ILE A 41 4.02 17.23 12.03
N PRO A 42 2.88 16.89 11.37
CA PRO A 42 2.67 15.51 10.93
C PRO A 42 3.78 14.90 10.07
N VAL A 43 4.29 13.75 10.48
CA VAL A 43 5.18 13.00 9.65
C VAL A 43 4.68 11.58 9.71
N LEU A 44 4.21 11.09 8.58
CA LEU A 44 3.43 9.85 8.52
C LEU A 44 3.96 8.91 7.47
N ASP A 45 3.69 7.62 7.67
CA ASP A 45 3.87 6.60 6.63
C ASP A 45 5.28 6.69 6.03
N VAL A 46 6.28 6.65 6.90
CA VAL A 46 7.64 6.60 6.51
C VAL A 46 8.01 5.30 5.78
N ARG A 47 8.77 5.42 4.70
CA ARG A 47 9.18 4.27 3.94
C ARG A 47 10.66 4.37 3.66
N PRO A 48 11.31 3.22 3.43
CA PRO A 48 10.69 1.91 3.33
C PRO A 48 10.34 1.32 4.67
N VAL A 49 9.40 0.40 4.65
CA VAL A 49 8.99 -0.27 5.86
C VAL A 49 8.68 -1.71 5.48
N VAL A 50 8.94 -2.64 6.38
CA VAL A 50 8.76 -4.05 6.11
C VAL A 50 8.01 -4.64 7.29
N GLN A 51 6.86 -5.23 6.99
CA GLN A 51 6.09 -5.93 8.02
C GLN A 51 5.71 -4.95 9.15
N ARG A 52 5.37 -3.71 8.77
CA ARG A 52 5.01 -2.66 9.72
C ARG A 52 6.09 -2.28 10.73
N GLY A 53 7.35 -2.48 10.40
CA GLY A 53 8.47 -2.12 11.30
C GLY A 53 9.05 -3.27 12.15
N ARG A 54 8.48 -4.46 12.02
CA ARG A 54 8.90 -5.65 12.76
C ARG A 54 10.07 -6.43 12.14
N ARG A 55 10.41 -6.10 10.90
CA ARG A 55 11.54 -6.66 10.23
C ARG A 55 12.30 -5.50 9.59
N PRO A 56 13.60 -5.64 9.43
CA PRO A 56 14.29 -4.49 8.88
C PRO A 56 14.21 -4.39 7.35
N ALA A 57 14.23 -3.15 6.84
CA ALA A 57 14.54 -2.94 5.44
C ALA A 57 16.02 -3.24 5.22
N LYS A 58 16.41 -3.46 3.98
CA LYS A 58 17.78 -3.88 3.70
C LYS A 58 18.54 -2.90 2.81
N ALA A 59 19.85 -2.91 3.01
CA ALA A 59 20.80 -2.26 2.14
C ALA A 59 22.14 -3.00 2.17
N VAL A 60 23.08 -2.58 1.33
CA VAL A 60 24.45 -3.00 1.52
C VAL A 60 25.35 -1.76 1.64
N THR A 61 26.51 -1.95 2.23
CA THR A 61 27.57 -0.95 2.27
C THR A 61 27.73 -0.25 0.94
N GLY A 62 27.57 1.06 0.94
CA GLY A 62 27.71 1.84 -0.30
C GLY A 62 26.45 2.07 -1.13
N GLU A 63 25.34 1.43 -0.79
CA GLU A 63 24.14 1.53 -1.59
C GLU A 63 23.29 2.71 -1.17
N SER A 64 22.84 3.46 -2.16
CA SER A 64 21.91 4.56 -1.93
C SER A 64 20.46 4.14 -2.12
N PHE A 65 19.59 4.65 -1.27
CA PHE A 65 18.16 4.51 -1.50
C PHE A 65 17.39 5.66 -0.88
N GLU A 66 16.12 5.77 -1.27
CA GLU A 66 15.27 6.85 -0.83
C GLU A 66 14.49 6.52 0.44
N VAL A 67 14.63 7.38 1.43
CA VAL A 67 13.72 7.41 2.55
C VAL A 67 12.66 8.43 2.20
N SER A 68 11.41 8.12 2.49
CA SER A 68 10.33 9.05 2.15
C SER A 68 9.29 9.08 3.24
N ALA A 69 8.46 10.09 3.21
CA ALA A 69 7.44 10.27 4.22
C ALA A 69 6.37 11.20 3.70
N THR A 70 5.23 11.19 4.38
CA THR A 70 4.21 12.16 4.12
C THR A 70 4.29 13.25 5.18
N VAL A 71 4.56 14.48 4.76
CA VAL A 71 4.85 15.58 5.65
C VAL A 71 4.05 16.80 5.22
N PHE A 72 3.34 17.40 6.17
CA PHE A 72 2.51 18.57 5.91
C PHE A 72 2.20 19.26 7.23
N ARG A 73 1.54 20.41 7.20
CA ARG A 73 1.13 21.06 8.42
C ARG A 73 -0.16 21.78 8.24
N GLU A 74 -0.72 22.23 9.35
CA GLU A 74 -1.95 23.03 9.33
C GLU A 74 -1.64 24.44 8.88
N GLY A 75 -2.56 25.03 8.11
CA GLY A 75 -2.42 26.39 7.59
C GLY A 75 -1.64 26.35 6.30
N HIS A 76 -1.15 27.51 5.88
CA HIS A 76 -0.55 27.68 4.55
C HIS A 76 0.96 27.88 4.57
N ASP A 77 1.55 27.90 5.76
CA ASP A 77 2.97 28.12 5.87
C ASP A 77 3.76 26.88 5.46
N ALA A 78 5.05 27.07 5.19
CA ALA A 78 5.91 26.04 4.64
C ALA A 78 6.38 25.07 5.72
N VAL A 79 6.63 23.83 5.30
CA VAL A 79 7.29 22.84 6.11
C VAL A 79 8.56 22.42 5.43
N GLY A 80 9.47 21.89 6.22
CA GLY A 80 10.72 21.28 5.73
C GLY A 80 10.83 19.89 6.35
N ALA A 81 11.76 19.09 5.84
CA ALA A 81 12.06 17.81 6.48
C ALA A 81 13.45 17.30 6.15
N ASN A 82 13.91 16.33 6.95
CA ASN A 82 15.24 15.77 6.82
C ASN A 82 15.32 14.35 7.42
N VAL A 83 16.28 13.57 6.94
CA VAL A 83 16.43 12.18 7.36
C VAL A 83 17.60 12.08 8.33
N VAL A 84 17.36 11.50 9.50
CA VAL A 84 18.45 11.23 10.44
C VAL A 84 18.72 9.71 10.43
N LEU A 85 19.84 9.35 9.83
CA LEU A 85 20.25 7.98 9.72
C LEU A 85 21.29 7.70 10.82
N ARG A 86 21.02 6.69 11.64
CA ARG A 86 21.91 6.35 12.72
C ARG A 86 22.56 4.99 12.55
N ASP A 87 23.85 4.92 12.87
CA ASP A 87 24.63 3.71 12.72
C ASP A 87 24.50 2.82 13.97
N PRO A 88 25.15 1.65 13.96
CA PRO A 88 24.94 0.76 15.08
C PRO A 88 25.35 1.34 16.43
N ARG A 89 26.32 2.25 16.46
CA ARG A 89 26.68 2.90 17.72
C ARG A 89 25.78 4.10 18.06
N GLY A 90 24.81 4.41 17.18
CA GLY A 90 23.87 5.52 17.42
C GLY A 90 24.27 6.88 16.85
N ARG A 91 25.38 6.94 16.11
CA ARG A 91 25.88 8.21 15.56
C ARG A 91 25.11 8.64 14.34
N PRO A 92 24.61 9.89 14.34
CA PRO A 92 23.83 10.37 13.21
C PRO A 92 24.68 10.64 11.97
N GLY A 93 24.05 10.55 10.83
CA GLY A 93 24.72 10.82 9.57
C GLY A 93 24.72 12.29 9.28
N PRO A 94 25.19 12.65 8.09
CA PRO A 94 25.24 14.08 7.79
C PRO A 94 23.84 14.67 7.58
N TRP A 95 23.76 15.99 7.61
CA TRP A 95 22.52 16.73 7.34
C TRP A 95 21.95 16.29 5.99
N THR A 96 20.71 15.83 5.97
CA THR A 96 20.15 15.20 4.80
C THR A 96 18.72 15.70 4.58
N PRO A 97 18.59 16.87 3.96
CA PRO A 97 17.26 17.46 3.77
C PRO A 97 16.48 16.78 2.67
N MET A 98 15.15 16.85 2.80
CA MET A 98 14.22 16.23 1.85
C MET A 98 13.54 17.29 1.03
N ARG A 99 12.86 16.80 -0.01
CA ARG A 99 12.13 17.64 -0.96
CA ARG A 99 12.12 17.64 -0.96
C ARG A 99 10.79 16.96 -1.29
N GLU A 100 9.79 17.75 -1.63
CA GLU A 100 8.53 17.23 -2.04
C GLU A 100 8.78 16.59 -3.36
N LEU A 101 8.38 15.34 -3.49
CA LEU A 101 8.66 14.54 -4.71
C LEU A 101 7.75 14.82 -5.88
N ALA A 102 6.54 15.34 -5.65
CA ALA A 102 5.68 15.78 -6.75
C ALA A 102 4.71 16.83 -6.25
N PRO A 103 4.38 17.82 -7.07
CA PRO A 103 3.56 18.93 -6.50
C PRO A 103 2.18 18.48 -5.95
N GLY A 104 1.73 19.12 -4.88
CA GLY A 104 0.42 18.80 -4.27
C GLY A 104 0.26 17.46 -3.56
N THR A 105 1.33 16.66 -3.44
CA THR A 105 1.20 15.30 -2.89
C THR A 105 1.60 15.17 -1.42
N ASP A 106 2.33 16.14 -0.91
CA ASP A 106 2.85 16.11 0.45
C ASP A 106 3.70 14.90 0.73
N ARG A 107 4.27 14.30 -0.30
CA ARG A 107 5.17 13.15 -0.15
C ARG A 107 6.59 13.66 -0.32
N TRP A 108 7.40 13.46 0.69
CA TRP A 108 8.75 14.04 0.70
C TRP A 108 9.76 12.92 0.70
N GLY A 109 10.93 13.16 0.11
CA GLY A 109 12.00 12.16 0.16
C GLY A 109 13.42 12.69 0.07
N ALA A 110 14.37 11.82 0.36
CA ALA A 110 15.78 12.09 0.08
C ALA A 110 16.56 10.81 0.03
N THR A 111 17.73 10.88 -0.57
CA THR A 111 18.64 9.76 -0.70
C THR A 111 19.60 9.65 0.49
N VAL A 112 19.72 8.45 1.03
CA VAL A 112 20.71 8.17 2.05
C VAL A 112 21.63 7.09 1.53
N THR A 113 22.79 6.92 2.15
CA THR A 113 23.77 5.93 1.72
C THR A 113 24.28 5.20 2.94
N ALA A 114 24.17 3.88 2.90
CA ALA A 114 24.55 3.01 4.00
C ALA A 114 26.05 2.91 4.07
N GLY A 115 26.59 2.76 5.28
CA GLY A 115 28.04 2.66 5.49
C GLY A 115 28.44 1.27 5.99
N GLU A 116 29.10 1.20 7.14
CA GLU A 116 29.54 -0.07 7.70
C GLU A 116 28.36 -1.05 7.88
N THR A 117 28.67 -2.33 7.89
CA THR A 117 27.62 -3.33 8.10
C THR A 117 27.09 -3.29 9.53
N GLY A 118 25.84 -3.71 9.66
CA GLY A 118 25.23 -3.86 10.97
C GLY A 118 23.78 -3.39 10.96
N THR A 119 23.27 -3.07 12.14
CA THR A 119 21.91 -2.64 12.28
C THR A 119 21.86 -1.13 12.57
N TRP A 120 21.33 -0.41 11.60
CA TRP A 120 21.13 1.01 11.64
C TRP A 120 19.64 1.34 11.90
N SER A 121 19.33 2.62 12.08
CA SER A 121 17.94 3.06 12.12
C SER A 121 17.76 4.36 11.36
N TYR A 122 16.56 4.63 10.89
CA TYR A 122 16.32 5.94 10.31
C TYR A 122 15.10 6.60 10.89
N THR A 123 15.20 7.91 10.95
CA THR A 123 14.13 8.75 11.44
C THR A 123 13.91 9.85 10.40
N VAL A 124 12.65 10.26 10.22
CA VAL A 124 12.33 11.48 9.50
C VAL A 124 11.92 12.57 10.49
N GLU A 125 12.52 13.74 10.36
CA GLU A 125 12.18 14.91 11.15
C GLU A 125 11.49 15.91 10.24
N ALA A 126 10.36 16.43 10.71
CA ALA A 126 9.63 17.45 9.97
C ALA A 126 9.52 18.70 10.83
N TRP A 127 9.38 19.83 10.17
CA TRP A 127 9.38 21.08 10.87
C TRP A 127 8.74 22.19 10.05
N GLY A 128 8.31 23.24 10.75
CA GLY A 128 7.90 24.47 10.13
C GLY A 128 9.12 25.14 9.60
N ASP A 129 9.02 25.69 8.39
CA ASP A 129 10.13 26.40 7.74
C ASP A 129 9.75 27.85 7.63
N PRO A 130 9.84 28.57 8.75
CA PRO A 130 9.35 29.94 8.74
C PRO A 130 10.13 30.88 7.81
N VAL A 131 11.40 30.62 7.56
CA VAL A 131 12.18 31.48 6.66
C VAL A 131 11.70 31.43 5.21
N THR A 132 11.38 30.25 4.71
CA THR A 132 10.87 30.12 3.34
C THR A 132 9.52 30.83 3.20
N THR A 133 8.65 30.68 4.19
CA THR A 133 7.36 31.38 4.25
C THR A 133 7.55 32.88 4.23
N TRP A 134 8.50 33.35 5.02
CA TRP A 134 8.78 34.77 5.17
C TRP A 134 9.37 35.36 3.89
N ARG A 135 10.29 34.65 3.23
CA ARG A 135 10.83 35.15 1.95
C ARG A 135 9.72 35.26 0.93
N HIS A 136 8.98 34.18 0.73
CA HIS A 136 7.87 34.19 -0.22
C HIS A 136 7.01 35.44 -0.06
N HIS A 137 6.64 35.75 1.18
CA HIS A 137 5.76 36.89 1.45
C HIS A 137 6.49 38.21 1.20
N ALA A 138 7.71 38.32 1.73
CA ALA A 138 8.51 39.53 1.62
C ALA A 138 8.82 39.90 0.15
N ARG A 139 9.05 38.90 -0.68
CA ARG A 139 9.31 39.16 -2.10
C ARG A 139 8.10 39.82 -2.78
N ILE A 140 6.90 39.53 -2.30
CA ILE A 140 5.69 40.16 -2.82
C ILE A 140 5.40 41.51 -2.14
N LYS A 141 5.60 41.57 -0.83
CA LYS A 141 5.22 42.74 -0.03
C LYS A 141 6.15 43.97 -0.09
N ILE A 142 7.45 43.77 -0.16
CA ILE A 142 8.36 44.93 -0.24
C ILE A 142 8.19 45.73 -1.58
N PRO A 143 8.16 45.04 -2.74
CA PRO A 143 7.87 45.75 -4.00
C PRO A 143 6.51 46.45 -4.07
N ALA A 144 5.45 45.82 -3.58
CA ALA A 144 4.12 46.44 -3.57
C ALA A 144 3.97 47.54 -2.48
N GLY A 145 5.01 47.76 -1.67
CA GLY A 145 5.05 48.80 -0.63
C GLY A 145 4.26 48.52 0.65
N LEU A 146 3.83 47.28 0.87
CA LEU A 146 2.92 46.96 1.97
C LEU A 146 3.61 46.62 3.30
N ASP A 147 3.40 47.47 4.31
CA ASP A 147 3.82 47.21 5.71
C ASP A 147 5.32 46.96 5.85
N THR A 148 6.13 47.68 5.08
CA THR A 148 7.50 47.23 4.81
C THR A 148 8.35 47.08 6.07
N ASP A 149 8.20 48.02 7.00
CA ASP A 149 8.96 48.00 8.26
C ASP A 149 8.62 46.80 9.12
N LEU A 150 7.34 46.43 9.17
CA LEU A 150 6.90 45.24 9.92
C LEU A 150 7.48 43.97 9.31
N VAL A 151 7.41 43.86 7.99
CA VAL A 151 7.86 42.67 7.27
C VAL A 151 9.36 42.48 7.49
N LEU A 152 10.12 43.56 7.40
CA LEU A 152 11.56 43.47 7.53
C LEU A 152 11.97 43.17 8.97
N GLU A 153 11.28 43.76 9.93
CA GLU A 153 11.53 43.44 11.33
C GLU A 153 11.17 41.98 11.70
N GLU A 154 10.10 41.44 11.07
CA GLU A 154 9.73 40.04 11.29
C GLU A 154 10.80 39.11 10.75
N GLY A 155 11.38 39.44 9.61
CA GLY A 155 12.50 38.68 9.07
C GLY A 155 13.75 38.78 9.93
N ALA A 156 14.01 39.97 10.43
CA ALA A 156 15.16 40.18 11.32
C ALA A 156 15.11 39.29 12.58
N ARG A 157 13.91 39.14 13.16
CA ARG A 157 13.72 38.27 14.33
C ARG A 157 13.93 36.79 14.03
N LEU A 158 13.60 36.40 12.79
CA LEU A 158 13.83 35.03 12.32
C LEU A 158 15.34 34.80 12.20
N TYR A 159 16.00 35.68 11.46
CA TYR A 159 17.42 35.50 11.21
C TYR A 159 18.21 35.47 12.51
N GLU A 160 17.77 36.26 13.49
CA GLU A 160 18.38 36.27 14.84
C GLU A 160 18.20 34.93 15.56
N ARG A 161 16.98 34.38 15.50
CA ARG A 161 16.71 33.05 16.00
C ARG A 161 17.52 31.96 15.28
N ALA A 162 17.64 32.09 13.96
CA ALA A 162 18.44 31.16 13.14
C ALA A 162 19.91 31.18 13.56
N ALA A 163 20.43 32.39 13.70
CA ALA A 163 21.83 32.64 14.09
C ALA A 163 22.19 32.02 15.45
N ALA A 164 21.21 31.93 16.35
CA ALA A 164 21.43 31.47 17.73
C ALA A 164 21.76 29.97 17.83
N ASP A 165 21.30 29.21 16.84
CA ASP A 165 21.55 27.75 16.73
C ASP A 165 22.67 27.40 15.72
N VAL A 166 23.43 28.39 15.28
CA VAL A 166 24.56 28.17 14.36
C VAL A 166 25.83 28.03 15.21
N PRO A 167 26.50 26.85 15.17
CA PRO A 167 27.68 26.60 16.01
C PRO A 167 28.96 27.33 15.58
N GLY A 168 29.07 27.70 14.29
CA GLY A 168 30.25 28.40 13.76
C GLY A 168 30.19 29.93 13.82
N ARG A 169 31.27 30.54 14.33
CA ARG A 169 31.34 32.00 14.54
C ARG A 169 31.25 32.84 13.24
N GLU A 170 31.90 32.38 12.17
CA GLU A 170 31.85 33.07 10.86
C GLU A 170 30.43 32.98 10.25
N ASP A 171 29.77 31.84 10.43
CA ASP A 171 28.38 31.68 10.00
C ASP A 171 27.44 32.59 10.82
N ARG A 172 27.61 32.57 12.14
CA ARG A 172 26.85 33.47 13.03
C ARG A 172 27.00 34.93 12.56
N ARG A 173 28.24 35.41 12.39
CA ARG A 173 28.51 36.82 12.02
C ARG A 173 27.88 37.20 10.67
N GLU A 174 27.78 36.25 9.73
CA GLU A 174 27.14 36.49 8.42
C GLU A 174 25.60 36.71 8.51
N LEU A 175 24.95 35.92 9.36
CA LEU A 175 23.51 36.10 9.66
C LEU A 175 23.21 37.36 10.47
N LEU A 176 24.08 37.69 11.42
CA LEU A 176 23.89 38.88 12.25
C LEU A 176 24.05 40.16 11.42
N ALA A 177 24.87 40.12 10.37
CA ALA A 177 25.04 41.29 9.49
C ALA A 177 23.81 41.51 8.59
N ALA A 178 23.18 40.41 8.17
CA ALA A 178 21.89 40.47 7.48
C ALA A 178 20.78 41.00 8.41
N VAL A 179 20.81 40.62 9.68
CA VAL A 179 19.87 41.17 10.68
C VAL A 179 19.99 42.70 10.76
N ASP A 180 21.23 43.19 10.82
CA ASP A 180 21.51 44.62 10.95
C ASP A 180 21.09 45.39 9.73
N ALA A 181 21.28 44.81 8.54
CA ALA A 181 20.85 45.43 7.26
C ALA A 181 19.31 45.44 7.13
N LEU A 182 18.68 44.35 7.55
CA LEU A 182 17.22 44.30 7.61
C LEU A 182 16.64 45.36 8.54
N ARG A 183 17.29 45.61 9.68
CA ARG A 183 16.81 46.61 10.65
C ARG A 183 17.21 48.07 10.36
N ASP A 184 18.01 48.29 9.32
CA ASP A 184 18.54 49.63 9.02
C ASP A 184 17.52 50.51 8.28
N GLU A 185 16.72 51.24 9.05
CA GLU A 185 15.60 52.02 8.51
C GLU A 185 15.99 53.18 7.61
N SER A 186 17.28 53.52 7.58
CA SER A 186 17.76 54.57 6.67
C SER A 186 17.88 54.12 5.20
N ARG A 187 17.96 52.80 4.96
CA ARG A 187 18.13 52.26 3.60
C ARG A 187 16.80 51.99 2.98
N PRO A 188 16.75 51.98 1.63
CA PRO A 188 15.53 51.62 0.93
C PRO A 188 15.11 50.18 1.26
N ALA A 189 13.81 49.91 1.22
CA ALA A 189 13.28 48.61 1.61
C ALA A 189 13.86 47.46 0.78
N ALA A 190 14.03 47.67 -0.53
CA ALA A 190 14.44 46.62 -1.48
C ALA A 190 15.84 46.12 -1.20
N SER A 191 16.72 47.04 -0.77
CA SER A 191 18.11 46.72 -0.44
C SER A 191 18.27 46.15 0.98
N ARG A 192 17.37 46.52 1.90
CA ARG A 192 17.35 45.90 3.24
C ARG A 192 17.01 44.43 3.06
N LEU A 193 15.94 44.16 2.29
CA LEU A 193 15.52 42.81 1.86
C LEU A 193 16.60 42.03 1.08
N ALA A 194 17.15 42.62 0.03
CA ALA A 194 18.23 41.97 -0.77
C ALA A 194 19.44 41.48 0.07
N ALA A 195 19.75 42.18 1.17
CA ALA A 195 20.83 41.80 2.12
C ALA A 195 20.55 40.49 2.87
N ALA A 196 19.28 40.11 2.92
CA ALA A 196 18.84 38.84 3.53
C ALA A 196 18.69 37.66 2.53
N LEU A 197 18.88 37.91 1.23
CA LEU A 197 18.67 36.90 0.18
C LEU A 197 19.94 36.59 -0.63
N THR A 198 21.10 36.92 -0.06
CA THR A 198 22.35 36.77 -0.79
C THR A 198 22.76 35.31 -0.79
N PRO A 199 23.56 34.90 -1.79
CA PRO A 199 23.99 33.52 -1.80
C PRO A 199 24.80 33.09 -0.56
N GLN A 200 25.47 34.00 0.14
CA GLN A 200 26.25 33.59 1.32
C GLN A 200 25.37 33.38 2.55
N VAL A 201 24.22 34.06 2.59
CA VAL A 201 23.17 33.80 3.59
C VAL A 201 22.43 32.49 3.27
N ASP A 202 21.95 32.34 2.02
CA ASP A 202 21.32 31.10 1.54
C ASP A 202 22.08 29.87 2.05
N ALA A 203 23.40 29.90 1.93
CA ALA A 203 24.26 28.76 2.18
C ALA A 203 24.34 28.45 3.67
N VAL A 204 24.31 29.47 4.51
CA VAL A 204 24.26 29.26 5.97
C VAL A 204 22.91 28.60 6.39
N LEU A 205 21.81 29.06 5.81
CA LEU A 205 20.48 28.52 6.13
C LEU A 205 20.17 27.17 5.50
N ALA A 206 20.78 26.84 4.36
CA ALA A 206 20.65 25.50 3.80
C ALA A 206 21.49 24.52 4.63
N ARG A 207 22.57 24.99 5.27
CA ARG A 207 23.40 24.13 6.14
C ARG A 207 22.83 24.11 7.57
N HIS A 208 22.38 25.25 8.08
CA HIS A 208 21.78 25.31 9.42
C HIS A 208 20.44 26.06 9.40
N PRO A 209 19.38 25.38 8.93
CA PRO A 209 18.12 26.09 8.79
C PRO A 209 17.39 26.25 10.12
N LEU A 210 16.57 27.29 10.18
CA LEU A 210 15.75 27.54 11.33
C LEU A 210 14.53 26.66 11.21
N ARG A 211 14.39 25.78 12.18
CA ARG A 211 13.40 24.74 12.18
C ARG A 211 12.43 24.93 13.34
N ASP A 212 11.16 25.15 13.05
CA ASP A 212 10.13 25.21 14.07
C ASP A 212 9.46 23.87 14.34
N LEU A 213 9.14 23.64 15.61
CA LEU A 213 8.26 22.57 16.02
C LEU A 213 8.75 21.20 15.52
N VAL A 214 10.06 20.98 15.64
CA VAL A 214 10.70 19.79 15.13
C VAL A 214 9.98 18.56 15.68
N THR A 215 9.53 17.72 14.77
CA THR A 215 8.75 16.54 15.10
C THR A 215 9.39 15.37 14.39
N SER A 216 9.33 14.22 15.03
CA SER A 216 10.16 13.11 14.67
C SER A 216 9.32 11.89 14.56
N SER A 217 9.61 11.06 13.58
CA SER A 217 8.96 9.75 13.45
C SER A 217 9.59 8.79 14.45
N ASP A 218 8.93 7.68 14.71
CA ASP A 218 9.55 6.65 15.50
C ASP A 218 10.60 5.97 14.61
N PRO A 219 11.79 5.63 15.15
CA PRO A 219 12.83 5.02 14.32
C PRO A 219 12.37 3.75 13.62
N LEU A 220 12.89 3.51 12.41
CA LEU A 220 12.71 2.27 11.70
C LEU A 220 14.06 1.57 11.42
N PRO A 221 14.09 0.23 11.55
CA PRO A 221 15.37 -0.48 11.48
C PRO A 221 15.83 -0.70 10.05
N LEU A 222 17.14 -0.66 9.85
CA LEU A 222 17.78 -0.91 8.55
C LEU A 222 18.91 -1.89 8.79
N LEU A 223 18.94 -3.00 8.04
CA LEU A 223 20.01 -3.99 8.17
C LEU A 223 20.94 -3.81 6.99
N VAL A 224 22.19 -3.43 7.25
CA VAL A 224 23.18 -3.24 6.22
C VAL A 224 24.12 -4.44 6.19
N GLU A 225 24.33 -4.99 5.00
CA GLU A 225 25.16 -6.18 4.84
C GLU A 225 26.21 -5.91 3.77
N ARG A 226 27.11 -6.87 3.56
CA ARG A 226 28.26 -6.65 2.67
C ARG A 226 27.92 -6.54 1.18
N GLU A 227 28.83 -5.96 0.42
CA GLU A 227 28.65 -5.70 -1.00
C GLU A 227 28.06 -6.91 -1.74
N ARG A 228 28.64 -8.05 -1.45
CA ARG A 228 28.35 -9.27 -2.18
C ARG A 228 26.89 -9.75 -2.07
N ALA A 229 26.17 -9.29 -1.05
CA ALA A 229 24.76 -9.67 -0.94
C ALA A 229 23.90 -9.06 -2.04
N LEU A 230 24.28 -7.91 -2.54
CA LEU A 230 23.58 -7.29 -3.68
C LEU A 230 24.28 -7.49 -5.04
N TYR A 231 25.62 -7.49 -5.02
CA TYR A 231 26.44 -7.36 -6.24
C TYR A 231 27.41 -8.51 -6.37
N GLY A 232 27.28 -9.26 -7.45
CA GLY A 232 28.22 -10.32 -7.75
C GLY A 232 27.76 -11.11 -8.97
N ALA A 233 28.71 -11.83 -9.57
CA ALA A 233 28.38 -12.70 -10.68
C ALA A 233 28.69 -14.14 -10.30
N TRP A 234 27.74 -15.03 -10.58
CA TRP A 234 27.75 -16.40 -10.07
C TRP A 234 27.87 -17.42 -11.20
N TYR A 235 28.58 -18.52 -10.93
CA TYR A 235 28.77 -19.62 -11.91
C TYR A 235 28.53 -20.92 -11.20
N GLU A 236 27.57 -21.67 -11.72
CA GLU A 236 27.25 -22.97 -11.19
C GLU A 236 27.86 -24.06 -12.03
N PHE A 237 28.51 -25.02 -11.39
CA PHE A 237 29.02 -26.20 -12.06
C PHE A 237 29.21 -27.39 -11.14
N PHE A 238 29.14 -28.56 -11.75
CA PHE A 238 29.19 -29.85 -11.08
C PHE A 238 30.63 -30.37 -11.09
N PRO A 239 31.29 -30.35 -9.92
CA PRO A 239 32.67 -30.80 -9.85
C PRO A 239 32.89 -32.19 -10.44
N ARG A 240 31.93 -33.09 -10.22
CA ARG A 240 32.05 -34.47 -10.70
C ARG A 240 32.16 -34.61 -12.21
N SER A 241 31.68 -33.63 -12.97
CA SER A 241 31.75 -33.69 -14.41
C SER A 241 33.17 -33.39 -14.94
N GLU A 242 33.97 -32.68 -14.15
CA GLU A 242 35.33 -32.31 -14.58
C GLU A 242 36.36 -33.38 -14.15
N GLY A 243 36.31 -34.53 -14.80
CA GLY A 243 37.22 -35.65 -14.51
C GLY A 243 38.32 -35.84 -15.54
N THR A 244 38.77 -37.08 -15.72
CA THR A 244 39.87 -37.44 -16.63
C THR A 244 39.53 -38.72 -17.37
N PRO A 245 40.16 -38.94 -18.53
CA PRO A 245 39.98 -40.19 -19.26
C PRO A 245 39.98 -41.43 -18.38
N HIS A 246 40.99 -41.57 -17.51
CA HIS A 246 41.13 -42.77 -16.64
CA HIS A 246 41.13 -42.77 -16.68
C HIS A 246 40.15 -42.76 -15.47
N THR A 247 39.74 -41.56 -15.03
CA THR A 247 38.82 -41.39 -13.88
C THR A 247 37.73 -40.33 -14.19
N PRO A 248 36.63 -40.78 -14.83
CA PRO A 248 35.55 -39.91 -15.34
C PRO A 248 34.88 -39.03 -14.26
N HIS A 249 34.61 -39.64 -13.11
CA HIS A 249 34.10 -38.91 -11.98
C HIS A 249 35.20 -37.99 -11.42
N GLY A 250 35.00 -36.70 -11.59
CA GLY A 250 35.92 -35.70 -11.13
C GLY A 250 36.04 -35.69 -9.62
N THR A 251 37.14 -35.11 -9.14
CA THR A 251 37.39 -34.91 -7.71
C THR A 251 37.55 -33.43 -7.47
N PHE A 252 37.64 -33.04 -6.21
CA PHE A 252 37.87 -31.62 -5.91
C PHE A 252 39.17 -31.17 -6.52
N ARG A 253 40.16 -32.04 -6.55
CA ARG A 253 41.44 -31.68 -7.13
C ARG A 253 41.41 -31.52 -8.64
N THR A 254 40.65 -32.35 -9.35
CA THR A 254 40.58 -32.20 -10.79
C THR A 254 39.68 -31.04 -11.16
N ALA A 255 38.57 -30.88 -10.46
CA ALA A 255 37.70 -29.71 -10.65
C ALA A 255 38.35 -28.35 -10.32
N ALA A 256 39.33 -28.30 -9.45
CA ALA A 256 40.02 -27.02 -9.20
C ALA A 256 40.59 -26.42 -10.50
N ARG A 257 40.82 -27.24 -11.51
CA ARG A 257 41.48 -26.77 -12.73
C ARG A 257 40.54 -25.97 -13.60
N ARG A 258 39.25 -26.03 -13.27
CA ARG A 258 38.22 -25.31 -14.02
C ARG A 258 38.16 -23.88 -13.50
N LEU A 259 38.63 -23.68 -12.27
CA LEU A 259 38.50 -22.38 -11.59
C LEU A 259 39.19 -21.21 -12.29
N PRO A 260 40.39 -21.41 -12.81
CA PRO A 260 40.99 -20.24 -13.45
C PRO A 260 40.17 -19.72 -14.62
N ALA A 261 39.55 -20.62 -15.38
CA ALA A 261 38.72 -20.22 -16.53
C ALA A 261 37.49 -19.49 -16.01
N ILE A 262 36.97 -19.94 -14.88
CA ILE A 262 35.81 -19.29 -14.32
C ILE A 262 36.16 -17.88 -13.89
N ALA A 263 37.33 -17.71 -13.26
CA ALA A 263 37.73 -16.38 -12.77
C ALA A 263 38.08 -15.46 -13.93
N ALA A 264 38.62 -16.02 -15.00
CA ALA A 264 38.92 -15.27 -16.21
C ALA A 264 37.65 -14.75 -16.90
N MET A 265 36.52 -15.41 -16.66
CA MET A 265 35.26 -14.94 -17.16
C MET A 265 34.68 -13.80 -16.30
N GLY A 266 35.33 -13.49 -15.19
CA GLY A 266 34.89 -12.39 -14.34
C GLY A 266 33.86 -12.75 -13.29
N PHE A 267 33.75 -14.03 -12.92
CA PHE A 267 32.82 -14.45 -11.89
C PHE A 267 33.44 -14.22 -10.53
N ASP A 268 32.58 -14.09 -9.51
CA ASP A 268 32.97 -13.81 -8.14
C ASP A 268 32.57 -14.96 -7.18
N VAL A 269 31.53 -15.70 -7.55
CA VAL A 269 30.98 -16.78 -6.74
C VAL A 269 30.86 -18.07 -7.54
N VAL A 270 31.26 -19.17 -6.94
CA VAL A 270 31.11 -20.49 -7.54
C VAL A 270 30.05 -21.23 -6.77
N TYR A 271 28.96 -21.59 -7.42
CA TYR A 271 27.91 -22.34 -6.75
C TYR A 271 28.02 -23.82 -7.14
N LEU A 272 28.28 -24.65 -6.13
CA LEU A 272 28.39 -26.10 -6.27
C LEU A 272 27.12 -26.72 -5.81
N PRO A 273 26.56 -27.62 -6.63
CA PRO A 273 25.49 -28.47 -6.17
C PRO A 273 25.96 -29.35 -5.01
N PRO A 274 25.05 -30.06 -4.34
CA PRO A 274 25.41 -30.82 -3.15
C PRO A 274 26.63 -31.73 -3.33
N ILE A 275 27.55 -31.64 -2.38
CA ILE A 275 28.84 -32.32 -2.44
C ILE A 275 28.94 -33.54 -1.54
N HIS A 276 27.80 -34.02 -1.08
CA HIS A 276 27.76 -35.07 -0.07
C HIS A 276 27.58 -36.45 -0.67
N PRO A 277 27.68 -37.49 0.15
CA PRO A 277 27.39 -38.81 -0.42
C PRO A 277 25.96 -38.84 -0.97
N ILE A 278 25.72 -39.68 -1.97
CA ILE A 278 24.44 -39.78 -2.68
C ILE A 278 23.85 -41.15 -2.41
N GLY A 279 22.56 -41.22 -2.13
CA GLY A 279 21.94 -42.50 -1.76
C GLY A 279 21.85 -43.48 -2.90
N THR A 280 21.61 -44.76 -2.55
CA THR A 280 21.41 -45.85 -3.52
C THR A 280 19.94 -46.31 -3.69
N THR A 281 19.16 -46.28 -2.63
CA THR A 281 17.80 -46.76 -2.71
C THR A 281 17.01 -45.77 -3.53
N HIS A 282 16.33 -46.27 -4.56
CA HIS A 282 15.53 -45.46 -5.46
C HIS A 282 16.33 -44.42 -6.23
N ARG A 283 17.63 -44.65 -6.31
CA ARG A 283 18.50 -43.75 -7.06
C ARG A 283 17.99 -43.64 -8.47
N LYS A 284 18.02 -42.44 -9.03
CA LYS A 284 17.55 -42.23 -10.38
C LYS A 284 18.63 -42.45 -11.43
N GLY A 285 18.21 -42.88 -12.61
CA GLY A 285 19.11 -43.08 -13.74
C GLY A 285 19.16 -41.87 -14.67
N ARG A 286 19.75 -42.06 -15.84
CA ARG A 286 19.87 -41.00 -16.85
CA ARG A 286 19.87 -41.00 -16.85
C ARG A 286 18.50 -40.53 -17.33
N ASN A 287 18.42 -39.25 -17.68
CA ASN A 287 17.19 -38.60 -18.12
C ASN A 287 16.02 -38.86 -17.21
N ASN A 288 16.29 -38.78 -15.91
CA ASN A 288 15.27 -38.93 -14.90
C ASN A 288 14.49 -40.25 -14.99
N THR A 289 15.16 -41.36 -15.29
CA THR A 289 14.51 -42.66 -15.27
C THR A 289 14.53 -43.21 -13.85
N LEU A 290 13.54 -44.03 -13.56
CA LEU A 290 13.24 -44.46 -12.21
C LEU A 290 14.39 -45.25 -11.58
N SER A 291 14.98 -46.19 -12.33
CA SER A 291 16.00 -47.07 -11.75
C SER A 291 17.38 -46.94 -12.39
N ALA A 292 18.38 -46.79 -11.55
CA ALA A 292 19.79 -46.64 -11.96
C ALA A 292 20.42 -47.97 -12.33
N THR A 293 21.21 -47.97 -13.40
CA THR A 293 22.09 -49.10 -13.75
C THR A 293 23.37 -49.04 -12.93
N GLY A 294 24.22 -50.06 -13.07
CA GLY A 294 25.42 -50.19 -12.23
C GLY A 294 26.26 -48.94 -12.12
N ASP A 295 26.53 -48.27 -13.23
CA ASP A 295 27.47 -47.13 -13.20
C ASP A 295 26.84 -45.77 -12.90
N ASP A 296 25.51 -45.68 -12.90
CA ASP A 296 24.85 -44.38 -12.87
C ASP A 296 25.14 -43.63 -11.56
N VAL A 297 25.44 -42.35 -11.67
CA VAL A 297 25.90 -41.59 -10.51
C VAL A 297 24.80 -41.07 -9.57
N GLY A 298 23.56 -41.04 -10.04
CA GLY A 298 22.48 -40.46 -9.29
C GLY A 298 22.51 -38.93 -9.19
N VAL A 299 21.55 -38.41 -8.44
CA VAL A 299 21.32 -37.00 -8.36
C VAL A 299 21.91 -36.45 -7.05
N PRO A 300 22.73 -35.39 -7.16
CA PRO A 300 23.41 -34.95 -5.96
C PRO A 300 22.45 -34.56 -4.84
N TRP A 301 21.22 -34.21 -5.23
CA TRP A 301 20.21 -33.78 -4.27
C TRP A 301 19.62 -34.94 -3.44
N ALA A 302 19.95 -36.18 -3.79
CA ALA A 302 19.52 -37.33 -3.01
C ALA A 302 20.56 -37.62 -1.95
N ILE A 303 20.59 -36.73 -0.98
CA ILE A 303 21.71 -36.66 -0.07
C ILE A 303 21.64 -37.72 1.01
N GLY A 304 22.77 -38.41 1.19
CA GLY A 304 23.02 -39.23 2.32
C GLY A 304 23.10 -40.73 2.04
N SER A 305 24.08 -41.37 2.69
CA SER A 305 24.27 -42.82 2.62
C SER A 305 24.98 -43.25 3.89
N PRO A 306 25.33 -44.54 4.00
CA PRO A 306 26.19 -44.93 5.13
C PRO A 306 27.56 -44.25 5.15
N GLU A 307 27.97 -43.69 4.01
CA GLU A 307 29.25 -42.95 3.96
C GLU A 307 29.17 -41.59 4.66
N GLY A 308 27.95 -41.07 4.80
CA GLY A 308 27.71 -39.84 5.57
C GLY A 308 26.51 -39.02 5.09
N GLY A 309 26.22 -37.95 5.82
CA GLY A 309 25.14 -37.03 5.50
C GLY A 309 25.63 -35.66 5.08
N HIS A 310 24.94 -34.62 5.52
CA HIS A 310 25.17 -33.27 5.04
C HIS A 310 26.48 -32.70 5.53
N ASP A 311 27.14 -33.37 6.47
CA ASP A 311 28.42 -32.91 6.97
C ASP A 311 29.55 -33.72 6.40
N SER A 312 29.31 -34.42 5.29
CA SER A 312 30.32 -35.30 4.67
C SER A 312 30.58 -35.01 3.21
N ILE A 313 31.72 -35.46 2.75
CA ILE A 313 32.08 -35.34 1.36
C ILE A 313 31.80 -36.68 0.69
N HIS A 314 31.27 -36.61 -0.53
CA HIS A 314 31.07 -37.77 -1.38
C HIS A 314 32.44 -38.39 -1.63
N PRO A 315 32.62 -39.69 -1.30
CA PRO A 315 33.97 -40.26 -1.41
C PRO A 315 34.64 -40.13 -2.78
N ALA A 316 33.89 -40.10 -3.86
CA ALA A 316 34.49 -39.93 -5.18
C ALA A 316 34.96 -38.48 -5.48
N LEU A 317 34.49 -37.50 -4.73
CA LEU A 317 35.05 -36.15 -4.82
C LEU A 317 36.34 -35.98 -4.00
N GLY A 318 36.61 -36.90 -3.08
CA GLY A 318 37.78 -36.86 -2.22
C GLY A 318 37.42 -36.69 -0.75
N THR A 319 38.28 -35.95 -0.05
CA THR A 319 38.17 -35.79 1.41
C THR A 319 37.97 -34.32 1.77
N LEU A 320 37.79 -34.07 3.05
CA LEU A 320 37.60 -32.73 3.56
C LEU A 320 38.82 -31.85 3.31
N ASP A 321 40.01 -32.46 3.30
CA ASP A 321 41.25 -31.79 2.85
C ASP A 321 41.26 -31.32 1.39
N ASP A 322 40.77 -32.19 0.51
CA ASP A 322 40.67 -31.90 -0.90
C ASP A 322 39.72 -30.70 -1.07
N PHE A 323 38.66 -30.67 -0.27
CA PHE A 323 37.76 -29.53 -0.30
C PHE A 323 38.43 -28.21 0.11
N ASP A 324 39.15 -28.24 1.22
CA ASP A 324 39.92 -27.06 1.70
C ASP A 324 40.84 -26.54 0.61
N HIS A 325 41.49 -27.46 -0.09
CA HIS A 325 42.38 -27.11 -1.18
C HIS A 325 41.61 -26.37 -2.27
N PHE A 326 40.45 -26.89 -2.62
CA PHE A 326 39.57 -26.26 -3.61
C PHE A 326 39.16 -24.85 -3.17
N VAL A 327 38.70 -24.74 -1.93
CA VAL A 327 38.36 -23.45 -1.35
C VAL A 327 39.55 -22.47 -1.33
N THR A 328 40.74 -22.96 -1.03
CA THR A 328 41.91 -22.11 -1.00
C THR A 328 42.20 -21.62 -2.43
N GLU A 329 42.22 -22.54 -3.40
CA GLU A 329 42.49 -22.16 -4.81
C GLU A 329 41.45 -21.18 -5.33
N ALA A 330 40.19 -21.34 -4.93
CA ALA A 330 39.13 -20.41 -5.33
C ALA A 330 39.43 -19.03 -4.76
N GLY A 331 39.84 -18.99 -3.50
CA GLY A 331 40.18 -17.73 -2.82
C GLY A 331 41.30 -17.00 -3.51
N LYS A 332 42.36 -17.71 -3.84
CA LYS A 332 43.45 -17.07 -4.53
C LYS A 332 43.03 -16.42 -5.86
N LEU A 333 41.93 -16.83 -6.45
CA LEU A 333 41.48 -16.26 -7.73
C LEU A 333 40.32 -15.25 -7.57
N GLY A 334 39.93 -14.92 -6.34
CA GLY A 334 38.84 -13.99 -6.09
C GLY A 334 37.47 -14.62 -6.19
N LEU A 335 37.41 -15.95 -5.98
CA LEU A 335 36.16 -16.70 -6.00
C LEU A 335 35.77 -17.20 -4.61
N GLU A 336 34.54 -16.91 -4.21
CA GLU A 336 33.98 -17.46 -3.01
C GLU A 336 33.10 -18.64 -3.38
N ILE A 337 32.97 -19.58 -2.45
CA ILE A 337 32.19 -20.78 -2.70
C ILE A 337 30.84 -20.61 -2.12
N ALA A 338 29.83 -21.06 -2.85
CA ALA A 338 28.51 -21.17 -2.33
C ALA A 338 28.08 -22.61 -2.48
N LEU A 339 27.72 -23.24 -1.35
CA LEU A 339 27.26 -24.63 -1.36
C LEU A 339 25.77 -24.68 -1.35
N ASP A 340 25.25 -25.64 -2.10
CA ASP A 340 23.85 -25.98 -1.98
C ASP A 340 23.56 -26.45 -0.56
N PHE A 341 22.47 -26.02 0.03
CA PHE A 341 21.98 -26.63 1.27
C PHE A 341 20.53 -27.04 1.07
N ALA A 342 20.33 -28.35 0.96
CA ALA A 342 19.03 -28.94 0.64
C ALA A 342 18.58 -29.78 1.83
N LEU A 343 17.59 -29.29 2.58
CA LEU A 343 17.13 -29.96 3.82
C LEU A 343 16.06 -31.04 3.52
N GLN A 344 16.61 -32.22 3.19
CA GLN A 344 15.89 -33.39 2.68
C GLN A 344 16.93 -34.53 2.67
N CYS A 345 16.47 -35.76 2.38
CA CYS A 345 17.27 -36.99 2.53
C CYS A 345 17.00 -38.02 1.46
N SER A 346 18.03 -38.76 1.09
CA SER A 346 17.78 -40.05 0.47
C SER A 346 17.31 -41.01 1.57
N PRO A 347 16.67 -42.11 1.18
CA PRO A 347 16.26 -43.10 2.20
C PRO A 347 17.42 -43.74 2.95
N ASP A 348 18.63 -43.59 2.42
CA ASP A 348 19.84 -44.16 3.02
C ASP A 348 20.59 -43.17 3.92
N HIS A 349 20.05 -41.99 4.07
CA HIS A 349 20.62 -40.99 4.95
C HIS A 349 20.51 -41.46 6.41
N PRO A 350 21.56 -41.26 7.22
CA PRO A 350 21.59 -41.69 8.61
C PRO A 350 20.46 -41.17 9.46
N TRP A 351 19.94 -40.02 9.10
CA TRP A 351 18.82 -39.39 9.83
C TRP A 351 17.57 -40.24 9.86
N VAL A 352 17.39 -41.07 8.85
CA VAL A 352 16.18 -41.88 8.74
C VAL A 352 16.03 -42.81 9.94
N HIS A 353 17.16 -43.35 10.43
CA HIS A 353 17.16 -44.22 11.60
C HIS A 353 17.60 -43.55 12.88
N LYS A 354 18.43 -42.53 12.77
CA LYS A 354 18.83 -41.78 13.94
C LYS A 354 17.71 -40.89 14.47
N HIS A 355 16.96 -40.27 13.57
CA HIS A 355 15.94 -39.33 13.98
C HIS A 355 14.69 -39.55 13.18
N PRO A 356 13.97 -40.65 13.39
CA PRO A 356 12.76 -40.89 12.57
C PRO A 356 11.65 -39.83 12.76
N GLU A 357 11.65 -39.16 13.90
CA GLU A 357 10.67 -38.13 14.19
C GLU A 357 10.81 -36.91 13.29
N TRP A 358 11.90 -36.82 12.54
CA TRP A 358 12.05 -35.79 11.52
C TRP A 358 11.39 -36.14 10.17
N PHE A 359 10.53 -37.14 10.16
CA PHE A 359 9.88 -37.55 8.92
C PHE A 359 8.45 -37.91 9.26
N HIS A 360 7.56 -37.73 8.28
CA HIS A 360 6.19 -38.07 8.49
C HIS A 360 5.99 -39.47 7.97
N HIS A 361 5.44 -40.34 8.83
CA HIS A 361 5.26 -41.75 8.55
C HIS A 361 3.79 -42.10 8.42
N ARG A 362 3.52 -42.98 7.46
CA ARG A 362 2.18 -43.28 7.10
C ARG A 362 1.81 -44.46 7.98
N PRO A 363 0.52 -44.77 8.11
CA PRO A 363 0.14 -45.81 9.04
C PRO A 363 0.92 -47.11 8.91
N ASP A 364 1.48 -47.43 7.74
CA ASP A 364 2.23 -48.68 7.59
C ASP A 364 3.76 -48.50 7.77
N GLY A 365 4.18 -47.30 8.17
CA GLY A 365 5.56 -47.08 8.56
C GLY A 365 6.38 -46.46 7.48
N THR A 366 5.84 -46.40 6.25
CA THR A 366 6.58 -45.82 5.13
C THR A 366 6.56 -44.31 5.12
N ILE A 367 7.56 -43.76 4.47
CA ILE A 367 7.66 -42.32 4.28
C ILE A 367 7.40 -42.06 2.79
N ALA A 368 6.43 -41.18 2.53
CA ALA A 368 6.14 -40.80 1.17
C ALA A 368 7.32 -40.00 0.61
N HIS A 369 7.80 -40.36 -0.59
CA HIS A 369 8.81 -39.50 -1.25
C HIS A 369 8.27 -38.09 -1.57
N ALA A 370 9.21 -37.16 -1.74
CA ALA A 370 8.88 -35.79 -2.11
C ALA A 370 8.28 -35.71 -3.51
N GLU A 371 7.51 -34.64 -3.70
CA GLU A 371 6.81 -34.32 -4.94
C GLU A 371 6.76 -32.80 -5.12
N ASN A 372 6.49 -32.36 -6.36
CA ASN A 372 6.34 -30.93 -6.71
C ASN A 372 5.42 -30.92 -7.93
N PRO A 373 4.16 -31.40 -7.76
CA PRO A 373 3.44 -31.99 -8.91
C PRO A 373 3.38 -31.15 -10.18
N PRO A 374 3.30 -31.83 -11.34
CA PRO A 374 3.17 -33.31 -11.48
C PRO A 374 4.51 -34.10 -11.34
N LYS A 375 5.57 -33.41 -10.93
CA LYS A 375 6.89 -34.02 -10.70
C LYS A 375 6.99 -34.82 -9.40
N LYS A 376 7.65 -35.97 -9.51
CA LYS A 376 7.94 -36.87 -8.42
C LYS A 376 9.44 -36.92 -8.18
N TYR A 377 9.82 -36.94 -6.90
CA TYR A 377 11.20 -37.11 -6.50
C TYR A 377 11.33 -38.40 -5.68
N GLN A 378 11.21 -39.53 -6.37
CA GLN A 378 11.20 -40.83 -5.69
C GLN A 378 12.49 -41.15 -4.91
N ASP A 379 13.59 -40.46 -5.23
CA ASP A 379 14.88 -40.69 -4.59
C ASP A 379 15.05 -39.98 -3.24
N ILE A 380 14.06 -39.19 -2.81
CA ILE A 380 14.20 -38.46 -1.56
C ILE A 380 12.98 -38.45 -0.66
N TYR A 381 13.23 -38.24 0.62
CA TYR A 381 12.17 -38.00 1.56
C TYR A 381 12.16 -36.53 1.95
N PRO A 382 10.97 -35.94 2.12
CA PRO A 382 10.91 -34.61 2.73
C PRO A 382 10.99 -34.70 4.27
N ILE A 383 11.45 -33.61 4.88
CA ILE A 383 11.57 -33.49 6.31
C ILE A 383 10.24 -33.03 6.89
N ALA A 384 9.88 -33.52 8.09
CA ALA A 384 8.70 -33.02 8.84
C ALA A 384 9.22 -32.26 10.04
N PHE A 385 8.54 -31.17 10.42
CA PHE A 385 9.09 -30.21 11.41
C PHE A 385 8.39 -30.12 12.74
N ASP A 386 7.23 -30.74 12.83
CA ASP A 386 6.35 -30.54 13.99
C ASP A 386 6.54 -31.49 15.16
N ALA A 387 7.40 -32.49 15.04
CA ALA A 387 7.67 -33.36 16.18
C ALA A 387 8.94 -32.95 16.98
N ASP A 388 9.97 -32.43 16.32
CA ASP A 388 11.23 -32.04 16.97
C ASP A 388 11.85 -30.81 16.26
N PRO A 389 11.13 -29.68 16.27
CA PRO A 389 11.64 -28.49 15.67
C PRO A 389 12.93 -27.96 16.31
N ASP A 390 13.11 -28.13 17.61
CA ASP A 390 14.35 -27.71 18.24
C ASP A 390 15.53 -28.53 17.69
N GLY A 391 15.37 -29.85 17.63
CA GLY A 391 16.46 -30.72 17.21
C GLY A 391 16.90 -30.42 15.81
N LEU A 392 15.92 -30.16 14.94
CA LEU A 392 16.18 -29.90 13.56
C LEU A 392 16.89 -28.58 13.34
N ALA A 393 16.52 -27.57 14.13
CA ALA A 393 17.17 -26.27 14.08
C ALA A 393 18.61 -26.37 14.57
N THR A 394 18.82 -27.10 15.67
CA THR A 394 20.15 -27.27 16.26
C THR A 394 21.12 -27.96 15.32
N GLU A 395 20.62 -28.99 14.65
CA GLU A 395 21.37 -29.76 13.69
C GLU A 395 21.63 -28.96 12.43
N THR A 396 20.64 -28.22 11.99
CA THR A 396 20.79 -27.42 10.81
C THR A 396 21.91 -26.39 10.99
N VAL A 397 21.98 -25.73 12.13
CA VAL A 397 23.03 -24.71 12.32
C VAL A 397 24.39 -25.37 12.58
N ARG A 398 24.39 -26.54 13.21
CA ARG A 398 25.64 -27.29 13.36
C ARG A 398 26.28 -27.55 11.97
N ILE A 399 25.46 -28.00 11.05
CA ILE A 399 25.97 -28.31 9.70
C ILE A 399 26.51 -27.06 9.02
N LEU A 400 25.72 -25.97 9.07
CA LEU A 400 26.09 -24.75 8.41
C LEU A 400 27.38 -24.20 9.03
N ARG A 401 27.50 -24.26 10.35
CA ARG A 401 28.74 -23.84 11.03
C ARG A 401 29.94 -24.70 10.71
N HIS A 402 29.70 -25.96 10.36
CA HIS A 402 30.78 -26.82 9.91
C HIS A 402 31.33 -26.32 8.54
N TRP A 403 30.47 -26.07 7.57
CA TRP A 403 30.94 -25.60 6.29
C TRP A 403 31.52 -24.17 6.35
N MET A 404 30.97 -23.35 7.27
CA MET A 404 31.52 -22.04 7.57
C MET A 404 32.90 -22.12 8.17
N ASP A 405 33.16 -23.14 8.97
CA ASP A 405 34.49 -23.38 9.53
C ASP A 405 35.44 -23.67 8.37
N HIS A 406 34.92 -24.18 7.25
CA HIS A 406 35.77 -24.50 6.11
C HIS A 406 35.66 -23.51 4.94
N GLY A 407 35.36 -22.25 5.27
CA GLY A 407 35.53 -21.14 4.35
C GLY A 407 34.32 -20.83 3.50
N VAL A 408 33.21 -21.51 3.74
CA VAL A 408 31.97 -21.29 3.01
C VAL A 408 31.13 -20.26 3.73
N ARG A 409 30.95 -19.10 3.10
CA ARG A 409 30.21 -17.99 3.70
C ARG A 409 28.97 -17.66 2.89
N ILE A 410 28.64 -18.51 1.93
CA ILE A 410 27.42 -18.36 1.13
C ILE A 410 26.74 -19.72 0.96
N PHE A 411 25.40 -19.73 1.08
CA PHE A 411 24.59 -20.94 0.92
C PHE A 411 23.42 -20.68 0.00
N ARG A 412 23.26 -21.57 -0.98
CA ARG A 412 22.13 -21.55 -1.85
C ARG A 412 21.19 -22.58 -1.25
N VAL A 413 20.10 -22.12 -0.66
CA VAL A 413 19.14 -22.98 -0.02
C VAL A 413 18.13 -23.46 -1.00
N ALA A 414 17.98 -24.77 -1.12
CA ALA A 414 17.05 -25.40 -2.06
C ALA A 414 15.67 -25.43 -1.48
N ASN A 415 14.69 -25.07 -2.32
CA ASN A 415 13.26 -25.18 -1.99
C ASN A 415 12.89 -24.68 -0.64
N PRO A 416 13.40 -23.53 -0.25
CA PRO A 416 13.11 -23.13 1.13
C PRO A 416 11.59 -23.15 1.44
N HIS A 417 10.79 -22.94 0.41
CA HIS A 417 9.37 -22.85 0.55
C HIS A 417 8.64 -24.15 0.85
N THR A 418 9.35 -25.28 0.93
CA THR A 418 8.72 -26.55 1.40
C THR A 418 9.04 -26.80 2.85
N LYS A 419 9.82 -25.89 3.45
CA LYS A 419 10.06 -25.93 4.89
C LYS A 419 9.42 -24.70 5.53
N PRO A 420 9.07 -24.78 6.82
CA PRO A 420 8.34 -23.67 7.43
C PRO A 420 9.11 -22.34 7.39
N VAL A 421 8.40 -21.26 7.06
CA VAL A 421 8.99 -19.92 6.95
C VAL A 421 9.69 -19.54 8.24
N ALA A 422 9.08 -19.87 9.37
CA ALA A 422 9.64 -19.52 10.67
C ALA A 422 10.88 -20.28 11.01
N PHE A 423 10.97 -21.50 10.49
CA PHE A 423 12.16 -22.27 10.65
C PHE A 423 13.33 -21.53 10.04
N TRP A 424 13.17 -21.01 8.82
CA TRP A 424 14.25 -20.26 8.19
C TRP A 424 14.49 -18.98 8.94
N GLU A 425 13.43 -18.34 9.44
CA GLU A 425 13.63 -17.10 10.21
C GLU A 425 14.57 -17.35 11.39
N ARG A 426 14.33 -18.43 12.11
CA ARG A 426 15.13 -18.79 13.29
C ARG A 426 16.58 -19.17 12.94
N VAL A 427 16.72 -19.97 11.88
CA VAL A 427 18.01 -20.43 11.47
C VAL A 427 18.88 -19.28 11.02
N ILE A 428 18.37 -18.48 10.09
CA ILE A 428 19.13 -17.33 9.58
C ILE A 428 19.54 -16.33 10.69
N ALA A 429 18.67 -16.10 11.65
CA ALA A 429 18.99 -15.21 12.78
C ALA A 429 20.04 -15.79 13.72
N ASP A 430 20.06 -17.12 13.86
CA ASP A 430 21.07 -17.77 14.67
C ASP A 430 22.46 -17.60 14.02
N ILE A 431 22.53 -17.89 12.73
CA ILE A 431 23.82 -17.80 12.00
C ILE A 431 24.32 -16.34 11.86
N ASN A 432 23.42 -15.42 11.57
CA ASN A 432 23.84 -14.06 11.27
C ASN A 432 24.13 -13.32 12.56
N GLY A 433 23.61 -13.86 13.68
CA GLY A 433 23.92 -13.36 15.04
C GLY A 433 25.39 -13.53 15.44
N THR A 434 26.02 -14.59 14.98
CA THR A 434 27.43 -14.85 15.23
C THR A 434 28.29 -14.51 14.01
N ASP A 435 27.72 -14.68 12.82
CA ASP A 435 28.44 -14.52 11.57
C ASP A 435 27.60 -13.71 10.58
N PRO A 436 27.56 -12.39 10.76
CA PRO A 436 26.65 -11.59 9.93
C PRO A 436 27.02 -11.53 8.44
N ASP A 437 28.23 -11.98 8.11
CA ASP A 437 28.73 -11.95 6.73
C ASP A 437 28.12 -13.07 5.83
N VAL A 438 27.49 -14.04 6.47
CA VAL A 438 26.96 -15.17 5.75
C VAL A 438 25.75 -14.73 4.96
N ILE A 439 25.71 -15.17 3.72
CA ILE A 439 24.65 -14.89 2.79
C ILE A 439 23.88 -16.14 2.45
N PHE A 440 22.55 -16.06 2.50
CA PHE A 440 21.69 -17.15 2.13
C PHE A 440 20.93 -16.73 0.89
N LEU A 441 20.71 -17.68 -0.01
CA LEU A 441 20.02 -17.40 -1.26
C LEU A 441 18.86 -18.36 -1.38
N ALA A 442 17.63 -17.85 -1.45
CA ALA A 442 16.45 -18.69 -1.52
C ALA A 442 16.11 -19.12 -2.93
N GLU A 443 16.18 -20.42 -3.22
CA GLU A 443 15.67 -20.99 -4.49
C GLU A 443 14.20 -21.33 -4.37
N ALA A 444 13.38 -20.30 -4.40
CA ALA A 444 11.96 -20.43 -4.20
C ALA A 444 11.26 -19.95 -5.46
N PHE A 445 10.99 -20.87 -6.37
CA PHE A 445 10.20 -20.55 -7.54
C PHE A 445 8.75 -20.90 -7.22
N THR A 446 7.97 -19.93 -6.78
CA THR A 446 6.65 -20.22 -6.22
C THR A 446 5.81 -18.94 -6.31
N ARG A 447 4.75 -18.88 -5.53
CA ARG A 447 3.86 -17.74 -5.56
C ARG A 447 4.49 -16.51 -4.92
N PRO A 448 4.08 -15.31 -5.35
CA PRO A 448 4.73 -14.09 -4.92
C PRO A 448 4.79 -13.83 -3.39
N ALA A 449 3.72 -14.19 -2.69
CA ALA A 449 3.65 -13.92 -1.26
C ALA A 449 4.75 -14.63 -0.50
N MET A 450 4.99 -15.88 -0.88
CA MET A 450 5.98 -16.70 -0.20
C MET A 450 7.37 -16.27 -0.58
N MET A 451 7.60 -15.96 -1.85
CA MET A 451 8.91 -15.43 -2.30
C MET A 451 9.29 -14.15 -1.55
N ALA A 452 8.35 -13.20 -1.48
CA ALA A 452 8.54 -11.99 -0.72
C ALA A 452 8.74 -12.28 0.76
N THR A 453 7.94 -13.16 1.35
CA THR A 453 8.03 -13.34 2.79
C THR A 453 9.41 -13.90 3.18
N LEU A 454 9.96 -14.80 2.36
CA LEU A 454 11.23 -15.39 2.66
C LEU A 454 12.35 -14.36 2.64
N ALA A 455 12.30 -13.42 1.72
CA ALA A 455 13.24 -12.33 1.66
C ALA A 455 13.12 -11.49 2.92
N GLN A 456 11.89 -11.14 3.26
CA GLN A 456 11.64 -10.32 4.41
C GLN A 456 12.08 -10.91 5.75
N ILE A 457 12.02 -12.24 5.88
CA ILE A 457 12.37 -12.89 7.17
C ILE A 457 13.87 -13.19 7.29
N GLY A 458 14.65 -12.87 6.26
CA GLY A 458 16.12 -12.91 6.38
C GLY A 458 16.95 -13.32 5.15
N PHE A 459 16.33 -13.91 4.15
CA PHE A 459 17.12 -14.35 3.02
C PHE A 459 17.76 -13.15 2.32
N GLN A 460 19.10 -13.15 2.27
CA GLN A 460 19.83 -12.08 1.64
C GLN A 460 19.58 -11.98 0.15
N GLN A 461 19.38 -13.09 -0.53
CA GLN A 461 19.13 -13.05 -1.97
C GLN A 461 17.99 -13.97 -2.33
N SER A 462 17.40 -13.72 -3.49
CA SER A 462 16.28 -14.52 -3.97
C SER A 462 16.41 -14.84 -5.46
N TYR A 463 16.12 -16.08 -5.82
CA TYR A 463 15.85 -16.40 -7.21
C TYR A 463 14.53 -15.70 -7.57
N THR A 464 14.35 -15.46 -8.87
CA THR A 464 13.30 -14.58 -9.40
C THR A 464 12.55 -15.23 -10.56
N TYR A 465 11.56 -14.53 -11.11
CA TYR A 465 10.86 -15.05 -12.28
C TYR A 465 11.61 -14.72 -13.60
N PHE A 466 12.87 -14.28 -13.49
CA PHE A 466 13.59 -13.75 -14.65
C PHE A 466 13.48 -14.60 -15.88
N THR A 467 13.73 -15.88 -15.76
CA THR A 467 13.73 -16.75 -16.94
C THR A 467 12.38 -16.87 -17.65
N TRP A 468 11.30 -16.44 -17.02
CA TRP A 468 9.98 -16.46 -17.65
C TRP A 468 9.53 -15.04 -18.01
N ARG A 469 10.48 -14.12 -18.09
CA ARG A 469 10.20 -12.77 -18.50
C ARG A 469 11.10 -12.51 -19.70
N ASN A 470 10.50 -12.61 -20.89
CA ASN A 470 11.22 -12.56 -22.14
C ASN A 470 10.81 -11.49 -23.09
N THR A 471 9.52 -11.13 -23.15
CA THR A 471 9.08 -10.00 -23.99
C THR A 471 9.42 -8.66 -23.35
N LYS A 472 9.42 -7.59 -24.15
CA LYS A 472 9.70 -6.25 -23.63
C LYS A 472 8.74 -5.84 -22.50
N GLN A 473 7.46 -6.13 -22.65
CA GLN A 473 6.49 -5.81 -21.63
C GLN A 473 6.68 -6.60 -20.34
N GLU A 474 7.01 -7.88 -20.47
CA GLU A 474 7.30 -8.71 -19.30
C GLU A 474 8.49 -8.18 -18.52
N LEU A 475 9.58 -7.87 -19.20
CA LEU A 475 10.78 -7.40 -18.52
C LEU A 475 10.56 -6.05 -17.87
N THR A 476 9.84 -5.19 -18.54
CA THR A 476 9.65 -3.85 -18.09
C THR A 476 8.81 -3.89 -16.82
N GLU A 477 7.70 -4.60 -16.87
CA GLU A 477 6.82 -4.75 -15.69
C GLU A 477 7.57 -5.40 -14.54
N TYR A 478 8.26 -6.49 -14.83
CA TYR A 478 8.83 -7.25 -13.76
C TYR A 478 9.97 -6.46 -13.12
N LEU A 479 10.82 -5.79 -13.92
CA LEU A 479 11.94 -5.04 -13.35
C LEU A 479 11.50 -3.79 -12.67
N THR A 480 10.39 -3.22 -13.11
CA THR A 480 9.82 -2.08 -12.42
C THR A 480 9.40 -2.52 -11.01
N GLU A 481 8.87 -3.72 -10.87
CA GLU A 481 8.53 -4.25 -9.52
C GLU A 481 9.81 -4.45 -8.67
N LEU A 482 10.81 -5.14 -9.22
CA LEU A 482 11.98 -5.49 -8.48
C LEU A 482 12.84 -4.28 -8.13
N SER A 483 12.86 -3.25 -8.98
CA SER A 483 13.69 -2.06 -8.70
C SER A 483 12.94 -1.02 -7.88
N GLY A 484 11.68 -1.32 -7.56
CA GLY A 484 10.79 -0.39 -6.87
C GLY A 484 10.70 -0.75 -5.43
N GLU A 485 9.48 -0.94 -4.95
CA GLU A 485 9.27 -1.14 -3.50
C GLU A 485 9.89 -2.41 -2.95
N ALA A 486 9.89 -3.46 -3.75
CA ALA A 486 10.45 -4.75 -3.30
C ALA A 486 11.96 -4.72 -2.99
N ALA A 487 12.65 -3.70 -3.49
CA ALA A 487 14.10 -3.63 -3.35
C ALA A 487 14.54 -3.31 -1.94
N SER A 488 13.60 -2.94 -1.09
CA SER A 488 13.94 -2.71 0.30
C SER A 488 13.96 -4.00 1.14
N TYR A 489 13.59 -5.13 0.55
CA TYR A 489 13.62 -6.41 1.27
C TYR A 489 14.09 -7.60 0.45
N MET A 490 14.36 -7.40 -0.85
CA MET A 490 14.69 -8.53 -1.75
C MET A 490 15.81 -8.14 -2.68
N ARG A 491 16.80 -9.03 -2.81
CA ARG A 491 17.90 -8.80 -3.72
C ARG A 491 17.88 -9.92 -4.74
N PRO A 492 17.73 -9.56 -6.01
CA PRO A 492 17.48 -10.57 -7.00
C PRO A 492 18.74 -11.11 -7.53
N ASN A 493 18.77 -12.41 -7.79
CA ASN A 493 19.88 -13.08 -8.45
C ASN A 493 19.32 -13.67 -9.73
N PHE A 494 19.72 -13.05 -10.86
CA PHE A 494 19.25 -13.38 -12.19
C PHE A 494 20.09 -14.49 -12.84
N PHE A 495 19.76 -15.73 -12.58
CA PHE A 495 20.33 -16.81 -13.32
C PHE A 495 19.63 -16.90 -14.66
N ALA A 496 20.39 -16.89 -15.74
CA ALA A 496 19.78 -16.88 -17.07
C ALA A 496 19.33 -18.28 -17.46
N ASN A 497 19.96 -19.26 -16.83
CA ASN A 497 19.53 -20.64 -16.93
C ASN A 497 19.84 -21.31 -15.59
N THR A 498 19.30 -22.51 -15.38
CA THR A 498 19.72 -23.36 -14.27
C THR A 498 19.62 -24.79 -14.73
N PRO A 499 20.06 -25.73 -13.89
CA PRO A 499 19.96 -27.09 -14.41
C PRO A 499 18.53 -27.56 -14.62
N ASP A 500 17.54 -26.83 -14.09
CA ASP A 500 16.12 -27.21 -14.21
C ASP A 500 15.35 -26.26 -15.09
N ILE A 501 16.03 -25.27 -15.60
CA ILE A 501 15.38 -24.30 -16.48
C ILE A 501 16.20 -23.98 -17.73
N LEU A 502 15.76 -24.58 -18.83
CA LEU A 502 16.15 -24.22 -20.18
C LEU A 502 14.91 -23.69 -20.87
N HIS A 503 14.76 -22.37 -20.90
CA HIS A 503 13.55 -21.76 -21.44
C HIS A 503 13.44 -21.95 -22.95
N ALA A 504 12.18 -21.96 -23.42
CA ALA A 504 11.86 -22.02 -24.85
C ALA A 504 12.52 -20.91 -25.72
N TYR A 505 12.77 -19.74 -25.13
CA TYR A 505 13.42 -18.65 -25.80
C TYR A 505 14.82 -19.10 -26.22
N LEU A 506 15.50 -19.85 -25.36
CA LEU A 506 16.84 -20.33 -25.69
C LEU A 506 16.78 -21.52 -26.64
N GLN A 507 15.85 -22.43 -26.38
CA GLN A 507 15.64 -23.58 -27.24
C GLN A 507 15.45 -23.21 -28.69
N HIS A 508 14.69 -22.14 -28.91
CA HIS A 508 14.30 -21.71 -30.24
C HIS A 508 15.23 -20.65 -30.84
N GLY A 509 15.93 -19.92 -29.97
CA GLY A 509 16.72 -18.77 -30.42
C GLY A 509 18.19 -19.04 -30.70
N GLY A 510 18.71 -20.13 -30.16
CA GLY A 510 20.09 -20.46 -30.41
C GLY A 510 21.02 -19.42 -29.80
N ARG A 511 22.21 -19.28 -30.40
CA ARG A 511 23.25 -18.45 -29.83
C ARG A 511 22.78 -17.00 -29.61
N PRO A 512 22.14 -16.37 -30.63
CA PRO A 512 21.68 -15.01 -30.40
C PRO A 512 20.81 -14.85 -29.16
N ALA A 513 19.99 -15.86 -28.85
CA ALA A 513 19.16 -15.79 -27.62
C ALA A 513 20.01 -15.88 -26.38
N PHE A 514 20.99 -16.76 -26.35
CA PHE A 514 21.94 -16.79 -25.23
C PHE A 514 22.61 -15.45 -25.02
N GLU A 515 22.97 -14.79 -26.09
CA GLU A 515 23.68 -13.52 -25.99
C GLU A 515 22.75 -12.46 -25.40
N VAL A 516 21.52 -12.44 -25.87
CA VAL A 516 20.54 -11.49 -25.40
C VAL A 516 20.32 -11.62 -23.93
N ARG A 517 20.02 -12.81 -23.48
CA ARG A 517 19.75 -13.02 -22.07
C ARG A 517 20.97 -12.72 -21.19
N ALA A 518 22.18 -12.97 -21.68
CA ALA A 518 23.35 -12.64 -20.88
C ALA A 518 23.43 -11.14 -20.69
N VAL A 519 23.19 -10.37 -21.74
CA VAL A 519 23.22 -8.92 -21.61
C VAL A 519 22.12 -8.41 -20.66
N LEU A 520 20.90 -8.87 -20.89
CA LEU A 520 19.78 -8.58 -20.00
C LEU A 520 20.10 -8.89 -18.54
N ALA A 521 20.57 -10.09 -18.28
CA ALA A 521 20.77 -10.51 -16.91
C ALA A 521 21.85 -9.68 -16.25
N ALA A 522 22.92 -9.38 -16.97
CA ALA A 522 24.08 -8.76 -16.37
C ALA A 522 23.92 -7.27 -16.19
N THR A 523 23.03 -6.66 -16.96
CA THR A 523 22.83 -5.20 -16.90
C THR A 523 21.62 -4.81 -16.06
N LEU A 524 20.64 -5.70 -15.93
CA LEU A 524 19.43 -5.36 -15.16
C LEU A 524 19.57 -5.66 -13.69
N SER A 525 20.37 -6.65 -13.33
CA SER A 525 20.56 -6.97 -11.92
C SER A 525 22.03 -6.90 -11.53
N PRO A 526 22.31 -6.36 -10.36
CA PRO A 526 23.70 -6.38 -9.88
C PRO A 526 24.17 -7.78 -9.45
N THR A 527 23.26 -8.76 -9.39
CA THR A 527 23.66 -10.15 -9.27
C THR A 527 23.02 -10.97 -10.37
N TRP A 528 23.84 -11.69 -11.13
CA TRP A 528 23.36 -12.56 -12.18
C TRP A 528 24.19 -13.80 -12.16
N GLY A 529 23.76 -14.80 -12.89
CA GLY A 529 24.53 -16.05 -12.91
C GLY A 529 24.22 -16.92 -14.10
N ILE A 530 25.13 -17.84 -14.39
CA ILE A 530 24.86 -18.86 -15.34
C ILE A 530 25.25 -20.22 -14.78
N TYR A 531 24.70 -21.25 -15.40
CA TYR A 531 25.01 -22.62 -15.11
C TYR A 531 25.79 -23.16 -16.31
N SER A 532 26.95 -23.78 -16.00
CA SER A 532 27.94 -24.22 -16.99
C SER A 532 27.26 -24.91 -18.13
N GLY A 533 27.70 -24.54 -19.35
CA GLY A 533 27.07 -25.03 -20.57
C GLY A 533 26.33 -23.93 -21.28
N TYR A 534 25.90 -22.94 -20.51
CA TYR A 534 25.25 -21.77 -21.05
C TYR A 534 26.15 -21.16 -22.12
N GLU A 535 27.46 -21.14 -21.83
CA GLU A 535 28.46 -20.55 -22.71
C GLU A 535 28.55 -21.26 -24.04
N LEU A 536 28.22 -22.54 -24.06
CA LEU A 536 28.28 -23.32 -25.29
C LEU A 536 26.94 -23.30 -26.02
N CYS A 537 25.95 -22.64 -25.44
CA CYS A 537 24.63 -22.54 -26.01
C CYS A 537 23.99 -23.92 -26.14
N GLU A 538 24.24 -24.74 -25.12
CA GLU A 538 23.53 -26.02 -24.92
C GLU A 538 22.07 -25.71 -24.80
N ASN A 539 21.24 -26.29 -25.67
CA ASN A 539 19.85 -25.90 -25.74
C ASN A 539 18.92 -26.94 -26.34
N THR A 540 19.30 -28.21 -26.21
CA THR A 540 18.45 -29.29 -26.63
C THR A 540 17.67 -29.66 -25.42
N PRO A 541 16.33 -29.54 -25.50
CA PRO A 541 15.49 -29.86 -24.36
C PRO A 541 15.23 -31.35 -24.32
N LEU A 542 14.78 -31.84 -23.19
CA LEU A 542 14.36 -33.24 -23.07
C LEU A 542 13.28 -33.65 -24.11
N ARG A 543 12.34 -32.75 -24.36
CA ARG A 543 11.23 -33.00 -25.29
CA ARG A 543 11.30 -32.98 -25.37
C ARG A 543 10.57 -31.66 -25.60
N GLU A 544 9.85 -31.57 -26.71
CA GLU A 544 9.16 -30.33 -27.01
C GLU A 544 8.19 -30.09 -25.87
N GLY A 545 8.19 -28.88 -25.34
CA GLY A 545 7.26 -28.47 -24.31
C GLY A 545 7.85 -28.53 -22.93
N SER A 546 9.14 -28.85 -22.83
CA SER A 546 9.75 -29.04 -21.52
C SER A 546 10.83 -28.00 -21.27
N GLU A 547 11.17 -27.81 -19.98
CA GLU A 547 12.26 -26.92 -19.60
C GLU A 547 13.46 -27.67 -19.03
N GLU A 548 13.39 -29.00 -19.03
CA GLU A 548 14.55 -29.81 -18.71
C GLU A 548 15.52 -29.90 -19.90
N TYR A 549 16.81 -30.00 -19.61
CA TYR A 549 17.82 -30.37 -20.61
C TYR A 549 17.71 -31.82 -20.99
N LEU A 550 18.05 -32.15 -22.23
CA LEU A 550 18.24 -33.56 -22.62
C LEU A 550 19.56 -34.00 -22.04
N ASP A 551 19.60 -35.26 -21.60
CA ASP A 551 20.80 -35.83 -20.99
C ASP A 551 21.30 -34.94 -19.85
N SER A 552 20.40 -34.58 -18.97
CA SER A 552 20.69 -33.63 -17.90
C SER A 552 21.82 -34.08 -17.00
N GLU A 553 22.68 -33.10 -16.68
CA GLU A 553 23.85 -33.29 -15.80
C GLU A 553 23.45 -33.71 -14.39
N LYS A 554 22.18 -33.57 -14.04
CA LYS A 554 21.69 -33.98 -12.73
C LYS A 554 21.72 -35.49 -12.53
N TYR A 555 21.72 -36.24 -13.63
CA TYR A 555 21.62 -37.70 -13.60
C TYR A 555 22.82 -38.41 -14.21
N GLN A 556 23.78 -37.64 -14.71
CA GLN A 556 24.95 -38.21 -15.41
C GLN A 556 26.12 -37.23 -15.45
N LEU A 557 27.30 -37.81 -15.57
CA LEU A 557 28.50 -37.06 -15.76
C LEU A 557 28.40 -36.42 -17.16
N LYS A 558 28.83 -35.18 -17.27
CA LYS A 558 28.73 -34.49 -18.55
C LYS A 558 30.08 -33.83 -18.93
N PRO A 559 31.02 -34.62 -19.44
CA PRO A 559 32.30 -34.01 -19.80
C PRO A 559 32.15 -33.03 -20.98
N ARG A 560 32.69 -31.83 -20.86
CA ARG A 560 32.64 -30.87 -21.96
C ARG A 560 34.03 -30.52 -22.49
N ASP A 561 34.15 -30.37 -23.83
CA ASP A 561 35.44 -30.03 -24.47
C ASP A 561 35.63 -28.50 -24.52
N TRP A 562 36.11 -27.95 -23.42
CA TRP A 562 36.20 -26.51 -23.26
C TRP A 562 37.25 -25.95 -24.16
N THR A 563 38.32 -26.70 -24.36
CA THR A 563 39.44 -26.24 -25.16
C THR A 563 39.09 -26.09 -26.64
N ARG A 564 38.29 -27.01 -27.14
CA ARG A 564 37.84 -26.99 -28.53
C ARG A 564 36.92 -25.81 -28.71
N ALA A 565 35.93 -25.71 -27.86
CA ALA A 565 34.96 -24.61 -27.93
C ALA A 565 35.63 -23.23 -27.96
N ALA A 566 36.70 -23.06 -27.17
CA ALA A 566 37.40 -21.79 -27.09
C ALA A 566 38.10 -21.51 -28.41
N ARG A 567 38.77 -22.54 -28.92
CA ARG A 567 39.59 -22.49 -30.15
C ARG A 567 38.76 -22.32 -31.43
N GLU A 568 37.54 -22.87 -31.42
CA GLU A 568 36.65 -22.84 -32.59
C GLU A 568 35.63 -21.70 -32.51
N GLY A 569 35.69 -20.88 -31.47
CA GLY A 569 34.77 -19.77 -31.30
C GLY A 569 33.31 -20.12 -31.05
N THR A 570 32.99 -21.34 -30.62
CA THR A 570 31.59 -21.73 -30.37
C THR A 570 31.21 -21.65 -28.90
N THR A 571 31.71 -20.60 -28.25
CA THR A 571 31.39 -20.27 -26.86
C THR A 571 31.20 -18.77 -26.76
N ILE A 572 30.31 -18.35 -25.87
CA ILE A 572 30.11 -16.93 -25.65
C ILE A 572 30.79 -16.46 -24.38
N ALA A 573 31.77 -17.20 -23.92
CA ALA A 573 32.58 -16.80 -22.78
C ALA A 573 33.23 -15.41 -22.94
N PRO A 574 33.74 -15.08 -24.12
CA PRO A 574 34.23 -13.72 -24.33
C PRO A 574 33.18 -12.65 -24.03
N LEU A 575 31.99 -12.78 -24.59
CA LEU A 575 30.89 -11.87 -24.26
C LEU A 575 30.67 -11.83 -22.75
N VAL A 576 30.61 -13.01 -22.12
CA VAL A 576 30.40 -13.06 -20.70
C VAL A 576 31.50 -12.30 -19.97
N THR A 577 32.76 -12.59 -20.35
CA THR A 577 33.94 -11.93 -19.78
C THR A 577 33.81 -10.40 -19.90
N ARG A 578 33.34 -9.95 -21.05
CA ARG A 578 33.20 -8.52 -21.33
C ARG A 578 32.14 -7.88 -20.43
N LEU A 579 31.02 -8.57 -20.29
CA LEU A 579 29.93 -8.12 -19.41
C LEU A 579 30.34 -7.95 -17.95
N ASN A 580 31.12 -8.87 -17.42
CA ASN A 580 31.54 -8.73 -16.05
C ASN A 580 32.60 -7.63 -15.88
N THR A 581 33.45 -7.46 -16.88
CA THR A 581 34.36 -6.35 -16.91
C THR A 581 33.61 -5.00 -16.94
N ILE A 582 32.60 -4.90 -17.78
CA ILE A 582 31.81 -3.68 -17.87
C ILE A 582 31.21 -3.39 -16.49
N ARG A 583 30.67 -4.43 -15.88
CA ARG A 583 30.09 -4.32 -14.52
C ARG A 583 31.08 -3.88 -13.47
N ARG A 584 32.32 -4.35 -13.57
CA ARG A 584 33.36 -4.01 -12.62
C ARG A 584 33.86 -2.60 -12.82
N GLU A 585 33.56 -2.02 -13.98
CA GLU A 585 34.05 -0.69 -14.34
C GLU A 585 32.99 0.40 -14.21
N ASN A 586 31.74 0.02 -14.00
CA ASN A 586 30.64 0.98 -13.99
C ASN A 586 29.76 0.79 -12.77
N PRO A 587 29.96 1.62 -11.74
CA PRO A 587 29.16 1.50 -10.50
C PRO A 587 27.64 1.49 -10.74
N ALA A 588 27.18 2.12 -11.81
CA ALA A 588 25.77 2.06 -12.16
C ALA A 588 25.22 0.64 -12.28
N LEU A 589 26.08 -0.30 -12.69
CA LEU A 589 25.61 -1.67 -12.88
C LEU A 589 25.78 -2.52 -11.62
N ARG A 590 26.41 -1.97 -10.59
CA ARG A 590 26.56 -2.68 -9.29
C ARG A 590 25.46 -2.34 -8.26
N GLN A 591 24.33 -1.86 -8.74
CA GLN A 591 23.22 -1.49 -7.90
C GLN A 591 21.93 -1.73 -8.65
N LEU A 592 20.81 -1.72 -7.91
CA LEU A 592 19.53 -2.18 -8.43
C LEU A 592 18.49 -1.07 -8.61
N ARG A 593 18.40 -0.18 -7.64
CA ARG A 593 17.20 0.65 -7.48
C ARG A 593 17.02 1.72 -8.53
N ASP A 594 18.13 2.17 -9.12
CA ASP A 594 18.09 3.24 -10.13
C ASP A 594 18.06 2.69 -11.53
N LEU A 595 16.89 2.73 -12.14
CA LEU A 595 16.64 2.04 -13.39
C LEU A 595 15.48 2.70 -14.04
N HIS A 596 15.67 3.15 -15.28
CA HIS A 596 14.62 3.78 -16.04
C HIS A 596 14.54 3.19 -17.44
N PHE A 597 13.32 2.91 -17.90
CA PHE A 597 13.08 2.41 -19.26
C PHE A 597 12.69 3.53 -20.20
N HIS A 598 13.34 3.59 -21.38
CA HIS A 598 13.11 4.67 -22.40
C HIS A 598 12.33 4.12 -23.60
N PRO A 599 11.38 4.88 -24.14
CA PRO A 599 10.55 4.27 -25.19
C PRO A 599 11.21 4.15 -26.58
N THR A 600 10.81 3.06 -27.26
CA THR A 600 11.29 2.73 -28.60
C THR A 600 10.04 2.50 -29.43
N ASP A 601 10.16 2.63 -30.73
CA ASP A 601 9.00 2.47 -31.59
C ASP A 601 8.83 1.04 -32.14
N LYS A 602 9.50 0.05 -31.54
CA LYS A 602 9.36 -1.36 -31.95
C LYS A 602 9.21 -2.31 -30.75
N GLU A 603 8.24 -3.19 -30.82
CA GLU A 603 7.91 -4.13 -29.73
CA GLU A 603 7.92 -4.09 -29.70
C GLU A 603 9.12 -4.97 -29.31
N GLU A 604 9.98 -5.28 -30.28
CA GLU A 604 11.09 -6.20 -30.09
CA GLU A 604 11.06 -6.21 -30.02
C GLU A 604 12.32 -5.49 -29.53
N VAL A 605 12.29 -4.17 -29.45
CA VAL A 605 13.45 -3.44 -28.95
C VAL A 605 13.16 -2.68 -27.66
N ILE A 606 14.02 -2.94 -26.68
CA ILE A 606 13.93 -2.39 -25.35
C ILE A 606 15.17 -1.55 -25.04
N ALA A 607 14.97 -0.51 -24.23
CA ALA A 607 16.01 0.43 -23.87
C ALA A 607 15.89 0.89 -22.41
N TYR A 608 17.00 1.01 -21.72
CA TYR A 608 16.99 1.48 -20.34
C TYR A 608 18.33 2.00 -19.88
N SER A 609 18.33 2.68 -18.74
CA SER A 609 19.53 3.32 -18.23
C SER A 609 19.64 3.15 -16.74
N LYS A 610 20.85 3.24 -16.22
CA LYS A 610 21.11 3.06 -14.82
C LYS A 610 22.18 4.06 -14.44
N ARG A 611 22.05 4.64 -13.25
CA ARG A 611 22.93 5.70 -12.80
C ARG A 611 23.39 5.53 -11.36
N GLN A 612 24.55 6.11 -11.06
CA GLN A 612 25.22 6.01 -9.77
C GLN A 612 26.34 7.02 -9.82
N GLY A 613 26.12 8.13 -9.11
CA GLY A 613 27.01 9.27 -9.22
C GLY A 613 27.07 9.72 -10.67
N SER A 614 28.30 9.95 -11.16
CA SER A 614 28.50 10.42 -12.53
C SER A 614 28.53 9.28 -13.54
N ASN A 615 28.29 8.04 -13.10
CA ASN A 615 28.31 6.94 -14.03
C ASN A 615 26.89 6.64 -14.50
N THR A 616 26.67 6.75 -15.80
CA THR A 616 25.39 6.46 -16.43
C THR A 616 25.63 5.38 -17.50
N VAL A 617 24.79 4.36 -17.48
CA VAL A 617 24.91 3.31 -18.48
C VAL A 617 23.60 3.12 -19.21
N LEU A 618 23.69 3.01 -20.53
CA LEU A 618 22.54 3.03 -21.39
C LEU A 618 22.54 1.77 -22.24
N VAL A 619 21.45 1.03 -22.23
CA VAL A 619 21.42 -0.28 -22.83
C VAL A 619 20.28 -0.38 -23.80
N VAL A 620 20.55 -0.87 -25.00
CA VAL A 620 19.50 -1.12 -25.96
C VAL A 620 19.62 -2.57 -26.38
N VAL A 621 18.51 -3.29 -26.33
CA VAL A 621 18.55 -4.70 -26.65
C VAL A 621 17.47 -5.06 -27.67
N ASN A 622 17.89 -5.84 -28.66
CA ASN A 622 16.97 -6.49 -29.57
C ASN A 622 16.58 -7.85 -29.01
N LEU A 623 15.31 -7.97 -28.62
CA LEU A 623 14.78 -9.20 -28.05
C LEU A 623 14.41 -10.26 -29.08
N ASP A 624 14.57 -9.92 -30.36
CA ASP A 624 14.33 -10.86 -31.44
C ASP A 624 15.66 -11.53 -31.80
N PRO A 625 15.75 -12.86 -31.61
CA PRO A 625 17.00 -13.56 -31.91
C PRO A 625 17.10 -14.12 -33.32
N ARG A 626 16.07 -13.88 -34.14
CA ARG A 626 16.03 -14.39 -35.51
C ARG A 626 16.09 -13.30 -36.57
N HIS A 627 15.50 -12.14 -36.30
CA HIS A 627 15.38 -11.09 -37.32
C HIS A 627 16.07 -9.82 -36.88
N THR A 628 16.59 -9.13 -37.85
CA THR A 628 17.18 -7.85 -37.62
C THR A 628 16.09 -6.80 -37.33
N GLN A 629 16.36 -5.93 -36.37
CA GLN A 629 15.39 -4.96 -35.92
C GLN A 629 15.98 -3.58 -35.94
N GLU A 630 15.25 -2.68 -36.56
CA GLU A 630 15.61 -1.27 -36.47
C GLU A 630 14.52 -0.52 -35.71
N ALA A 631 14.96 0.44 -34.92
CA ALA A 631 14.06 1.25 -34.15
C ALA A 631 14.64 2.64 -33.90
N THR A 632 13.76 3.55 -33.52
CA THR A 632 14.13 4.84 -32.99
C THR A 632 13.93 4.74 -31.48
N VAL A 633 15.02 4.93 -30.75
CA VAL A 633 15.02 5.02 -29.31
C VAL A 633 14.93 6.49 -28.93
N SER A 634 13.87 6.88 -28.21
CA SER A 634 13.70 8.26 -27.73
C SER A 634 13.99 8.38 -26.23
N LEU A 635 15.13 8.96 -25.89
CA LEU A 635 15.55 9.02 -24.50
C LEU A 635 14.86 10.14 -23.72
N ASP A 636 14.20 9.75 -22.63
CA ASP A 636 13.81 10.65 -21.55
C ASP A 636 15.06 11.37 -21.01
N MET A 637 15.39 12.50 -21.63
CA MET A 637 16.63 13.24 -21.36
C MET A 637 16.75 13.83 -19.95
N PRO A 638 15.66 14.42 -19.38
CA PRO A 638 15.72 14.86 -17.97
C PRO A 638 16.13 13.72 -17.04
N GLN A 639 15.77 12.50 -17.43
CA GLN A 639 16.12 11.33 -16.66
C GLN A 639 17.61 10.96 -16.67
N LEU A 640 18.39 11.59 -17.53
CA LEU A 640 19.84 11.41 -17.52
C LEU A 640 20.55 12.63 -16.97
N GLY A 641 19.80 13.57 -16.41
CA GLY A 641 20.35 14.85 -15.99
C GLY A 641 20.72 15.73 -17.17
N LEU A 642 19.93 15.69 -18.24
CA LEU A 642 20.21 16.47 -19.44
C LEU A 642 18.96 17.15 -19.95
N ASP A 643 19.12 18.22 -20.71
CA ASP A 643 17.96 18.82 -21.32
C ASP A 643 17.67 18.18 -22.67
N TRP A 644 16.46 18.45 -23.16
CA TRP A 644 15.93 17.85 -24.39
C TRP A 644 16.78 18.12 -25.63
N HIS A 645 17.30 19.34 -25.71
CA HIS A 645 18.11 19.78 -26.84
CA HIS A 645 18.08 19.76 -26.86
C HIS A 645 19.47 19.10 -26.88
N GLU A 646 19.96 18.66 -25.72
CA GLU A 646 21.34 18.17 -25.64
C GLU A 646 21.61 16.88 -26.36
N SER A 647 22.87 16.75 -26.78
CA SER A 647 23.40 15.58 -27.44
C SER A 647 24.58 15.11 -26.59
N VAL A 648 24.77 13.80 -26.49
CA VAL A 648 25.74 13.29 -25.56
C VAL A 648 26.60 12.15 -26.15
N PRO A 649 27.93 12.26 -26.01
CA PRO A 649 28.78 11.17 -26.51
C PRO A 649 28.61 9.89 -25.70
N VAL A 650 28.52 8.76 -26.39
CA VAL A 650 28.48 7.46 -25.73
C VAL A 650 29.47 6.48 -26.36
N ARG A 651 29.91 5.51 -25.57
CA ARG A 651 30.77 4.46 -26.08
C ARG A 651 30.12 3.11 -25.83
N ASP A 652 29.83 2.38 -26.90
CA ASP A 652 29.35 1.01 -26.83
C ASP A 652 30.48 0.13 -26.35
N GLU A 653 30.42 -0.31 -25.09
CA GLU A 653 31.51 -1.04 -24.47
C GLU A 653 31.66 -2.47 -24.97
N LEU A 654 30.71 -2.96 -25.77
CA LEU A 654 30.87 -4.24 -26.44
C LEU A 654 31.69 -4.13 -27.74
N THR A 655 31.98 -2.92 -28.21
CA THR A 655 32.75 -2.76 -29.44
C THR A 655 33.84 -1.70 -29.37
N GLY A 656 33.81 -0.82 -28.37
CA GLY A 656 34.70 0.35 -28.31
C GLY A 656 34.32 1.47 -29.28
N GLU A 657 33.19 1.30 -29.95
CA GLU A 657 32.73 2.22 -31.00
C GLU A 657 31.89 3.32 -30.33
N THR A 658 32.00 4.53 -30.86
CA THR A 658 31.50 5.76 -30.24
C THR A 658 30.38 6.43 -31.05
N TYR A 659 29.37 6.96 -30.36
CA TYR A 659 28.26 7.64 -31.01
C TYR A 659 27.97 8.95 -30.31
N HIS A 660 27.16 9.80 -30.95
CA HIS A 660 26.58 10.96 -30.31
C HIS A 660 25.06 10.84 -30.36
N TRP A 661 24.45 10.75 -29.18
CA TRP A 661 23.02 10.47 -29.01
C TRP A 661 22.24 11.52 -28.22
N GLY A 662 20.97 11.71 -28.57
CA GLY A 662 20.06 12.55 -27.78
C GLY A 662 18.61 12.09 -27.85
N ARG A 663 17.73 13.02 -27.52
CA ARG A 663 16.31 12.94 -27.85
C ARG A 663 15.86 11.73 -28.68
N ALA A 664 16.39 11.55 -29.89
CA ALA A 664 15.95 10.47 -30.80
C ALA A 664 17.15 9.85 -31.53
N ASN A 665 17.31 8.52 -31.44
CA ASN A 665 18.49 7.84 -31.97
C ASN A 665 18.11 6.59 -32.72
N TYR A 666 18.59 6.45 -33.96
CA TYR A 666 18.27 5.29 -34.78
C TYR A 666 19.21 4.15 -34.38
N VAL A 667 18.70 2.91 -34.39
CA VAL A 667 19.56 1.76 -34.14
C VAL A 667 19.17 0.61 -35.04
N ARG A 668 20.15 -0.25 -35.32
CA ARG A 668 19.96 -1.41 -36.15
C ARG A 668 20.70 -2.57 -35.52
N LEU A 669 19.97 -3.61 -35.14
CA LEU A 669 20.52 -4.68 -34.35
C LEU A 669 20.32 -5.99 -35.11
N GLU A 670 21.45 -6.62 -35.43
CA GLU A 670 21.46 -7.79 -36.28
C GLU A 670 21.81 -9.00 -35.40
N PRO A 671 20.87 -9.92 -35.21
CA PRO A 671 21.11 -11.04 -34.29
C PRO A 671 22.35 -11.85 -34.69
N GLY A 672 23.23 -12.13 -33.73
CA GLY A 672 24.48 -12.83 -34.03
C GLY A 672 25.69 -11.91 -34.11
N ARG A 673 25.52 -10.79 -34.81
CA ARG A 673 26.56 -9.77 -34.89
C ARG A 673 26.51 -8.80 -33.71
N THR A 674 25.32 -8.34 -33.39
CA THR A 674 25.09 -7.34 -32.36
C THR A 674 23.79 -7.66 -31.63
N PRO A 675 23.88 -8.23 -30.44
CA PRO A 675 22.65 -8.42 -29.68
C PRO A 675 22.11 -7.13 -29.06
N ALA A 676 22.98 -6.14 -28.87
CA ALA A 676 22.65 -4.98 -28.07
C ALA A 676 23.78 -3.96 -28.07
N HIS A 677 23.46 -2.71 -27.77
CA HIS A 677 24.44 -1.73 -27.31
C HIS A 677 24.42 -1.61 -25.77
N VAL A 678 25.60 -1.62 -25.18
CA VAL A 678 25.78 -1.33 -23.77
C VAL A 678 26.71 -0.14 -23.69
N CYS A 679 26.16 1.04 -23.50
CA CYS A 679 26.90 2.28 -23.66
C CYS A 679 27.14 2.99 -22.34
N THR A 680 28.36 3.43 -22.09
CA THR A 680 28.59 4.39 -21.04
C THR A 680 28.46 5.78 -21.62
N VAL A 681 27.99 6.73 -20.82
CA VAL A 681 27.97 8.13 -21.20
C VAL A 681 29.32 8.73 -20.83
N LEU A 682 29.92 9.47 -21.75
CA LEU A 682 31.30 9.95 -21.57
C LEU A 682 31.29 11.32 -20.88
N ARG A 683 32.18 11.47 -19.90
CA ARG A 683 32.22 12.64 -18.99
C ARG A 683 33.50 13.48 -19.16
N PRO B 35 11.87 -15.56 19.90
CA PRO B 35 10.56 -15.58 19.22
C PRO B 35 10.67 -15.17 17.76
N THR B 36 9.78 -15.68 16.90
CA THR B 36 9.81 -15.31 15.49
C THR B 36 8.68 -14.35 15.16
N VAL B 37 8.93 -13.46 14.21
CA VAL B 37 7.93 -12.53 13.76
C VAL B 37 6.80 -13.28 13.07
N VAL B 38 7.14 -14.37 12.37
CA VAL B 38 6.16 -15.15 11.60
C VAL B 38 5.87 -16.42 12.37
N GLY B 39 4.59 -16.82 12.38
CA GLY B 39 4.17 -17.97 13.12
C GLY B 39 4.22 -19.23 12.27
N ARG B 40 3.67 -20.32 12.82
CA ARG B 40 3.80 -21.60 12.19
C ARG B 40 3.10 -21.59 10.82
N ILE B 41 1.86 -21.10 10.79
CA ILE B 41 1.14 -20.88 9.53
C ILE B 41 1.05 -19.35 9.30
N PRO B 42 1.76 -18.83 8.27
CA PRO B 42 1.87 -17.39 8.09
C PRO B 42 0.55 -16.68 7.91
N VAL B 43 0.35 -15.65 8.70
CA VAL B 43 -0.81 -14.80 8.53
C VAL B 43 -0.27 -13.39 8.64
N LEU B 44 -0.36 -12.65 7.53
CA LEU B 44 0.36 -11.41 7.34
C LEU B 44 -0.53 -10.31 6.77
N ASP B 45 -0.12 -9.04 7.00
CA ASP B 45 -0.72 -7.87 6.39
C ASP B 45 -2.29 -7.92 6.50
N VAL B 46 -2.78 -8.08 7.72
CA VAL B 46 -4.20 -8.05 8.02
C VAL B 46 -4.79 -6.66 7.77
N ARG B 47 -5.96 -6.61 7.15
CA ARG B 47 -6.63 -5.37 6.87
C ARG B 47 -8.09 -5.46 7.24
N PRO B 48 -8.73 -4.32 7.50
CA PRO B 48 -8.16 -2.98 7.41
C PRO B 48 -7.21 -2.62 8.54
N VAL B 49 -6.32 -1.68 8.26
CA VAL B 49 -5.36 -1.22 9.23
C VAL B 49 -5.20 0.28 9.02
N VAL B 50 -5.06 1.02 10.12
CA VAL B 50 -4.96 2.47 10.07
C VAL B 50 -3.73 2.85 10.88
N GLN B 51 -2.79 3.51 10.23
CA GLN B 51 -1.59 4.03 10.92
C GLN B 51 -0.79 2.91 11.58
N ARG B 52 -0.71 1.77 10.89
CA ARG B 52 0.00 0.59 11.38
C ARG B 52 -0.55 0.01 12.67
N GLY B 53 -1.83 0.24 12.96
CA GLY B 53 -2.48 -0.32 14.16
C GLY B 53 -2.55 0.62 15.34
N ARG B 54 -2.02 1.84 15.19
CA ARG B 54 -2.00 2.84 16.25
C ARG B 54 -3.30 3.64 16.36
N ARG B 55 -4.14 3.54 15.35
CA ARG B 55 -5.47 4.17 15.36
C ARG B 55 -6.46 3.12 14.91
N PRO B 56 -7.70 3.22 15.40
CA PRO B 56 -8.61 2.15 15.02
C PRO B 56 -9.21 2.33 13.65
N ALA B 57 -9.47 1.24 12.97
CA ALA B 57 -10.43 1.24 11.85
C ALA B 57 -11.83 1.50 12.39
N LYS B 58 -12.74 1.91 11.53
CA LYS B 58 -14.06 2.30 11.98
C LYS B 58 -15.17 1.47 11.37
N ALA B 59 -16.24 1.39 12.15
CA ALA B 59 -17.51 0.88 11.69
C ALA B 59 -18.64 1.55 12.48
N VAL B 60 -19.88 1.24 12.10
CA VAL B 60 -21.02 1.57 12.96
C VAL B 60 -21.84 0.30 13.22
N THR B 61 -22.59 0.32 14.32
CA THR B 61 -23.53 -0.71 14.66
C THR B 61 -24.32 -1.17 13.43
N GLY B 62 -24.24 -2.47 13.08
CA GLY B 62 -24.99 -3.01 11.96
C GLY B 62 -24.25 -3.06 10.63
N GLU B 63 -23.08 -2.42 10.54
CA GLU B 63 -22.37 -2.30 9.26
C GLU B 63 -21.46 -3.51 9.04
N SER B 64 -21.52 -4.06 7.83
CA SER B 64 -20.65 -5.14 7.42
C SER B 64 -19.44 -4.62 6.66
N PHE B 65 -18.31 -5.29 6.86
CA PHE B 65 -17.11 -5.02 6.08
C PHE B 65 -16.19 -6.23 6.07
N GLU B 66 -15.23 -6.19 5.17
CA GLU B 66 -14.33 -7.32 4.97
C GLU B 66 -13.05 -7.18 5.81
N VAL B 67 -12.75 -8.22 6.60
CA VAL B 67 -11.43 -8.41 7.16
C VAL B 67 -10.69 -9.31 6.19
N SER B 68 -9.44 -9.00 5.93
CA SER B 68 -8.66 -9.77 4.98
C SER B 68 -7.24 -9.96 5.47
N ALA B 69 -6.55 -10.94 4.89
CA ALA B 69 -5.19 -11.25 5.28
C ALA B 69 -4.51 -12.03 4.19
N THR B 70 -3.17 -12.09 4.28
CA THR B 70 -2.41 -12.93 3.39
C THR B 70 -2.07 -14.17 4.19
N VAL B 71 -2.54 -15.32 3.71
CA VAL B 71 -2.45 -16.58 4.42
C VAL B 71 -1.96 -17.66 3.45
N PHE B 72 -0.94 -18.41 3.86
CA PHE B 72 -0.37 -19.47 3.02
C PHE B 72 0.45 -20.37 3.91
N ARG B 73 0.95 -21.46 3.35
CA ARG B 73 1.86 -22.30 4.13
C ARG B 73 2.93 -22.90 3.24
N GLU B 74 3.91 -23.53 3.88
CA GLU B 74 4.96 -24.25 3.17
C GLU B 74 4.40 -25.59 2.65
N GLY B 75 4.87 -25.98 1.46
CA GLY B 75 4.45 -27.21 0.82
C GLY B 75 3.16 -26.97 0.06
N HIS B 76 2.53 -28.06 -0.36
CA HIS B 76 1.38 -28.02 -1.27
C HIS B 76 0.05 -28.26 -0.60
N ASP B 77 0.05 -28.50 0.71
CA ASP B 77 -1.14 -28.81 1.42
C ASP B 77 -1.99 -27.56 1.63
N ALA B 78 -3.26 -27.78 1.97
CA ALA B 78 -4.26 -26.73 2.08
C ALA B 78 -4.19 -26.01 3.40
N VAL B 79 -4.57 -24.74 3.37
CA VAL B 79 -4.73 -23.95 4.59
C VAL B 79 -6.15 -23.47 4.64
N GLY B 80 -6.58 -23.14 5.85
CA GLY B 80 -7.87 -22.50 6.09
C GLY B 80 -7.62 -21.26 6.93
N ALA B 81 -8.64 -20.41 7.04
CA ALA B 81 -8.57 -19.29 7.98
C ALA B 81 -9.94 -18.77 8.42
N ASN B 82 -9.94 -17.97 9.47
CA ASN B 82 -11.17 -17.44 10.04
C ASN B 82 -10.92 -16.17 10.85
N VAL B 83 -11.97 -15.38 11.03
CA VAL B 83 -11.88 -14.08 11.73
C VAL B 83 -12.49 -14.16 13.10
N VAL B 84 -11.74 -13.77 14.12
CA VAL B 84 -12.25 -13.78 15.48
C VAL B 84 -12.40 -12.32 15.89
N LEU B 85 -13.66 -11.91 15.93
CA LEU B 85 -14.02 -10.57 16.24
C LEU B 85 -14.43 -10.52 17.72
N ARG B 86 -13.77 -9.67 18.49
CA ARG B 86 -14.04 -9.55 19.92
C ARG B 86 -14.65 -8.21 20.30
N ASP B 87 -15.66 -8.24 21.16
CA ASP B 87 -16.37 -7.07 21.59
C ASP B 87 -15.64 -6.38 22.76
N PRO B 88 -16.19 -5.27 23.27
CA PRO B 88 -15.48 -4.57 24.34
C PRO B 88 -15.26 -5.38 25.60
N ARG B 89 -16.14 -6.33 25.90
CA ARG B 89 -15.91 -7.24 27.05
C ARG B 89 -14.99 -8.43 26.71
N GLY B 90 -14.55 -8.55 25.46
CA GLY B 90 -13.63 -9.60 25.03
C GLY B 90 -14.28 -10.86 24.46
N ARG B 91 -15.61 -10.85 24.33
CA ARG B 91 -16.35 -12.05 23.88
C ARG B 91 -16.23 -12.22 22.38
N PRO B 92 -15.82 -13.42 21.94
CA PRO B 92 -15.68 -13.67 20.51
C PRO B 92 -17.00 -13.75 19.75
N GLY B 93 -16.97 -13.46 18.46
CA GLY B 93 -18.13 -13.55 17.61
C GLY B 93 -18.29 -14.96 17.07
N PRO B 94 -19.29 -15.16 16.21
CA PRO B 94 -19.54 -16.52 15.75
C PRO B 94 -18.46 -16.96 14.77
N TRP B 95 -18.41 -18.24 14.52
CA TRP B 95 -17.47 -18.84 13.57
C TRP B 95 -17.57 -18.13 12.21
N THR B 96 -16.44 -17.65 11.71
CA THR B 96 -16.46 -16.79 10.55
C THR B 96 -15.31 -17.17 9.64
N PRO B 97 -15.49 -18.22 8.86
CA PRO B 97 -14.42 -18.69 8.01
C PRO B 97 -14.18 -17.78 6.81
N MET B 98 -12.96 -17.82 6.32
CA MET B 98 -12.54 -17.01 5.18
C MET B 98 -12.35 -17.88 3.96
N ARG B 99 -12.21 -17.19 2.82
CA ARG B 99 -12.03 -17.81 1.52
CA ARG B 99 -12.04 -17.82 1.51
C ARG B 99 -10.96 -17.02 0.74
N GLU B 100 -10.23 -17.71 -0.14
CA GLU B 100 -9.25 -17.03 -0.96
C GLU B 100 -10.05 -16.17 -1.90
N LEU B 101 -9.71 -14.90 -1.96
CA LEU B 101 -10.48 -13.93 -2.76
C LEU B 101 -10.20 -13.95 -4.26
N ALA B 102 -9.05 -14.43 -4.69
CA ALA B 102 -8.81 -14.64 -6.11
C ALA B 102 -7.75 -15.72 -6.28
N PRO B 103 -7.87 -16.58 -7.29
CA PRO B 103 -6.90 -17.71 -7.35
C PRO B 103 -5.41 -17.29 -7.44
N GLY B 104 -4.53 -18.06 -6.81
CA GLY B 104 -3.09 -17.77 -6.85
C GLY B 104 -2.58 -16.55 -6.07
N THR B 105 -3.44 -15.83 -5.34
CA THR B 105 -3.03 -14.60 -4.69
C THR B 105 -2.67 -14.74 -3.23
N ASP B 106 -3.14 -15.82 -2.59
CA ASP B 106 -2.97 -16.03 -1.16
C ASP B 106 -3.55 -14.94 -0.29
N ARG B 107 -4.54 -14.22 -0.81
CA ARG B 107 -5.24 -13.18 -0.07
C ARG B 107 -6.62 -13.70 0.32
N TRP B 108 -6.90 -13.74 1.60
CA TRP B 108 -8.10 -14.38 2.09
C TRP B 108 -8.96 -13.31 2.75
N GLY B 109 -10.28 -13.49 2.70
CA GLY B 109 -11.16 -12.57 3.43
C GLY B 109 -12.46 -13.15 3.90
N ALA B 110 -13.16 -12.38 4.75
CA ALA B 110 -14.56 -12.68 5.07
C ALA B 110 -15.24 -11.43 5.61
N THR B 111 -16.56 -11.47 5.60
CA THR B 111 -17.37 -10.37 6.08
C THR B 111 -17.70 -10.51 7.56
N VAL B 112 -17.50 -9.43 8.31
CA VAL B 112 -17.93 -9.37 9.70
C VAL B 112 -18.93 -8.22 9.84
N THR B 113 -19.69 -8.21 10.94
CA THR B 113 -20.69 -7.20 11.18
C THR B 113 -20.55 -6.72 12.61
N ALA B 114 -20.44 -5.43 12.77
CA ALA B 114 -20.23 -4.79 14.06
C ALA B 114 -21.54 -4.75 14.83
N GLY B 115 -21.46 -4.83 16.15
CA GLY B 115 -22.65 -4.83 17.02
C GLY B 115 -22.72 -3.59 17.88
N GLU B 116 -22.81 -3.77 19.19
CA GLU B 116 -22.91 -2.65 20.11
C GLU B 116 -21.73 -1.68 19.92
N THR B 117 -21.93 -0.43 20.29
CA THR B 117 -20.85 0.54 20.20
C THR B 117 -19.73 0.25 21.23
N GLY B 118 -18.53 0.69 20.86
CA GLY B 118 -17.39 0.64 21.74
C GLY B 118 -16.14 0.24 21.00
N THR B 119 -15.16 -0.25 21.75
CA THR B 119 -13.88 -0.65 21.18
C THR B 119 -13.79 -2.17 21.14
N TRP B 120 -13.78 -2.68 19.91
CA TRP B 120 -13.64 -4.07 19.57
C TRP B 120 -12.19 -4.36 19.07
N SER B 121 -11.90 -5.63 18.83
CA SER B 121 -10.66 -6.01 18.16
C SER B 121 -10.90 -7.16 17.20
N TYR B 122 -10.06 -7.30 16.20
CA TYR B 122 -10.16 -8.45 15.35
C TYR B 122 -8.83 -9.15 15.22
N THR B 123 -8.91 -10.46 15.11
CA THR B 123 -7.78 -11.33 14.87
C THR B 123 -8.10 -12.23 13.66
N VAL B 124 -7.08 -12.54 12.86
CA VAL B 124 -7.19 -13.59 11.87
C VAL B 124 -6.42 -14.83 12.34
N GLU B 125 -7.08 -15.98 12.29
CA GLU B 125 -6.47 -17.28 12.62
C GLU B 125 -6.31 -18.08 11.33
N ALA B 126 -5.12 -18.64 11.15
CA ALA B 126 -4.87 -19.47 10.00
C ALA B 126 -4.46 -20.84 10.48
N TRP B 127 -4.66 -21.84 9.63
CA TRP B 127 -4.40 -23.22 10.02
C TRP B 127 -4.23 -24.13 8.82
N GLY B 128 -3.57 -25.23 9.04
CA GLY B 128 -3.54 -26.31 8.08
C GLY B 128 -4.90 -26.95 8.04
N ASP B 129 -5.36 -27.27 6.84
CA ASP B 129 -6.67 -27.88 6.62
C ASP B 129 -6.43 -29.30 6.10
N PRO B 130 -6.05 -30.21 6.99
CA PRO B 130 -5.64 -31.53 6.49
C PRO B 130 -6.76 -32.34 5.80
N VAL B 131 -8.02 -32.12 6.17
CA VAL B 131 -9.09 -32.86 5.54
C VAL B 131 -9.26 -32.50 4.06
N THR B 132 -9.18 -31.22 3.73
CA THR B 132 -9.30 -30.79 2.34
C THR B 132 -8.16 -31.39 1.49
N THR B 133 -6.95 -31.37 2.03
CA THR B 133 -5.79 -31.97 1.39
C THR B 133 -5.98 -33.44 1.14
N TRP B 134 -6.52 -34.12 2.15
CA TRP B 134 -6.74 -35.54 2.09
C TRP B 134 -7.81 -35.89 1.05
N ARG B 135 -8.90 -35.15 1.00
CA ARG B 135 -9.93 -35.41 -0.01
C ARG B 135 -9.37 -35.24 -1.41
N HIS B 136 -8.76 -34.08 -1.66
CA HIS B 136 -8.13 -33.83 -2.94
C HIS B 136 -7.31 -35.04 -3.42
N HIS B 137 -6.44 -35.57 -2.55
CA HIS B 137 -5.56 -36.69 -2.92
C HIS B 137 -6.36 -37.98 -3.12
N ALA B 138 -7.27 -38.26 -2.19
CA ALA B 138 -8.07 -39.48 -2.21
C ALA B 138 -8.99 -39.56 -3.45
N ARG B 139 -9.53 -38.42 -3.88
CA ARG B 139 -10.34 -38.39 -5.09
C ARG B 139 -9.53 -38.84 -6.31
N ILE B 140 -8.23 -38.60 -6.30
CA ILE B 140 -7.37 -39.01 -7.40
C ILE B 140 -6.86 -40.44 -7.22
N LYS B 141 -6.49 -40.77 -5.99
CA LYS B 141 -5.85 -42.06 -5.69
C LYS B 141 -6.74 -43.29 -5.63
N ILE B 142 -7.96 -43.17 -5.11
CA ILE B 142 -8.85 -44.34 -5.05
C ILE B 142 -9.27 -44.83 -6.48
N PRO B 143 -9.73 -43.93 -7.36
CA PRO B 143 -10.01 -44.34 -8.75
C PRO B 143 -8.81 -44.93 -9.51
N ALA B 144 -7.63 -44.33 -9.39
CA ALA B 144 -6.42 -44.85 -10.05
C ALA B 144 -5.87 -46.14 -9.39
N GLY B 145 -6.51 -46.60 -8.31
CA GLY B 145 -6.13 -47.83 -7.62
C GLY B 145 -4.84 -47.78 -6.80
N LEU B 146 -4.32 -46.58 -6.51
CA LEU B 146 -3.01 -46.42 -5.82
C LEU B 146 -3.06 -46.43 -4.26
N ASP B 147 -2.50 -47.48 -3.64
CA ASP B 147 -2.33 -47.57 -2.16
C ASP B 147 -3.63 -47.42 -1.37
N THR B 148 -4.72 -47.99 -1.87
CA THR B 148 -6.05 -47.57 -1.45
C THR B 148 -6.31 -47.73 0.06
N ASP B 149 -5.83 -48.84 0.61
CA ASP B 149 -6.01 -49.16 2.03
C ASP B 149 -5.31 -48.15 2.92
N LEU B 150 -4.12 -47.73 2.50
CA LEU B 150 -3.36 -46.76 3.25
C LEU B 150 -4.06 -45.38 3.24
N VAL B 151 -4.53 -44.97 2.06
CA VAL B 151 -5.21 -43.68 1.87
C VAL B 151 -6.49 -43.61 2.70
N LEU B 152 -7.25 -44.68 2.70
CA LEU B 152 -8.50 -44.70 3.44
C LEU B 152 -8.24 -44.70 4.93
N GLU B 153 -7.23 -45.42 5.38
CA GLU B 153 -6.87 -45.44 6.80
C GLU B 153 -6.34 -44.08 7.31
N GLU B 154 -5.63 -43.36 6.43
CA GLU B 154 -5.16 -42.02 6.75
C GLU B 154 -6.33 -41.04 6.91
N GLY B 155 -7.34 -41.15 6.06
CA GLY B 155 -8.55 -40.35 6.19
C GLY B 155 -9.31 -40.72 7.45
N ALA B 156 -9.40 -42.01 7.75
CA ALA B 156 -10.11 -42.46 8.95
C ALA B 156 -9.50 -41.85 10.23
N ARG B 157 -8.18 -41.74 10.29
CA ARG B 157 -7.52 -41.14 11.45
C ARG B 157 -7.77 -39.64 11.60
N LEU B 158 -7.94 -38.95 10.46
CA LEU B 158 -8.30 -37.52 10.44
C LEU B 158 -9.71 -37.38 10.99
N TYR B 159 -10.65 -38.13 10.42
CA TYR B 159 -12.03 -37.97 10.80
C TYR B 159 -12.18 -38.25 12.29
N GLU B 160 -11.41 -39.21 12.80
CA GLU B 160 -11.42 -39.57 14.22
C GLU B 160 -10.92 -38.40 15.09
N ARG B 161 -9.83 -37.77 14.65
CA ARG B 161 -9.36 -36.53 15.28
C ARG B 161 -10.36 -35.37 15.20
N ALA B 162 -11.00 -35.21 14.05
CA ALA B 162 -12.05 -34.19 13.88
C ALA B 162 -13.20 -34.41 14.85
N ALA B 163 -13.67 -35.66 14.91
CA ALA B 163 -14.79 -36.08 15.77
C ALA B 163 -14.54 -35.83 17.25
N ALA B 164 -13.28 -35.89 17.67
CA ALA B 164 -12.92 -35.76 19.07
C ALA B 164 -13.16 -34.36 19.64
N ASP B 165 -13.10 -33.35 18.76
CA ASP B 165 -13.31 -31.95 19.15
C ASP B 165 -14.74 -31.43 18.84
N VAL B 166 -15.65 -32.31 18.47
CA VAL B 166 -17.01 -31.92 18.13
C VAL B 166 -17.83 -32.02 19.41
N PRO B 167 -18.40 -30.90 19.92
CA PRO B 167 -19.15 -30.91 21.18
C PRO B 167 -20.51 -31.63 21.14
N GLY B 168 -21.16 -31.69 19.96
CA GLY B 168 -22.49 -32.31 19.80
C GLY B 168 -22.51 -33.80 19.52
N ARG B 169 -23.32 -34.55 20.26
CA ARG B 169 -23.31 -36.03 20.18
C ARG B 169 -23.82 -36.60 18.84
N GLU B 170 -24.82 -35.96 18.23
CA GLU B 170 -25.32 -36.37 16.88
C GLU B 170 -24.27 -36.08 15.78
N ASP B 171 -23.55 -34.96 15.90
CA ASP B 171 -22.42 -34.65 15.00
C ASP B 171 -21.27 -35.67 15.16
N ARG B 172 -20.89 -35.96 16.41
CA ARG B 172 -19.88 -36.96 16.71
C ARG B 172 -20.25 -38.30 16.04
N ARG B 173 -21.46 -38.79 16.28
CA ARG B 173 -21.91 -40.09 15.76
C ARG B 173 -21.89 -40.17 14.21
N GLU B 174 -22.12 -39.03 13.54
CA GLU B 174 -22.09 -38.97 12.06
C GLU B 174 -20.66 -39.11 11.50
N LEU B 175 -19.70 -38.48 12.16
CA LEU B 175 -18.26 -38.62 11.80
C LEU B 175 -17.68 -40.00 12.13
N LEU B 176 -18.11 -40.59 13.25
CA LEU B 176 -17.64 -41.91 13.63
C LEU B 176 -18.16 -43.01 12.69
N ALA B 177 -19.33 -42.80 12.08
CA ALA B 177 -19.90 -43.78 11.14
C ALA B 177 -19.18 -43.73 9.79
N ALA B 178 -18.75 -42.54 9.39
CA ALA B 178 -17.85 -42.38 8.23
C ALA B 178 -16.47 -43.02 8.50
N VAL B 179 -15.98 -42.91 9.73
CA VAL B 179 -14.72 -43.58 10.10
C VAL B 179 -14.85 -45.09 9.90
N ASP B 180 -15.96 -45.67 10.36
CA ASP B 180 -16.20 -47.12 10.28
C ASP B 180 -16.33 -47.59 8.85
N ALA B 181 -17.00 -46.79 8.00
CA ALA B 181 -17.14 -47.12 6.57
C ALA B 181 -15.79 -47.00 5.82
N LEU B 182 -15.00 -45.99 6.15
CA LEU B 182 -13.64 -45.86 5.64
C LEU B 182 -12.76 -47.05 6.02
N ARG B 183 -12.90 -47.57 7.23
CA ARG B 183 -12.11 -48.74 7.68
C ARG B 183 -12.66 -50.14 7.30
N ASP B 184 -13.82 -50.20 6.64
CA ASP B 184 -14.48 -51.45 6.32
C ASP B 184 -13.92 -52.12 5.06
N GLU B 185 -12.89 -52.94 5.26
CA GLU B 185 -12.15 -53.57 4.17
C GLU B 185 -12.96 -54.56 3.32
N SER B 186 -14.15 -54.94 3.76
CA SER B 186 -15.05 -55.79 2.98
C SER B 186 -15.75 -55.06 1.79
N ARG B 187 -15.80 -53.71 1.85
CA ARG B 187 -16.45 -52.90 0.80
C ARG B 187 -15.45 -52.44 -0.25
N PRO B 188 -15.94 -52.16 -1.47
CA PRO B 188 -15.09 -51.56 -2.51
C PRO B 188 -14.52 -50.19 -2.09
N ALA B 189 -13.35 -49.84 -2.60
CA ALA B 189 -12.66 -48.60 -2.22
C ALA B 189 -13.49 -47.34 -2.48
N ALA B 190 -14.18 -47.28 -3.62
CA ALA B 190 -14.93 -46.07 -4.05
C ALA B 190 -16.09 -45.74 -3.13
N SER B 191 -16.74 -46.79 -2.60
CA SER B 191 -17.86 -46.64 -1.66
C SER B 191 -17.39 -46.41 -0.20
N ARG B 192 -16.22 -46.91 0.18
CA ARG B 192 -15.62 -46.55 1.47
C ARG B 192 -15.32 -45.05 1.49
N LEU B 193 -14.66 -44.57 0.43
CA LEU B 193 -14.43 -43.13 0.18
C LEU B 193 -15.72 -42.30 0.10
N ALA B 194 -16.67 -42.70 -0.73
CA ALA B 194 -17.94 -41.94 -0.89
C ALA B 194 -18.70 -41.72 0.44
N ALA B 195 -18.54 -42.63 1.40
CA ALA B 195 -19.12 -42.51 2.75
C ALA B 195 -18.52 -41.36 3.58
N ALA B 196 -17.32 -40.92 3.20
CA ALA B 196 -16.65 -39.78 3.84
C ALA B 196 -16.88 -38.42 3.16
N LEU B 197 -17.60 -38.40 2.04
CA LEU B 197 -17.80 -37.19 1.24
C LEU B 197 -19.25 -36.78 1.11
N THR B 198 -20.09 -37.29 2.01
CA THR B 198 -21.54 -37.06 1.90
C THR B 198 -21.86 -35.65 2.38
N PRO B 199 -22.96 -35.08 1.89
CA PRO B 199 -23.30 -33.74 2.37
C PRO B 199 -23.52 -33.62 3.89
N GLN B 200 -23.87 -34.70 4.58
CA GLN B 200 -24.09 -34.58 6.03
C GLN B 200 -22.78 -34.58 6.81
N VAL B 201 -21.75 -35.21 6.24
CA VAL B 201 -20.38 -35.09 6.76
C VAL B 201 -19.78 -33.69 6.45
N ASP B 202 -19.84 -33.26 5.18
CA ASP B 202 -19.42 -31.91 4.78
C ASP B 202 -19.87 -30.84 5.77
N ALA B 203 -21.13 -30.93 6.18
CA ALA B 203 -21.78 -29.91 7.02
C ALA B 203 -21.25 -29.93 8.46
N VAL B 204 -20.90 -31.10 8.98
CA VAL B 204 -20.26 -31.18 10.28
C VAL B 204 -18.87 -30.50 10.25
N LEU B 205 -18.11 -30.76 9.18
CA LEU B 205 -16.74 -30.24 9.06
C LEU B 205 -16.67 -28.76 8.69
N ALA B 206 -17.69 -28.25 8.01
CA ALA B 206 -17.77 -26.81 7.75
C ALA B 206 -18.14 -26.05 9.05
N ARG B 207 -18.89 -26.70 9.95
CA ARG B 207 -19.23 -26.09 11.25
C ARG B 207 -18.12 -26.34 12.29
N HIS B 208 -17.53 -27.56 12.31
CA HIS B 208 -16.44 -27.87 13.25
C HIS B 208 -15.23 -28.48 12.57
N PRO B 209 -14.41 -27.64 11.92
CA PRO B 209 -13.38 -28.23 11.08
C PRO B 209 -12.14 -28.59 11.88
N LEU B 210 -11.44 -29.58 11.37
CA LEU B 210 -10.20 -30.03 11.97
C LEU B 210 -9.12 -29.06 11.54
N ARG B 211 -8.54 -28.35 12.52
CA ARG B 211 -7.58 -27.26 12.27
C ARG B 211 -6.21 -27.57 12.82
N ASP B 212 -5.20 -27.66 11.96
CA ASP B 212 -3.82 -27.86 12.40
C ASP B 212 -3.04 -26.57 12.59
N LEU B 213 -2.19 -26.57 13.60
CA LEU B 213 -1.15 -25.57 13.73
C LEU B 213 -1.73 -24.18 13.79
N VAL B 214 -2.81 -24.04 14.52
CA VAL B 214 -3.55 -22.78 14.56
C VAL B 214 -2.62 -21.63 14.95
N THR B 215 -2.56 -20.61 14.10
CA THR B 215 -1.70 -19.47 14.26
C THR B 215 -2.52 -18.20 14.15
N SER B 216 -2.12 -17.18 14.90
CA SER B 216 -2.97 -16.04 15.13
C SER B 216 -2.23 -14.74 14.87
N SER B 217 -2.92 -13.78 14.29
CA SER B 217 -2.34 -12.44 14.09
C SER B 217 -2.40 -11.72 15.42
N ASP B 218 -1.67 -10.62 15.56
CA ASP B 218 -1.86 -9.75 16.73
C ASP B 218 -3.16 -8.98 16.54
N PRO B 219 -3.94 -8.82 17.62
CA PRO B 219 -5.22 -8.11 17.48
C PRO B 219 -5.11 -6.70 16.92
N LEU B 220 -6.11 -6.27 16.12
CA LEU B 220 -6.20 -4.91 15.63
C LEU B 220 -7.49 -4.25 16.15
N PRO B 221 -7.40 -2.97 16.56
CA PRO B 221 -8.57 -2.29 17.12
C PRO B 221 -9.62 -1.84 16.09
N LEU B 222 -10.87 -1.92 16.49
CA LEU B 222 -12.00 -1.48 15.69
C LEU B 222 -12.87 -0.63 16.59
N LEU B 223 -13.18 0.60 16.16
CA LEU B 223 -14.01 1.49 16.95
C LEU B 223 -15.38 1.48 16.30
N VAL B 224 -16.39 1.00 17.02
CA VAL B 224 -17.73 0.99 16.52
C VAL B 224 -18.52 2.12 17.15
N GLU B 225 -19.26 2.86 16.31
CA GLU B 225 -20.00 4.03 16.76
C GLU B 225 -21.40 3.92 16.24
N ARG B 226 -22.25 4.87 16.63
CA ARG B 226 -23.67 4.78 16.37
C ARG B 226 -24.06 4.99 14.92
N GLU B 227 -25.25 4.53 14.58
CA GLU B 227 -25.77 4.55 13.21
C GLU B 227 -25.52 5.89 12.53
N ARG B 228 -25.81 6.95 13.28
CA ARG B 228 -25.84 8.29 12.72
C ARG B 228 -24.47 8.78 12.20
N ALA B 229 -23.38 8.17 12.65
CA ALA B 229 -22.07 8.58 12.19
C ALA B 229 -21.86 8.25 10.74
N LEU B 230 -22.50 7.19 10.27
CA LEU B 230 -22.42 6.79 8.85
C LEU B 230 -23.65 7.19 8.03
N TYR B 231 -24.83 7.11 8.67
CA TYR B 231 -26.10 7.24 7.98
C TYR B 231 -26.92 8.38 8.53
N GLY B 232 -27.26 9.33 7.68
CA GLY B 232 -28.21 10.37 8.05
C GLY B 232 -28.36 11.38 6.94
N ALA B 233 -29.43 12.16 7.00
CA ALA B 233 -29.62 13.24 6.05
C ALA B 233 -29.66 14.58 6.79
N TRP B 234 -28.95 15.55 6.27
CA TRP B 234 -28.66 16.79 6.99
C TRP B 234 -29.25 17.97 6.27
N TYR B 235 -29.73 18.95 7.04
CA TYR B 235 -30.25 20.21 6.51
C TYR B 235 -29.62 21.37 7.26
N GLU B 236 -28.96 22.25 6.52
CA GLU B 236 -28.37 23.43 7.09
C GLU B 236 -29.27 24.61 6.86
N PHE B 237 -29.51 25.39 7.91
CA PHE B 237 -30.19 26.66 7.77
C PHE B 237 -29.83 27.65 8.86
N PHE B 238 -30.00 28.92 8.52
CA PHE B 238 -29.70 30.06 9.39
C PHE B 238 -30.97 30.48 10.14
N PRO B 239 -31.03 30.22 11.44
CA PRO B 239 -32.21 30.59 12.23
C PRO B 239 -32.64 32.03 12.11
N ARG B 240 -31.65 32.91 12.00
CA ARG B 240 -31.92 34.35 11.92
C ARG B 240 -32.72 34.77 10.67
N SER B 241 -32.66 33.98 9.62
CA SER B 241 -33.42 34.27 8.41
C SER B 241 -34.91 33.96 8.55
N GLU B 242 -35.27 33.08 9.50
CA GLU B 242 -36.68 32.72 9.71
C GLU B 242 -37.40 33.60 10.73
N GLY B 243 -37.62 34.85 10.33
CA GLY B 243 -38.26 35.82 11.20
C GLY B 243 -39.70 36.07 10.80
N THR B 244 -40.17 37.28 11.08
CA THR B 244 -41.56 37.71 10.82
C THR B 244 -41.58 39.15 10.30
N PRO B 245 -42.67 39.53 9.62
CA PRO B 245 -42.81 40.90 9.15
C PRO B 245 -42.40 41.94 10.18
N HIS B 246 -42.92 41.81 11.41
CA HIS B 246 -42.65 42.81 12.48
CA HIS B 246 -42.68 42.79 12.46
C HIS B 246 -41.27 42.64 13.10
N THR B 247 -40.73 41.42 13.03
CA THR B 247 -39.39 41.12 13.58
C THR B 247 -38.54 40.26 12.60
N PRO B 248 -37.83 40.93 11.66
CA PRO B 248 -37.08 40.28 10.56
C PRO B 248 -35.99 39.30 11.00
N HIS B 249 -35.20 39.72 11.99
CA HIS B 249 -34.23 38.84 12.61
C HIS B 249 -34.96 37.77 13.44
N GLY B 250 -34.88 36.53 12.96
CA GLY B 250 -35.54 35.39 13.57
C GLY B 250 -34.94 35.10 14.93
N THR B 251 -35.70 34.36 15.74
CA THR B 251 -35.29 33.92 17.05
C THR B 251 -35.38 32.42 17.08
N PHE B 252 -34.90 31.81 18.14
CA PHE B 252 -35.01 30.37 18.24
C PHE B 252 -36.46 29.94 18.25
N ARG B 253 -37.34 30.75 18.84
CA ARG B 253 -38.77 30.44 18.85
C ARG B 253 -39.45 30.55 17.49
N THR B 254 -39.09 31.54 16.68
CA THR B 254 -39.69 31.63 15.36
C THR B 254 -39.11 30.57 14.45
N ALA B 255 -37.80 30.34 14.55
CA ALA B 255 -37.12 29.31 13.75
C ALA B 255 -37.56 27.89 14.05
N ALA B 256 -38.06 27.64 15.25
CA ALA B 256 -38.63 26.33 15.53
C ALA B 256 -39.78 25.97 14.59
N ARG B 257 -40.39 26.98 13.99
CA ARG B 257 -41.54 26.75 13.13
C ARG B 257 -41.16 26.24 11.74
N ARG B 258 -39.87 26.30 11.42
CA ARG B 258 -39.32 25.78 10.18
C ARG B 258 -39.09 24.27 10.29
N LEU B 259 -38.93 23.78 11.52
CA LEU B 259 -38.57 22.38 11.79
C LEU B 259 -39.57 21.37 11.26
N PRO B 260 -40.89 21.59 11.41
CA PRO B 260 -41.79 20.55 10.90
C PRO B 260 -41.66 20.33 9.41
N ALA B 261 -41.40 21.40 8.66
CA ALA B 261 -41.17 21.28 7.22
C ALA B 261 -39.86 20.54 6.93
N ILE B 262 -38.83 20.81 7.75
CA ILE B 262 -37.60 20.08 7.58
C ILE B 262 -37.78 18.58 7.85
N ALA B 263 -38.52 18.22 8.90
CA ALA B 263 -38.72 16.81 9.24
C ALA B 263 -39.61 16.15 8.22
N ALA B 264 -40.56 16.89 7.65
CA ALA B 264 -41.42 16.37 6.59
C ALA B 264 -40.63 16.04 5.33
N MET B 265 -39.47 16.68 5.17
CA MET B 265 -38.61 16.39 4.04
C MET B 265 -37.78 15.12 4.31
N GLY B 266 -37.85 14.58 5.51
CA GLY B 266 -37.14 13.36 5.84
C GLY B 266 -35.71 13.55 6.30
N PHE B 267 -35.38 14.74 6.81
CA PHE B 267 -34.06 14.97 7.35
C PHE B 267 -34.00 14.44 8.78
N ASP B 268 -32.78 14.17 9.25
CA ASP B 268 -32.51 13.65 10.58
C ASP B 268 -31.67 14.62 11.43
N VAL B 269 -30.87 15.46 10.77
CA VAL B 269 -29.93 16.38 11.43
C VAL B 269 -30.11 17.80 10.93
N VAL B 270 -30.15 18.74 11.88
CA VAL B 270 -30.25 20.14 11.55
C VAL B 270 -28.90 20.78 11.87
N TYR B 271 -28.23 21.34 10.87
CA TYR B 271 -26.93 21.98 11.08
C TYR B 271 -27.10 23.48 11.07
N LEU B 272 -26.83 24.09 12.22
CA LEU B 272 -26.95 25.51 12.43
C LEU B 272 -25.56 26.13 12.34
N PRO B 273 -25.41 27.19 11.54
CA PRO B 273 -24.20 28.02 11.60
C PRO B 273 -24.10 28.65 12.99
N PRO B 274 -22.96 29.27 13.31
CA PRO B 274 -22.69 29.74 14.65
C PRO B 274 -23.80 30.62 15.25
N ILE B 275 -24.16 30.31 16.49
CA ILE B 275 -25.33 30.88 17.15
C ILE B 275 -24.96 31.88 18.22
N HIS B 276 -23.71 32.33 18.20
CA HIS B 276 -23.17 33.18 19.24
C HIS B 276 -23.24 34.69 18.91
N PRO B 277 -22.94 35.55 19.89
CA PRO B 277 -22.86 36.97 19.49
C PRO B 277 -21.84 37.17 18.38
N ILE B 278 -22.05 38.20 17.57
CA ILE B 278 -21.23 38.49 16.39
C ILE B 278 -20.52 39.80 16.61
N GLY B 279 -19.25 39.89 16.24
CA GLY B 279 -18.49 41.11 16.53
C GLY B 279 -18.91 42.31 15.68
N THR B 280 -18.47 43.50 16.11
CA THR B 280 -18.72 44.77 15.40
C THR B 280 -17.48 45.35 14.68
N THR B 281 -16.29 45.18 15.25
CA THR B 281 -15.09 45.72 14.63
C THR B 281 -14.81 44.94 13.37
N HIS B 282 -14.64 45.67 12.27
CA HIS B 282 -14.39 45.09 10.95
C HIS B 282 -15.51 44.15 10.50
N ARG B 283 -16.70 44.31 11.09
CA ARG B 283 -17.88 43.55 10.64
C ARG B 283 -18.09 43.76 9.16
N LYS B 284 -18.41 42.67 8.47
CA LYS B 284 -18.65 42.74 7.03
C LYS B 284 -20.09 43.10 6.66
N GLY B 285 -20.23 43.76 5.50
CA GLY B 285 -21.54 44.14 4.98
C GLY B 285 -22.04 43.14 3.96
N ARG B 286 -23.11 43.50 3.25
CA ARG B 286 -23.76 42.64 2.25
CA ARG B 286 -23.75 42.62 2.27
C ARG B 286 -22.81 42.35 1.11
N ASN B 287 -22.97 41.16 0.51
CA ASN B 287 -22.09 40.68 -0.57
C ASN B 287 -20.61 40.83 -0.28
N ASN B 288 -20.25 40.51 0.96
CA ASN B 288 -18.90 40.51 1.38
C ASN B 288 -18.17 41.84 1.19
N THR B 289 -18.86 42.95 1.46
CA THR B 289 -18.22 44.26 1.45
C THR B 289 -17.55 44.51 2.80
N LEU B 290 -16.51 45.33 2.75
CA LEU B 290 -15.60 45.50 3.88
C LEU B 290 -16.32 46.08 5.09
N SER B 291 -17.16 47.10 4.89
CA SER B 291 -17.75 47.83 6.02
C SER B 291 -19.27 47.73 6.10
N ALA B 292 -19.75 47.37 7.28
CA ALA B 292 -21.17 47.22 7.57
C ALA B 292 -21.84 48.57 7.81
N THR B 293 -23.03 48.75 7.25
CA THR B 293 -23.91 49.88 7.59
C THR B 293 -24.67 49.57 8.89
N GLY B 294 -25.45 50.53 9.38
CA GLY B 294 -26.14 50.41 10.66
C GLY B 294 -26.91 49.12 10.88
N ASP B 295 -27.67 48.66 9.89
CA ASP B 295 -28.55 47.46 10.06
C ASP B 295 -27.92 46.11 9.72
N ASP B 296 -26.71 46.11 9.17
CA ASP B 296 -26.16 44.87 8.67
C ASP B 296 -25.86 43.89 9.81
N VAL B 297 -26.24 42.64 9.63
CA VAL B 297 -26.14 41.65 10.69
C VAL B 297 -24.76 41.00 10.87
N GLY B 298 -23.90 41.13 9.87
CA GLY B 298 -22.59 40.50 9.91
C GLY B 298 -22.62 38.99 9.72
N VAL B 299 -21.44 38.41 9.77
CA VAL B 299 -21.24 37.00 9.48
C VAL B 299 -21.22 36.22 10.78
N PRO B 300 -22.08 35.19 10.92
CA PRO B 300 -22.12 34.43 12.16
C PRO B 300 -20.75 33.87 12.58
N TRP B 301 -19.85 33.67 11.59
CA TRP B 301 -18.53 33.14 11.86
C TRP B 301 -17.57 34.14 12.54
N ALA B 302 -17.95 35.42 12.60
CA ALA B 302 -17.15 36.43 13.31
C ALA B 302 -17.59 36.44 14.75
N ILE B 303 -17.22 35.37 15.45
CA ILE B 303 -17.77 35.06 16.76
C ILE B 303 -17.17 35.92 17.86
N GLY B 304 -18.03 36.52 18.65
CA GLY B 304 -17.68 37.09 19.93
C GLY B 304 -17.84 38.59 20.00
N SER B 305 -18.38 39.05 21.13
CA SER B 305 -18.49 40.49 21.45
C SER B 305 -18.45 40.59 22.98
N PRO B 306 -18.54 41.80 23.54
CA PRO B 306 -18.77 41.88 24.99
C PRO B 306 -20.06 41.19 25.47
N GLU B 307 -21.02 40.87 24.57
CA GLU B 307 -22.21 40.09 24.97
C GLU B 307 -21.89 38.62 25.27
N GLY B 308 -20.78 38.13 24.73
CA GLY B 308 -20.30 36.79 25.03
C GLY B 308 -19.52 36.14 23.90
N GLY B 309 -18.98 34.97 24.20
CA GLY B 309 -18.19 34.20 23.23
C GLY B 309 -18.87 32.91 22.80
N HIS B 310 -18.07 31.84 22.68
CA HIS B 310 -18.57 30.61 22.11
C HIS B 310 -19.54 29.87 23.01
N ASP B 311 -19.67 30.32 24.26
CA ASP B 311 -20.61 29.68 25.19
C ASP B 311 -21.85 30.52 25.36
N SER B 312 -22.12 31.43 24.42
CA SER B 312 -23.26 32.36 24.53
C SER B 312 -24.17 32.32 23.34
N ILE B 313 -25.39 32.80 23.55
CA ILE B 313 -26.34 32.93 22.49
C ILE B 313 -26.32 34.38 22.03
N HIS B 314 -26.40 34.58 20.73
CA HIS B 314 -26.59 35.91 20.15
C HIS B 314 -27.89 36.49 20.68
N PRO B 315 -27.86 37.70 21.28
CA PRO B 315 -29.07 38.19 21.95
C PRO B 315 -30.32 38.29 21.06
N ALA B 316 -30.15 38.49 19.77
CA ALA B 316 -31.31 38.54 18.85
C ALA B 316 -31.93 37.16 18.53
N LEU B 317 -31.20 36.09 18.80
CA LEU B 317 -31.78 34.73 18.71
C LEU B 317 -32.54 34.33 19.98
N GLY B 318 -32.31 35.06 21.06
CA GLY B 318 -32.98 34.81 22.34
C GLY B 318 -32.01 34.39 23.41
N THR B 319 -32.49 33.52 24.29
CA THR B 319 -31.74 33.09 25.44
C THR B 319 -31.48 31.60 25.38
N LEU B 320 -30.74 31.12 26.37
CA LEU B 320 -30.40 29.71 26.44
C LEU B 320 -31.65 28.84 26.61
N ASP B 321 -32.67 29.39 27.28
CA ASP B 321 -34.00 28.77 27.38
C ASP B 321 -34.72 28.59 26.04
N ASP B 322 -34.65 29.62 25.21
CA ASP B 322 -35.24 29.58 23.90
C ASP B 322 -34.52 28.48 23.08
N PHE B 323 -33.21 28.35 23.26
CA PHE B 323 -32.48 27.28 22.60
C PHE B 323 -32.95 25.89 23.00
N ASP B 324 -33.11 25.69 24.32
CA ASP B 324 -33.58 24.40 24.88
C ASP B 324 -34.92 24.02 24.30
N HIS B 325 -35.77 25.03 24.16
CA HIS B 325 -37.07 24.85 23.54
C HIS B 325 -36.90 24.36 22.11
N PHE B 326 -36.00 24.99 21.36
CA PHE B 326 -35.69 24.61 19.97
C PHE B 326 -35.19 23.18 19.88
N VAL B 327 -34.23 22.84 20.74
CA VAL B 327 -33.71 21.47 20.84
C VAL B 327 -34.80 20.46 21.20
N THR B 328 -35.69 20.82 22.11
CA THR B 328 -36.81 19.95 22.49
C THR B 328 -37.75 19.73 21.29
N GLU B 329 -38.15 20.80 20.63
CA GLU B 329 -39.01 20.68 19.45
C GLU B 329 -38.36 19.88 18.30
N ALA B 330 -37.06 20.03 18.13
CA ALA B 330 -36.36 19.24 17.13
C ALA B 330 -36.41 17.75 17.48
N GLY B 331 -36.19 17.43 18.75
CA GLY B 331 -36.26 16.04 19.24
C GLY B 331 -37.63 15.41 19.02
N LYS B 332 -38.70 16.16 19.32
CA LYS B 332 -40.04 15.67 19.09
C LYS B 332 -40.32 15.35 17.62
N LEU B 333 -39.53 15.87 16.69
CA LEU B 333 -39.73 15.54 15.28
C LEU B 333 -38.68 14.58 14.70
N GLY B 334 -37.79 14.05 15.53
CA GLY B 334 -36.74 13.14 15.06
C GLY B 334 -35.53 13.83 14.48
N LEU B 335 -35.31 15.08 14.89
CA LEU B 335 -34.18 15.88 14.44
C LEU B 335 -33.17 16.13 15.58
N GLU B 336 -31.91 15.84 15.29
CA GLU B 336 -30.81 16.17 16.18
C GLU B 336 -30.16 17.46 15.68
N ILE B 337 -29.60 18.21 16.61
CA ILE B 337 -28.98 19.47 16.27
C ILE B 337 -27.49 19.28 16.11
N ALA B 338 -26.91 19.91 15.09
CA ALA B 338 -25.46 19.97 14.95
C ALA B 338 -25.10 21.42 14.91
N LEU B 339 -24.21 21.85 15.82
CA LEU B 339 -23.77 23.22 15.86
C LEU B 339 -22.44 23.34 15.17
N ASP B 340 -22.27 24.46 14.47
CA ASP B 340 -20.97 24.84 13.99
C ASP B 340 -20.05 25.07 15.16
N PHE B 341 -18.81 24.59 15.07
CA PHE B 341 -17.76 24.95 16.04
C PHE B 341 -16.54 25.48 15.29
N ALA B 342 -16.35 26.81 15.36
CA ALA B 342 -15.35 27.51 14.58
C ALA B 342 -14.39 28.15 15.57
N LEU B 343 -13.18 27.59 15.68
CA LEU B 343 -12.21 28.02 16.69
C LEU B 343 -11.36 29.20 16.15
N GLN B 344 -11.95 30.39 16.33
CA GLN B 344 -11.49 31.67 15.80
C GLN B 344 -12.34 32.74 16.50
N CYS B 345 -12.02 34.02 16.27
CA CYS B 345 -12.63 35.15 17.01
C CYS B 345 -12.84 36.38 16.17
N SER B 346 -13.89 37.14 16.47
CA SER B 346 -13.91 38.54 16.03
C SER B 346 -12.98 39.31 16.96
N PRO B 347 -12.60 40.53 16.57
CA PRO B 347 -11.65 41.30 17.44
C PRO B 347 -12.25 41.75 18.75
N ASP B 348 -13.56 41.63 18.85
CA ASP B 348 -14.31 42.02 20.07
C ASP B 348 -14.59 40.84 21.00
N HIS B 349 -14.14 39.66 20.61
CA HIS B 349 -14.26 38.49 21.44
C HIS B 349 -13.45 38.71 22.75
N PRO B 350 -14.02 38.33 23.91
CA PRO B 350 -13.37 38.45 25.23
C PRO B 350 -11.97 37.82 25.36
N TRP B 351 -11.73 36.74 24.60
CA TRP B 351 -10.44 36.05 24.54
C TRP B 351 -9.28 36.93 24.11
N VAL B 352 -9.56 37.93 23.29
CA VAL B 352 -8.50 38.80 22.74
C VAL B 352 -7.72 39.51 23.86
N HIS B 353 -8.44 39.95 24.90
CA HIS B 353 -7.78 40.61 26.02
C HIS B 353 -7.61 39.69 27.24
N LYS B 354 -8.45 38.67 27.37
CA LYS B 354 -8.32 37.72 28.46
C LYS B 354 -7.18 36.74 28.22
N HIS B 355 -6.97 36.33 26.98
CA HIS B 355 -5.92 35.33 26.66
C HIS B 355 -5.18 35.74 25.40
N PRO B 356 -4.35 36.78 25.47
CA PRO B 356 -3.70 37.24 24.23
C PRO B 356 -2.69 36.24 23.67
N GLU B 357 -2.24 35.33 24.52
CA GLU B 357 -1.29 34.31 24.09
C GLU B 357 -1.92 33.29 23.15
N TRP B 358 -3.24 33.34 23.00
CA TRP B 358 -3.93 32.50 22.01
C TRP B 358 -4.01 33.13 20.61
N PHE B 359 -3.20 34.16 20.37
CA PHE B 359 -3.17 34.83 19.07
C PHE B 359 -1.73 35.16 18.73
N HIS B 360 -1.42 35.24 17.44
CA HIS B 360 -0.08 35.55 16.98
C HIS B 360 -0.06 37.04 16.73
N HIS B 361 0.88 37.71 17.37
CA HIS B 361 0.99 39.15 17.31
C HIS B 361 2.22 39.58 16.51
N ARG B 362 2.05 40.64 15.74
CA ARG B 362 3.09 41.11 14.86
C ARG B 362 3.94 42.11 15.65
N PRO B 363 5.13 42.45 15.16
CA PRO B 363 6.00 43.33 15.95
C PRO B 363 5.35 44.59 16.50
N ASP B 364 4.30 45.11 15.89
CA ASP B 364 3.62 46.30 16.42
C ASP B 364 2.44 45.97 17.33
N GLY B 365 2.23 44.70 17.65
CA GLY B 365 1.19 44.33 18.59
C GLY B 365 -0.12 43.94 17.92
N THR B 366 -0.27 44.19 16.61
CA THR B 366 -1.53 43.82 15.92
C THR B 366 -1.62 42.33 15.59
N ILE B 367 -2.86 41.89 15.43
CA ILE B 367 -3.13 40.54 14.99
C ILE B 367 -3.59 40.60 13.53
N ALA B 368 -2.92 39.87 12.66
CA ALA B 368 -3.32 39.72 11.27
C ALA B 368 -4.64 38.98 11.21
N HIS B 369 -5.61 39.53 10.49
CA HIS B 369 -6.83 38.76 10.24
C HIS B 369 -6.58 37.47 9.46
N ALA B 370 -7.51 36.54 9.57
CA ALA B 370 -7.45 35.30 8.81
C ALA B 370 -7.57 35.54 7.31
N GLU B 371 -7.06 34.54 6.57
CA GLU B 371 -7.05 34.48 5.12
C GLU B 371 -7.16 33.03 4.68
N ASN B 372 -7.53 32.83 3.42
CA ASN B 372 -7.61 31.49 2.78
C ASN B 372 -7.38 31.77 1.27
N PRO B 373 -6.17 32.28 0.92
CA PRO B 373 -6.04 33.12 -0.28
C PRO B 373 -6.62 32.55 -1.57
N PRO B 374 -7.05 33.45 -2.46
CA PRO B 374 -6.96 34.93 -2.36
C PRO B 374 -8.06 35.60 -1.49
N LYS B 375 -8.85 34.77 -0.78
CA LYS B 375 -9.87 35.25 0.14
C LYS B 375 -9.30 35.79 1.45
N LYS B 376 -9.89 36.91 1.87
CA LYS B 376 -9.57 37.57 3.11
C LYS B 376 -10.78 37.50 4.05
N TYR B 377 -10.50 37.27 5.32
CA TYR B 377 -11.50 37.30 6.37
C TYR B 377 -11.15 38.40 7.39
N GLN B 378 -11.30 39.65 6.97
CA GLN B 378 -10.94 40.82 7.80
C GLN B 378 -11.71 40.92 9.12
N ASP B 379 -12.87 40.25 9.20
CA ASP B 379 -13.68 40.26 10.42
C ASP B 379 -13.24 39.27 11.50
N ILE B 380 -12.22 38.46 11.26
CA ILE B 380 -11.79 37.49 12.28
C ILE B 380 -10.28 37.37 12.48
N TYR B 381 -9.92 36.93 13.68
CA TYR B 381 -8.55 36.57 13.96
C TYR B 381 -8.43 35.05 14.05
N PRO B 382 -7.32 34.49 13.49
CA PRO B 382 -7.07 33.07 13.71
C PRO B 382 -6.42 32.86 15.09
N ILE B 383 -6.61 31.66 15.64
CA ILE B 383 -6.04 31.27 16.90
C ILE B 383 -4.63 30.73 16.68
N ALA B 384 -3.75 30.95 17.64
CA ALA B 384 -2.38 30.40 17.62
C ALA B 384 -2.33 29.39 18.73
N PHE B 385 -1.58 28.30 18.54
CA PHE B 385 -1.64 27.16 19.48
C PHE B 385 -0.38 26.85 20.24
N ASP B 386 0.73 27.48 19.88
CA ASP B 386 2.02 27.10 20.44
C ASP B 386 2.45 27.80 21.74
N ALA B 387 1.67 28.75 22.22
CA ALA B 387 1.98 29.40 23.49
C ALA B 387 1.22 28.83 24.71
N ASP B 388 -0.04 28.40 24.53
CA ASP B 388 -0.86 27.83 25.62
C ASP B 388 -1.77 26.73 25.08
N PRO B 389 -1.18 25.67 24.58
CA PRO B 389 -1.98 24.57 24.05
C PRO B 389 -2.84 23.90 25.12
N ASP B 390 -2.37 23.84 26.36
CA ASP B 390 -3.18 23.23 27.42
C ASP B 390 -4.43 24.05 27.67
N GLY B 391 -4.27 25.36 27.79
CA GLY B 391 -5.39 26.24 28.10
C GLY B 391 -6.45 26.21 27.02
N LEU B 392 -6.01 26.18 25.76
CA LEU B 392 -6.91 26.14 24.60
C LEU B 392 -7.68 24.84 24.49
N ALA B 393 -7.02 23.73 24.82
CA ALA B 393 -7.68 22.42 24.85
C ALA B 393 -8.72 22.35 25.98
N THR B 394 -8.36 22.82 27.16
CA THR B 394 -9.25 22.80 28.32
C THR B 394 -10.52 23.62 28.08
N GLU B 395 -10.32 24.79 27.49
CA GLU B 395 -11.42 25.70 27.15
C GLU B 395 -12.29 25.14 26.03
N THR B 396 -11.65 24.55 25.04
CA THR B 396 -12.36 23.99 23.93
C THR B 396 -13.30 22.90 24.39
N VAL B 397 -12.87 22.03 25.29
CA VAL B 397 -13.74 20.96 25.75
C VAL B 397 -14.80 21.45 26.74
N ARG B 398 -14.47 22.46 27.52
CA ARG B 398 -15.49 23.12 28.35
C ARG B 398 -16.67 23.59 27.47
N ILE B 399 -16.37 24.28 26.38
CA ILE B 399 -17.43 24.84 25.51
C ILE B 399 -18.26 23.74 24.88
N LEU B 400 -17.58 22.69 24.41
CA LEU B 400 -18.26 21.58 23.79
C LEU B 400 -19.13 20.85 24.82
N ARG B 401 -18.63 20.69 26.04
CA ARG B 401 -19.44 20.04 27.09
C ARG B 401 -20.63 20.88 27.51
N HIS B 402 -20.53 22.19 27.35
CA HIS B 402 -21.65 23.07 27.66
C HIS B 402 -22.79 22.79 26.66
N TRP B 403 -22.46 22.76 25.37
CA TRP B 403 -23.51 22.53 24.38
C TRP B 403 -24.06 21.11 24.46
N MET B 404 -23.20 20.17 24.83
CA MET B 404 -23.61 18.77 25.08
C MET B 404 -24.56 18.67 26.27
N ASP B 405 -24.36 19.52 27.29
CA ASP B 405 -25.28 19.61 28.42
C ASP B 405 -26.65 20.09 27.93
N HIS B 406 -26.69 20.81 26.81
CA HIS B 406 -27.96 21.28 26.25
C HIS B 406 -28.43 20.52 25.00
N GLY B 407 -28.05 19.24 24.91
CA GLY B 407 -28.66 18.34 23.94
C GLY B 407 -28.00 18.27 22.59
N VAL B 408 -26.87 18.95 22.43
CA VAL B 408 -26.12 18.92 21.17
C VAL B 408 -25.06 17.82 21.18
N ARG B 409 -25.23 16.81 20.33
CA ARG B 409 -24.37 15.65 20.32
C ARG B 409 -23.65 15.53 18.99
N ILE B 410 -23.74 16.58 18.17
CA ILE B 410 -23.05 16.63 16.89
C ILE B 410 -22.50 18.01 16.65
N PHE B 411 -21.26 18.04 16.13
CA PHE B 411 -20.53 19.29 15.87
C PHE B 411 -19.88 19.28 14.51
N ARG B 412 -20.14 20.34 13.76
CA ARG B 412 -19.57 20.55 12.47
C ARG B 412 -18.42 21.49 12.72
N VAL B 413 -17.20 20.98 12.65
CA VAL B 413 -16.03 21.74 12.96
C VAL B 413 -15.56 22.46 11.71
N ALA B 414 -15.43 23.78 11.79
CA ALA B 414 -15.05 24.60 10.65
C ALA B 414 -13.55 24.57 10.49
N ASN B 415 -13.10 24.40 9.25
CA ASN B 415 -11.68 24.51 8.90
C ASN B 415 -10.75 23.79 9.81
N PRO B 416 -11.06 22.55 10.18
CA PRO B 416 -10.18 21.93 11.16
C PRO B 416 -8.69 21.94 10.75
N HIS B 417 -8.44 21.96 9.43
CA HIS B 417 -7.10 21.94 8.88
C HIS B 417 -6.28 23.19 9.05
N THR B 418 -6.83 24.26 9.63
CA THR B 418 -6.01 25.43 9.98
C THR B 418 -5.63 25.43 11.47
N LYS B 419 -6.07 24.40 12.17
CA LYS B 419 -5.61 24.14 13.54
C LYS B 419 -4.79 22.84 13.57
N PRO B 420 -3.91 22.68 14.55
CA PRO B 420 -3.03 21.52 14.52
C PRO B 420 -3.78 20.20 14.60
N VAL B 421 -3.36 19.24 13.78
CA VAL B 421 -3.98 17.93 13.70
C VAL B 421 -4.04 17.29 15.09
N ALA B 422 -2.97 17.42 15.84
CA ALA B 422 -2.86 16.79 17.16
C ALA B 422 -3.79 17.43 18.15
N PHE B 423 -4.03 18.72 17.96
CA PHE B 423 -4.99 19.40 18.81
C PHE B 423 -6.33 18.72 18.67
N TRP B 424 -6.76 18.44 17.45
CA TRP B 424 -8.05 17.76 17.27
C TRP B 424 -7.97 16.35 17.80
N GLU B 425 -6.84 15.68 17.60
CA GLU B 425 -6.74 14.31 18.15
C GLU B 425 -7.00 14.28 19.68
N ARG B 426 -6.40 15.24 20.39
CA ARG B 426 -6.53 15.34 21.83
C ARG B 426 -7.95 15.70 22.26
N VAL B 427 -8.54 16.66 21.56
CA VAL B 427 -9.87 17.13 21.88
C VAL B 427 -10.91 16.05 21.68
N ILE B 428 -10.91 15.44 20.50
CA ILE B 428 -11.88 14.40 20.19
C ILE B 428 -11.78 13.21 21.15
N ALA B 429 -10.56 12.88 21.58
CA ALA B 429 -10.35 11.77 22.52
C ALA B 429 -10.83 12.11 23.91
N ASP B 430 -10.75 13.38 24.28
CA ASP B 430 -11.22 13.82 25.58
C ASP B 430 -12.75 13.71 25.64
N ILE B 431 -13.42 14.24 24.61
CA ILE B 431 -14.89 14.21 24.56
C ILE B 431 -15.45 12.79 24.39
N ASN B 432 -14.84 11.99 23.52
CA ASN B 432 -15.43 10.70 23.21
C ASN B 432 -15.14 9.71 24.35
N GLY B 433 -14.13 10.04 25.17
CA GLY B 433 -13.79 9.28 26.39
C GLY B 433 -14.87 9.29 27.48
N THR B 434 -15.58 10.38 27.57
CA THR B 434 -16.71 10.51 28.49
C THR B 434 -18.06 10.37 27.75
N ASP B 435 -18.11 10.79 26.48
CA ASP B 435 -19.33 10.82 25.70
C ASP B 435 -19.05 10.27 24.28
N PRO B 436 -18.97 8.94 24.17
CA PRO B 436 -18.61 8.35 22.87
C PRO B 436 -19.63 8.56 21.76
N ASP B 437 -20.83 8.99 22.10
CA ASP B 437 -21.91 9.19 21.11
C ASP B 437 -21.76 10.48 20.29
N VAL B 438 -20.87 11.36 20.74
CA VAL B 438 -20.66 12.62 20.07
C VAL B 438 -19.96 12.43 18.74
N ILE B 439 -20.51 13.07 17.69
CA ILE B 439 -20.02 13.00 16.35
C ILE B 439 -19.42 14.34 15.93
N PHE B 440 -18.21 14.31 15.38
CA PHE B 440 -17.54 15.49 14.87
C PHE B 440 -17.45 15.36 13.36
N LEU B 441 -17.67 16.46 12.66
CA LEU B 441 -17.65 16.45 11.20
C LEU B 441 -16.65 17.46 10.75
N ALA B 442 -15.64 17.04 10.00
CA ALA B 442 -14.59 17.96 9.57
C ALA B 442 -14.95 18.62 8.28
N GLU B 443 -15.07 19.95 8.30
CA GLU B 443 -15.15 20.77 7.07
C GLU B 443 -13.77 21.16 6.55
N ALA B 444 -13.10 20.17 5.96
CA ALA B 444 -11.75 20.31 5.48
C ALA B 444 -11.70 20.10 3.98
N PHE B 445 -11.84 21.18 3.23
CA PHE B 445 -11.71 21.13 1.78
C PHE B 445 -10.26 21.48 1.47
N THR B 446 -9.41 20.49 1.31
CA THR B 446 -7.98 20.74 1.24
C THR B 446 -7.34 19.55 0.54
N ARG B 447 -6.03 19.38 0.71
CA ARG B 447 -5.32 18.33 0.05
C ARG B 447 -5.65 16.97 0.67
N PRO B 448 -5.53 15.89 -0.11
CA PRO B 448 -5.95 14.54 0.37
C PRO B 448 -5.32 14.00 1.67
N ALA B 449 -4.03 14.27 1.88
CA ALA B 449 -3.31 13.76 3.03
C ALA B 449 -3.87 14.26 4.33
N MET B 450 -4.18 15.55 4.35
CA MET B 450 -4.73 16.19 5.53
C MET B 450 -6.16 15.73 5.75
N MET B 451 -6.98 15.65 4.68
CA MET B 451 -8.35 15.18 4.82
C MET B 451 -8.39 13.78 5.43
N ALA B 452 -7.59 12.88 4.88
CA ALA B 452 -7.49 11.54 5.39
C ALA B 452 -7.00 11.54 6.82
N THR B 453 -5.98 12.34 7.13
CA THR B 453 -5.36 12.25 8.43
C THR B 453 -6.34 12.65 9.50
N LEU B 454 -7.16 13.65 9.20
CA LEU B 454 -8.12 14.11 10.17
C LEU B 454 -9.15 13.02 10.50
N ALA B 455 -9.59 12.30 9.49
CA ALA B 455 -10.54 11.23 9.69
C ALA B 455 -9.89 10.18 10.58
N GLN B 456 -8.67 9.82 10.24
CA GLN B 456 -7.98 8.79 10.96
C GLN B 456 -7.75 9.13 12.42
N ILE B 457 -7.55 10.42 12.74
CA ILE B 457 -7.25 10.82 14.14
C ILE B 457 -8.50 11.01 14.99
N GLY B 458 -9.68 10.85 14.39
CA GLY B 458 -10.93 10.78 15.15
C GLY B 458 -12.21 11.38 14.55
N PHE B 459 -12.09 12.20 13.54
CA PHE B 459 -13.28 12.82 13.00
C PHE B 459 -14.21 11.75 12.43
N GLN B 460 -15.43 11.70 12.98
CA GLN B 460 -16.38 10.69 12.61
C GLN B 460 -16.82 10.86 11.18
N GLN B 461 -16.91 12.10 10.72
CA GLN B 461 -17.39 12.36 9.36
C GLN B 461 -16.52 13.38 8.68
N SER B 462 -16.55 13.39 7.36
CA SER B 462 -15.73 14.31 6.59
C SER B 462 -16.51 14.89 5.43
N TYR B 463 -16.38 16.18 5.23
CA TYR B 463 -16.77 16.79 3.97
C TYR B 463 -15.81 16.23 2.90
N THR B 464 -16.26 16.25 1.64
CA THR B 464 -15.60 15.55 0.54
C THR B 464 -15.43 16.45 -0.67
N TYR B 465 -14.85 15.94 -1.74
CA TYR B 465 -14.76 16.69 -3.00
C TYR B 465 -16.05 16.55 -3.87
N PHE B 466 -17.13 16.02 -3.29
CA PHE B 466 -18.35 15.74 -4.06
C PHE B 466 -18.78 16.84 -4.99
N THR B 467 -18.88 18.06 -4.51
CA THR B 467 -19.37 19.15 -5.36
C THR B 467 -18.49 19.47 -6.56
N TRP B 468 -17.25 19.00 -6.59
CA TRP B 468 -16.38 19.17 -7.77
C TRP B 468 -16.23 17.86 -8.57
N ARG B 469 -17.15 16.93 -8.38
CA ARG B 469 -17.17 15.69 -9.14
C ARG B 469 -18.53 15.62 -9.82
N ASN B 470 -18.53 15.98 -11.10
CA ASN B 470 -19.77 16.18 -11.85
C ASN B 470 -19.94 15.33 -13.10
N THR B 471 -18.85 15.04 -13.83
CA THR B 471 -18.95 14.13 -14.98
C THR B 471 -19.03 12.67 -14.50
N LYS B 472 -19.44 11.78 -15.40
CA LYS B 472 -19.48 10.35 -15.09
C LYS B 472 -18.14 9.79 -14.62
N GLN B 473 -17.07 10.16 -15.31
CA GLN B 473 -15.75 9.67 -14.94
C GLN B 473 -15.27 10.21 -13.57
N GLU B 474 -15.55 11.47 -13.28
CA GLU B 474 -15.21 12.03 -11.99
C GLU B 474 -15.94 11.34 -10.84
N LEU B 475 -17.23 11.13 -10.97
CA LEU B 475 -18.00 10.44 -9.92
C LEU B 475 -17.56 9.01 -9.70
N THR B 476 -17.29 8.33 -10.80
CA THR B 476 -16.98 6.91 -10.76
C THR B 476 -15.65 6.75 -10.04
N GLU B 477 -14.64 7.49 -10.49
CA GLU B 477 -13.31 7.45 -9.87
C GLU B 477 -13.40 7.83 -8.40
N TYR B 478 -14.06 8.94 -8.11
CA TYR B 478 -14.04 9.43 -6.76
C TYR B 478 -14.79 8.48 -5.82
N LEU B 479 -15.96 7.98 -6.22
CA LEU B 479 -16.73 7.07 -5.35
C LEU B 479 -16.10 5.70 -5.21
N THR B 480 -15.36 5.28 -6.22
CA THR B 480 -14.59 4.06 -6.07
C THR B 480 -13.54 4.27 -4.95
N GLU B 481 -12.93 5.44 -4.88
CA GLU B 481 -12.00 5.72 -3.78
C GLU B 481 -12.72 5.68 -2.39
N LEU B 482 -13.82 6.39 -2.28
CA LEU B 482 -14.52 6.52 -1.01
C LEU B 482 -15.17 5.23 -0.52
N SER B 483 -15.62 4.40 -1.44
CA SER B 483 -16.25 3.15 -1.07
C SER B 483 -15.24 1.99 -0.92
N GLY B 484 -13.97 2.28 -1.17
CA GLY B 484 -12.91 1.30 -1.13
C GLY B 484 -12.15 1.39 0.18
N GLU B 485 -10.82 1.50 0.12
CA GLU B 485 -9.99 1.38 1.33
C GLU B 485 -10.23 2.50 2.32
N ALA B 486 -10.51 3.70 1.82
CA ALA B 486 -10.74 4.84 2.68
C ALA B 486 -11.91 4.67 3.67
N ALA B 487 -12.81 3.74 3.37
CA ALA B 487 -14.03 3.60 4.14
C ALA B 487 -13.78 2.98 5.49
N SER B 488 -12.57 2.49 5.73
CA SER B 488 -12.25 1.96 7.06
C SER B 488 -11.82 3.06 8.02
N TYR B 489 -11.70 4.29 7.54
CA TYR B 489 -11.36 5.43 8.43
C TYR B 489 -12.11 6.73 8.15
N MET B 490 -12.95 6.78 7.11
CA MET B 490 -13.61 8.03 6.70
C MET B 490 -15.03 7.77 6.34
N ARG B 491 -15.92 8.63 6.85
CA ARG B 491 -17.31 8.54 6.51
C ARG B 491 -17.68 9.85 5.81
N PRO B 492 -18.15 9.74 4.57
CA PRO B 492 -18.39 10.94 3.80
C PRO B 492 -19.74 11.52 4.07
N ASN B 493 -19.80 12.86 4.09
CA ASN B 493 -21.06 13.60 4.14
C ASN B 493 -21.16 14.44 2.86
N PHE B 494 -22.05 14.03 1.96
CA PHE B 494 -22.22 14.64 0.64
C PHE B 494 -23.17 15.80 0.69
N PHE B 495 -22.69 16.97 1.01
CA PHE B 495 -23.49 18.15 0.84
C PHE B 495 -23.49 18.52 -0.63
N ALA B 496 -24.68 18.68 -1.22
CA ALA B 496 -24.78 18.99 -2.65
C ALA B 496 -24.48 20.45 -2.93
N ASN B 497 -24.68 21.26 -1.88
CA ASN B 497 -24.28 22.66 -1.89
C ASN B 497 -23.93 23.04 -0.46
N THR B 498 -23.26 24.18 -0.31
CA THR B 498 -23.07 24.79 1.02
C THR B 498 -23.16 26.30 0.84
N PRO B 499 -23.08 27.06 1.95
CA PRO B 499 -23.20 28.50 1.70
C PRO B 499 -22.02 29.08 0.94
N ASP B 500 -20.94 28.32 0.81
CA ASP B 500 -19.73 28.81 0.10
C ASP B 500 -19.52 28.13 -1.22
N ILE B 501 -20.42 27.20 -1.57
CA ILE B 501 -20.26 26.43 -2.79
C ILE B 501 -21.58 26.27 -3.54
N LEU B 502 -21.68 27.08 -4.60
CA LEU B 502 -22.68 26.96 -5.65
C LEU B 502 -21.91 26.66 -6.90
N HIS B 503 -21.85 25.38 -7.25
CA HIS B 503 -21.05 24.94 -8.40
C HIS B 503 -21.65 25.40 -9.74
N ALA B 504 -20.76 25.54 -10.72
CA ALA B 504 -21.14 25.93 -12.09
C ALA B 504 -22.17 25.01 -12.73
N TYR B 505 -22.17 23.75 -12.33
CA TYR B 505 -23.13 22.77 -12.83
C TYR B 505 -24.56 23.21 -12.46
N LEU B 506 -24.72 23.73 -11.26
CA LEU B 506 -26.02 24.20 -10.82
C LEU B 506 -26.34 25.57 -11.42
N GLN B 507 -25.36 26.45 -11.45
CA GLN B 507 -25.51 27.78 -12.10
C GLN B 507 -26.01 27.69 -13.53
N HIS B 508 -25.47 26.73 -14.27
CA HIS B 508 -25.76 26.55 -15.70
C HIS B 508 -26.92 25.59 -15.98
N GLY B 509 -27.18 24.66 -15.05
CA GLY B 509 -28.19 23.62 -15.28
C GLY B 509 -29.61 23.89 -14.80
N GLY B 510 -29.76 24.83 -13.88
CA GLY B 510 -31.09 25.15 -13.38
C GLY B 510 -31.69 23.98 -12.62
N ARG B 511 -33.00 23.93 -12.58
CA ARG B 511 -33.70 22.92 -11.77
C ARG B 511 -33.26 21.47 -12.07
N PRO B 512 -33.21 21.10 -13.36
CA PRO B 512 -32.78 19.72 -13.63
C PRO B 512 -31.45 19.34 -13.01
N ALA B 513 -30.51 20.29 -12.95
CA ALA B 513 -29.22 20.05 -12.31
C ALA B 513 -29.37 19.84 -10.82
N PHE B 514 -30.22 20.64 -10.18
CA PHE B 514 -30.52 20.42 -8.75
C PHE B 514 -31.10 19.02 -8.47
N GLU B 515 -31.93 18.56 -9.39
CA GLU B 515 -32.57 17.26 -9.23
C GLU B 515 -31.55 16.14 -9.36
N VAL B 516 -30.69 16.27 -10.34
CA VAL B 516 -29.63 15.29 -10.55
C VAL B 516 -28.74 15.15 -9.34
N ARG B 517 -28.21 16.27 -8.86
CA ARG B 517 -27.29 16.22 -7.73
C ARG B 517 -27.95 15.71 -6.47
N ALA B 518 -29.25 15.97 -6.30
CA ALA B 518 -29.92 15.43 -5.12
C ALA B 518 -29.96 13.90 -5.19
N VAL B 519 -30.26 13.36 -6.36
CA VAL B 519 -30.34 11.90 -6.51
C VAL B 519 -28.98 11.27 -6.28
N LEU B 520 -27.97 11.83 -6.96
CA LEU B 520 -26.58 11.41 -6.79
C LEU B 520 -26.19 11.41 -5.32
N ALA B 521 -26.41 12.52 -4.65
CA ALA B 521 -25.88 12.65 -3.31
C ALA B 521 -26.58 11.66 -2.40
N ALA B 522 -27.88 11.48 -2.57
CA ALA B 522 -28.69 10.70 -1.64
C ALA B 522 -28.54 9.20 -1.83
N THR B 523 -28.17 8.78 -3.05
CA THR B 523 -28.00 7.35 -3.35
C THR B 523 -26.56 6.87 -3.28
N LEU B 524 -25.59 7.76 -3.45
CA LEU B 524 -24.18 7.36 -3.40
C LEU B 524 -23.61 7.36 -2.00
N SER B 525 -24.10 8.22 -1.11
CA SER B 525 -23.59 8.24 0.27
C SER B 525 -24.70 8.03 1.25
N PRO B 526 -24.41 7.31 2.34
CA PRO B 526 -25.42 7.14 3.40
C PRO B 526 -25.60 8.38 4.24
N THR B 527 -24.72 9.38 4.05
CA THR B 527 -24.98 10.71 4.60
C THR B 527 -24.86 11.75 3.51
N TRP B 528 -25.90 12.56 3.37
CA TRP B 528 -25.88 13.63 2.39
C TRP B 528 -26.55 14.80 3.07
N GLY B 529 -26.49 15.95 2.42
CA GLY B 529 -27.12 17.13 3.00
C GLY B 529 -27.34 18.23 2.01
N ILE B 530 -28.21 19.14 2.39
CA ILE B 530 -28.37 20.34 1.61
C ILE B 530 -28.39 21.55 2.53
N TYR B 531 -28.11 22.70 1.92
CA TYR B 531 -28.18 23.98 2.59
C TYR B 531 -29.40 24.69 2.01
N SER B 532 -30.27 25.15 2.93
CA SER B 532 -31.59 25.76 2.61
C SER B 532 -31.49 26.71 1.46
N GLY B 533 -32.43 26.57 0.54
CA GLY B 533 -32.39 27.30 -0.72
C GLY B 533 -32.08 26.40 -1.89
N TYR B 534 -31.41 25.28 -1.61
CA TYR B 534 -31.16 24.26 -2.60
C TYR B 534 -32.50 23.82 -3.22
N GLU B 535 -33.53 23.70 -2.37
CA GLU B 535 -34.86 23.26 -2.81
C GLU B 535 -35.48 24.20 -3.77
N LEU B 536 -35.12 25.47 -3.69
CA LEU B 536 -35.74 26.50 -4.56
C LEU B 536 -34.91 26.71 -5.83
N CYS B 537 -33.80 25.98 -5.90
CA CYS B 537 -32.89 26.07 -7.02
C CYS B 537 -32.30 27.47 -7.16
N GLU B 538 -32.04 28.08 -6.01
CA GLU B 538 -31.29 29.33 -5.92
C GLU B 538 -29.95 29.06 -6.55
N ASN B 539 -29.61 29.81 -7.59
CA ASN B 539 -28.42 29.50 -8.36
C ASN B 539 -27.80 30.70 -9.08
N THR B 540 -28.03 31.89 -8.52
CA THR B 540 -27.49 33.09 -9.08
C THR B 540 -26.18 33.28 -8.35
N PRO B 541 -25.07 33.23 -9.09
CA PRO B 541 -23.79 33.37 -8.44
C PRO B 541 -23.47 34.84 -8.28
N LEU B 542 -22.50 35.13 -7.43
CA LEU B 542 -22.02 36.51 -7.22
C LEU B 542 -21.50 37.18 -8.51
N ARG B 543 -20.84 36.39 -9.35
CA ARG B 543 -20.37 36.83 -10.65
C ARG B 543 -19.98 35.60 -11.46
N GLU B 544 -19.85 35.77 -12.78
CA GLU B 544 -19.47 34.64 -13.63
C GLU B 544 -18.09 34.23 -13.18
N GLY B 545 -17.92 32.93 -12.96
CA GLY B 545 -16.62 32.38 -12.58
C GLY B 545 -16.48 32.17 -11.08
N SER B 546 -17.53 32.44 -10.32
CA SER B 546 -17.44 32.33 -8.87
C SER B 546 -18.30 31.16 -8.34
N GLU B 547 -18.00 30.71 -7.11
CA GLU B 547 -18.84 29.71 -6.44
C GLU B 547 -19.63 30.29 -5.25
N GLU B 548 -19.53 31.60 -5.02
CA GLU B 548 -20.34 32.26 -4.01
C GLU B 548 -21.74 32.56 -4.57
N TYR B 549 -22.75 32.54 -3.70
CA TYR B 549 -24.10 33.01 -4.02
C TYR B 549 -24.15 34.52 -4.12
N LEU B 550 -25.00 35.07 -4.97
CA LEU B 550 -25.29 36.51 -4.94
C LEU B 550 -26.18 36.78 -3.75
N ASP B 551 -25.97 37.91 -3.10
CA ASP B 551 -26.70 38.29 -1.89
C ASP B 551 -26.64 37.17 -0.83
N SER B 552 -25.44 36.68 -0.57
CA SER B 552 -25.23 35.53 0.29
C SER B 552 -25.83 35.74 1.67
N GLU B 553 -26.46 34.68 2.17
CA GLU B 553 -27.08 34.63 3.50
C GLU B 553 -26.05 34.81 4.63
N LYS B 554 -24.78 34.66 4.32
CA LYS B 554 -23.74 34.84 5.31
C LYS B 554 -23.60 36.31 5.78
N TYR B 555 -24.08 37.25 4.97
CA TYR B 555 -23.91 38.70 5.23
C TYR B 555 -25.23 39.42 5.44
N GLN B 556 -26.35 38.71 5.30
CA GLN B 556 -27.66 39.35 5.35
C GLN B 556 -28.73 38.34 5.69
N LEU B 557 -29.85 38.89 6.18
CA LEU B 557 -31.04 38.10 6.41
C LEU B 557 -31.58 37.71 5.07
N LYS B 558 -32.03 36.47 4.93
CA LYS B 558 -32.57 36.04 3.67
C LYS B 558 -33.94 35.41 3.88
N PRO B 559 -34.96 36.24 4.06
CA PRO B 559 -36.30 35.64 4.21
C PRO B 559 -36.74 34.89 2.94
N ARG B 560 -37.18 33.65 3.09
CA ARG B 560 -37.73 32.91 1.96
C ARG B 560 -39.20 32.62 2.21
N ASP B 561 -40.02 32.79 1.19
CA ASP B 561 -41.45 32.58 1.31
C ASP B 561 -41.72 31.11 0.98
N TRP B 562 -41.61 30.29 2.00
CA TRP B 562 -41.70 28.84 1.82
C TRP B 562 -43.09 28.43 1.40
N THR B 563 -44.09 29.13 1.90
CA THR B 563 -45.47 28.77 1.61
C THR B 563 -45.82 29.01 0.14
N ARG B 564 -45.29 30.07 -0.42
CA ARG B 564 -45.52 30.43 -1.81
C ARG B 564 -44.82 29.38 -2.67
N ALA B 565 -43.55 29.13 -2.40
CA ALA B 565 -42.80 28.15 -3.19
C ALA B 565 -43.52 26.79 -3.26
N ALA B 566 -44.13 26.37 -2.15
CA ALA B 566 -44.76 25.06 -2.08
C ALA B 566 -45.99 25.07 -2.97
N ARG B 567 -46.78 26.14 -2.83
CA ARG B 567 -48.03 26.34 -3.52
C ARG B 567 -47.85 26.49 -5.04
N GLU B 568 -46.71 27.08 -5.43
CA GLU B 568 -46.42 27.39 -6.83
C GLU B 568 -45.55 26.31 -7.50
N GLY B 569 -45.20 25.25 -6.76
CA GLY B 569 -44.45 24.15 -7.30
C GLY B 569 -43.01 24.47 -7.71
N THR B 570 -42.46 25.57 -7.23
CA THR B 570 -41.09 25.94 -7.63
C THR B 570 -40.06 25.51 -6.60
N THR B 571 -40.28 24.34 -6.02
CA THR B 571 -39.37 23.73 -5.04
C THR B 571 -39.25 22.27 -5.36
N ILE B 572 -38.07 21.71 -5.12
CA ILE B 572 -37.88 20.27 -5.30
C ILE B 572 -37.91 19.53 -3.96
N ALA B 573 -38.56 20.13 -2.97
CA ALA B 573 -38.78 19.45 -1.69
C ALA B 573 -39.49 18.09 -1.80
N PRO B 574 -40.52 17.97 -2.64
CA PRO B 574 -41.13 16.66 -2.88
C PRO B 574 -40.14 15.57 -3.33
N LEU B 575 -39.30 15.86 -4.32
CA LEU B 575 -38.21 14.95 -4.70
C LEU B 575 -37.28 14.63 -3.52
N VAL B 576 -36.86 15.66 -2.80
CA VAL B 576 -36.06 15.46 -1.65
C VAL B 576 -36.74 14.54 -0.64
N THR B 577 -37.99 14.83 -0.32
CA THR B 577 -38.79 14.01 0.59
C THR B 577 -38.79 12.55 0.15
N ARG B 578 -38.95 12.34 -1.15
CA ARG B 578 -39.04 11.01 -1.74
C ARG B 578 -37.71 10.26 -1.56
N LEU B 579 -36.63 10.95 -1.80
CA LEU B 579 -35.30 10.39 -1.67
C LEU B 579 -35.00 9.91 -0.26
N ASN B 580 -35.41 10.68 0.74
CA ASN B 580 -35.13 10.25 2.10
C ASN B 580 -36.04 9.11 2.52
N THR B 581 -37.26 9.09 2.00
CA THR B 581 -38.16 7.96 2.19
C THR B 581 -37.61 6.66 1.55
N ILE B 582 -37.10 6.78 0.33
CA ILE B 582 -36.47 5.64 -0.31
C ILE B 582 -35.32 5.13 0.57
N ARG B 583 -34.48 6.04 1.03
CA ARG B 583 -33.34 5.72 1.90
C ARG B 583 -33.74 5.06 3.20
N ARG B 584 -34.87 5.47 3.74
CA ARG B 584 -35.39 4.89 4.97
C ARG B 584 -35.97 3.52 4.76
N GLU B 585 -36.27 3.19 3.52
CA GLU B 585 -36.93 1.93 3.20
C GLU B 585 -35.98 0.88 2.64
N ASN B 586 -34.76 1.26 2.31
CA ASN B 586 -33.82 0.36 1.64
C ASN B 586 -32.46 0.37 2.32
N PRO B 587 -32.19 -0.65 3.14
CA PRO B 587 -30.91 -0.71 3.87
C PRO B 587 -29.70 -0.57 2.95
N ALA B 588 -29.81 -0.99 1.70
CA ALA B 588 -28.71 -0.82 0.75
C ALA B 588 -28.24 0.63 0.67
N LEU B 589 -29.14 1.59 0.90
CA LEU B 589 -28.77 3.00 0.78
C LEU B 589 -28.31 3.61 2.10
N ARG B 590 -28.40 2.84 3.19
CA ARG B 590 -27.87 3.26 4.49
C ARG B 590 -26.46 2.73 4.83
N GLN B 591 -25.67 2.43 3.79
CA GLN B 591 -24.32 1.95 3.95
C GLN B 591 -23.49 2.38 2.74
N LEU B 592 -22.18 2.27 2.87
CA LEU B 592 -21.25 2.90 1.93
C LEU B 592 -20.43 1.92 1.10
N ARG B 593 -19.93 0.88 1.74
CA ARG B 593 -18.87 0.07 1.15
C ARG B 593 -19.28 -0.75 -0.08
N ASP B 594 -20.56 -1.16 -0.17
CA ASP B 594 -21.05 -1.99 -1.29
C ASP B 594 -21.67 -1.16 -2.40
N LEU B 595 -20.91 -0.99 -3.48
CA LEU B 595 -21.24 -0.08 -4.55
C LEU B 595 -20.54 -0.58 -5.79
N HIS B 596 -21.29 -0.79 -6.85
CA HIS B 596 -20.74 -1.19 -8.11
C HIS B 596 -21.29 -0.32 -9.23
N PHE B 597 -20.41 0.11 -10.15
CA PHE B 597 -20.81 0.84 -11.37
C PHE B 597 -20.97 -0.08 -12.59
N HIS B 598 -22.08 0.07 -13.31
CA HIS B 598 -22.41 -0.76 -14.50
C HIS B 598 -22.25 0.06 -15.79
N PRO B 599 -21.72 -0.56 -16.87
CA PRO B 599 -21.46 0.28 -18.07
C PRO B 599 -22.68 0.64 -18.92
N THR B 600 -22.62 1.84 -19.48
CA THR B 600 -23.64 2.40 -20.35
C THR B 600 -22.91 2.85 -21.59
N ASP B 601 -23.62 2.97 -22.70
CA ASP B 601 -22.99 3.35 -23.96
C ASP B 601 -23.03 4.88 -24.24
N LYS B 602 -23.33 5.72 -23.23
CA LYS B 602 -23.35 7.18 -23.41
C LYS B 602 -22.62 7.90 -22.25
N GLU B 603 -21.72 8.81 -22.59
CA GLU B 603 -20.88 9.53 -21.59
C GLU B 603 -21.68 10.28 -20.52
N GLU B 604 -22.88 10.74 -20.90
CA GLU B 604 -23.72 11.54 -20.02
C GLU B 604 -24.64 10.63 -19.12
N VAL B 605 -24.63 9.31 -19.32
CA VAL B 605 -25.45 8.43 -18.47
C VAL B 605 -24.64 7.46 -17.64
N ILE B 606 -24.89 7.51 -16.32
CA ILE B 606 -24.20 6.71 -15.32
C ILE B 606 -25.17 5.76 -14.59
N ALA B 607 -24.66 4.60 -14.18
CA ALA B 607 -25.47 3.53 -13.58
C ALA B 607 -24.70 2.79 -12.49
N TYR B 608 -25.37 2.47 -11.39
CA TYR B 608 -24.74 1.77 -10.29
C TYR B 608 -25.74 1.13 -9.35
N SER B 609 -25.25 0.24 -8.50
CA SER B 609 -26.10 -0.56 -7.64
C SER B 609 -25.49 -0.67 -6.27
N LYS B 610 -26.33 -0.95 -5.29
CA LYS B 610 -25.90 -1.05 -3.92
C LYS B 610 -26.71 -2.17 -3.29
N ARG B 611 -26.08 -2.94 -2.42
CA ARG B 611 -26.71 -4.12 -1.83
C ARG B 611 -26.46 -4.22 -0.34
N GLN B 612 -27.39 -4.89 0.33
CA GLN B 612 -27.37 -5.08 1.78
C GLN B 612 -28.40 -6.14 2.11
N GLY B 613 -27.93 -7.33 2.47
CA GLY B 613 -28.79 -8.51 2.59
C GLY B 613 -29.46 -8.71 1.26
N SER B 614 -30.77 -8.91 1.30
CA SER B 614 -31.55 -9.09 0.08
C SER B 614 -32.07 -7.77 -0.52
N ASN B 615 -31.64 -6.63 0.00
CA ASN B 615 -32.05 -5.37 -0.60
C ASN B 615 -31.01 -4.93 -1.60
N THR B 616 -31.44 -4.76 -2.85
CA THR B 616 -30.61 -4.29 -3.96
C THR B 616 -31.26 -3.04 -4.55
N VAL B 617 -30.48 -2.01 -4.75
CA VAL B 617 -30.99 -0.80 -5.38
C VAL B 617 -30.15 -0.45 -6.62
N LEU B 618 -30.84 -0.08 -7.69
CA LEU B 618 -30.22 0.19 -8.98
C LEU B 618 -30.54 1.59 -9.38
N VAL B 619 -29.54 2.37 -9.74
CA VAL B 619 -29.74 3.77 -10.04
C VAL B 619 -29.15 4.12 -11.40
N VAL B 620 -29.93 4.80 -12.22
CA VAL B 620 -29.45 5.29 -13.48
C VAL B 620 -29.68 6.78 -13.50
N VAL B 621 -28.66 7.55 -13.86
CA VAL B 621 -28.79 8.98 -13.84
C VAL B 621 -28.31 9.59 -15.14
N ASN B 622 -29.09 10.54 -15.63
CA ASN B 622 -28.70 11.39 -16.72
C ASN B 622 -28.02 12.63 -16.15
N LEU B 623 -26.72 12.73 -16.37
CA LEU B 623 -25.92 13.86 -15.91
C LEU B 623 -26.01 15.10 -16.80
N ASP B 624 -26.75 14.99 -17.92
CA ASP B 624 -27.06 16.14 -18.80
C ASP B 624 -28.38 16.80 -18.34
N PRO B 625 -28.31 18.05 -17.87
CA PRO B 625 -29.52 18.74 -17.40
C PRO B 625 -30.25 19.54 -18.49
N ARG B 626 -29.76 19.49 -19.72
CA ARG B 626 -30.34 20.26 -20.83
C ARG B 626 -30.96 19.39 -21.92
N HIS B 627 -30.36 18.23 -22.19
CA HIS B 627 -30.80 17.41 -23.31
C HIS B 627 -31.25 16.05 -22.83
N THR B 628 -32.22 15.51 -23.54
CA THR B 628 -32.70 14.16 -23.30
C THR B 628 -31.64 13.15 -23.76
N GLN B 629 -31.42 12.13 -22.94
CA GLN B 629 -30.39 11.14 -23.21
C GLN B 629 -30.97 9.75 -23.20
N GLU B 630 -30.68 9.01 -24.26
CA GLU B 630 -30.99 7.61 -24.29
C GLU B 630 -29.71 6.79 -24.32
N ALA B 631 -29.74 5.67 -23.62
CA ALA B 631 -28.60 4.79 -23.55
C ALA B 631 -29.04 3.35 -23.33
N THR B 632 -28.12 2.44 -23.58
CA THR B 632 -28.25 1.04 -23.20
C THR B 632 -27.39 0.84 -21.96
N VAL B 633 -28.02 0.46 -20.87
CA VAL B 633 -27.34 0.10 -19.63
C VAL B 633 -27.15 -1.39 -19.61
N SER B 634 -25.90 -1.84 -19.56
CA SER B 634 -25.58 -3.29 -19.51
C SER B 634 -25.13 -3.72 -18.12
N LEU B 635 -26.00 -4.43 -17.40
CA LEU B 635 -25.74 -4.78 -16.01
C LEU B 635 -24.81 -5.98 -15.87
N ASP B 636 -23.72 -5.77 -15.15
CA ASP B 636 -22.90 -6.83 -14.58
C ASP B 636 -23.77 -7.71 -13.69
N MET B 637 -24.40 -8.71 -14.31
CA MET B 637 -25.40 -9.56 -13.65
C MET B 637 -24.88 -10.43 -12.49
N PRO B 638 -23.68 -11.04 -12.62
CA PRO B 638 -23.09 -11.74 -11.45
C PRO B 638 -22.99 -10.84 -10.23
N GLN B 639 -22.80 -9.55 -10.47
CA GLN B 639 -22.69 -8.57 -9.40
C GLN B 639 -24.00 -8.33 -8.63
N LEU B 640 -25.12 -8.82 -9.15
CA LEU B 640 -26.41 -8.70 -8.44
C LEU B 640 -26.85 -10.05 -7.88
N GLY B 641 -25.96 -11.04 -7.94
CA GLY B 641 -26.30 -12.41 -7.60
C GLY B 641 -27.20 -13.07 -8.64
N LEU B 642 -26.97 -12.77 -9.93
CA LEU B 642 -27.79 -13.31 -11.01
C LEU B 642 -26.98 -13.81 -12.21
N ASP B 643 -27.57 -14.74 -12.98
CA ASP B 643 -27.03 -15.27 -14.25
C ASP B 643 -27.21 -14.26 -15.38
N TRP B 644 -26.38 -14.37 -16.43
CA TRP B 644 -26.41 -13.45 -17.59
C TRP B 644 -27.73 -13.45 -18.36
N HIS B 645 -28.32 -14.63 -18.49
CA HIS B 645 -29.61 -14.79 -19.17
C HIS B 645 -30.77 -14.18 -18.36
N GLU B 646 -30.63 -14.08 -17.05
CA GLU B 646 -31.78 -13.75 -16.20
C GLU B 646 -32.30 -12.36 -16.40
N SER B 647 -33.58 -12.22 -16.10
CA SER B 647 -34.31 -10.96 -16.13
C SER B 647 -34.89 -10.75 -14.72
N VAL B 648 -34.96 -9.51 -14.25
CA VAL B 648 -35.51 -9.26 -12.90
C VAL B 648 -36.46 -8.07 -12.83
N PRO B 649 -37.57 -8.24 -12.09
CA PRO B 649 -38.52 -7.15 -11.95
C PRO B 649 -37.92 -6.04 -11.09
N VAL B 650 -38.11 -4.80 -11.51
CA VAL B 650 -37.69 -3.66 -10.71
C VAL B 650 -38.82 -2.65 -10.62
N ARG B 651 -38.80 -1.86 -9.54
CA ARG B 651 -39.74 -0.75 -9.39
C ARG B 651 -38.97 0.55 -9.22
N ASP B 652 -39.15 1.48 -10.16
CA ASP B 652 -38.63 2.83 -10.06
C ASP B 652 -39.39 3.53 -8.95
N GLU B 653 -38.74 3.73 -7.81
CA GLU B 653 -39.40 4.29 -6.63
C GLU B 653 -39.71 5.79 -6.76
N LEU B 654 -39.22 6.44 -7.82
CA LEU B 654 -39.60 7.84 -8.07
C LEU B 654 -40.91 7.94 -8.84
N THR B 655 -41.43 6.83 -9.35
CA THR B 655 -42.68 6.86 -10.12
C THR B 655 -43.70 5.78 -9.73
N GLY B 656 -43.27 4.72 -9.03
CA GLY B 656 -44.11 3.52 -8.79
C GLY B 656 -44.24 2.62 -10.02
N GLU B 657 -43.52 2.96 -11.09
CA GLU B 657 -43.61 2.28 -12.38
C GLU B 657 -42.61 1.11 -12.38
N THR B 658 -43.00 0.01 -13.01
CA THR B 658 -42.33 -1.28 -12.93
C THR B 658 -41.73 -1.68 -14.27
N TYR B 659 -40.55 -2.29 -14.24
CA TYR B 659 -39.89 -2.80 -15.44
C TYR B 659 -39.34 -4.21 -15.20
N HIS B 660 -38.98 -4.89 -16.30
CA HIS B 660 -38.26 -6.16 -16.24
C HIS B 660 -36.93 -5.96 -16.97
N TRP B 661 -35.84 -6.05 -16.22
CA TRP B 661 -34.49 -5.70 -16.71
C TRP B 661 -33.48 -6.84 -16.59
N GLY B 662 -32.54 -6.89 -17.54
CA GLY B 662 -31.41 -7.79 -17.46
C GLY B 662 -30.13 -7.27 -18.12
N ARG B 663 -29.24 -8.19 -18.44
CA ARG B 663 -28.13 -7.99 -19.39
C ARG B 663 -28.06 -6.61 -20.03
N ALA B 664 -29.09 -6.24 -20.79
CA ALA B 664 -29.10 -4.99 -21.56
C ALA B 664 -30.47 -4.32 -21.51
N ASN B 665 -30.50 -3.04 -21.12
CA ASN B 665 -31.77 -2.35 -20.92
C ASN B 665 -31.71 -0.97 -21.51
N TYR B 666 -32.70 -0.64 -22.33
CA TYR B 666 -32.79 0.70 -22.92
C TYR B 666 -33.39 1.70 -21.90
N VAL B 667 -32.91 2.92 -21.91
CA VAL B 667 -33.47 3.96 -21.05
C VAL B 667 -33.51 5.27 -21.77
N ARG B 668 -34.46 6.10 -21.37
CA ARG B 668 -34.63 7.42 -21.94
C ARG B 668 -34.92 8.36 -20.78
N LEU B 669 -34.07 9.36 -20.63
CA LEU B 669 -34.16 10.27 -19.49
C LEU B 669 -34.30 11.71 -19.97
N GLU B 670 -35.42 12.32 -19.62
CA GLU B 670 -35.79 13.63 -20.13
C GLU B 670 -35.63 14.64 -19.00
N PRO B 671 -34.66 15.56 -19.11
CA PRO B 671 -34.40 16.52 -18.00
C PRO B 671 -35.64 17.33 -17.61
N GLY B 672 -35.95 17.40 -16.32
CA GLY B 672 -37.15 18.10 -15.87
C GLY B 672 -38.35 17.18 -15.63
N ARG B 673 -38.57 16.18 -16.49
CA ARG B 673 -39.60 15.12 -16.27
C ARG B 673 -39.03 13.93 -15.44
N THR B 674 -37.85 13.43 -15.82
CA THR B 674 -37.19 12.24 -15.18
C THR B 674 -35.66 12.47 -15.12
N PRO B 675 -35.14 12.86 -13.95
CA PRO B 675 -33.68 12.98 -13.89
C PRO B 675 -32.97 11.61 -13.88
N ALA B 676 -33.68 10.57 -13.47
CA ALA B 676 -33.05 9.30 -13.12
C ALA B 676 -34.09 8.24 -12.78
N HIS B 677 -33.69 6.98 -12.87
CA HIS B 677 -34.40 5.88 -12.22
C HIS B 677 -33.71 5.49 -10.93
N VAL B 678 -34.48 5.32 -9.87
CA VAL B 678 -33.99 4.73 -8.63
C VAL B 678 -34.84 3.51 -8.35
N CYS B 679 -34.31 2.33 -8.68
CA CYS B 679 -35.10 1.10 -8.71
C CYS B 679 -34.74 0.14 -7.61
N THR B 680 -35.74 -0.42 -6.92
CA THR B 680 -35.48 -1.56 -6.04
C THR B 680 -35.72 -2.81 -6.85
N VAL B 681 -34.97 -3.86 -6.55
CA VAL B 681 -35.19 -5.17 -7.15
C VAL B 681 -36.25 -5.87 -6.32
N LEU B 682 -37.25 -6.46 -6.99
CA LEU B 682 -38.40 -7.01 -6.29
C LEU B 682 -38.18 -8.49 -5.97
N ARG B 683 -38.58 -8.89 -4.75
CA ARG B 683 -38.37 -10.27 -4.24
C ARG B 683 -39.71 -10.98 -3.94
#